data_2Z08
# 
_entry.id   2Z08 
# 
_audit_conform.dict_name       mmcif_pdbx.dic 
_audit_conform.dict_version    5.380 
_audit_conform.dict_location   http://mmcif.pdb.org/dictionaries/ascii/mmcif_pdbx.dic 
# 
loop_
_database_2.database_id 
_database_2.database_code 
_database_2.pdbx_database_accession 
_database_2.pdbx_DOI 
PDB   2Z08         pdb_00002z08 10.2210/pdb2z08/pdb 
RCSB  RCSB027356   ?            ?                   
WWPDB D_1000027356 ?            ?                   
# 
_pdbx_database_related.db_name        TargetDB 
_pdbx_database_related.db_id          ttk003001817.2 
_pdbx_database_related.details        . 
_pdbx_database_related.content_type   unspecified 
# 
_pdbx_database_status.status_code                     REL 
_pdbx_database_status.entry_id                        2Z08 
_pdbx_database_status.recvd_initial_deposition_date   2007-05-07 
_pdbx_database_status.deposit_site                    PDBJ 
_pdbx_database_status.process_site                    PDBJ 
_pdbx_database_status.status_code_sf                  REL 
_pdbx_database_status.status_code_mr                  ? 
_pdbx_database_status.SG_entry                        Y 
_pdbx_database_status.pdb_format_compatible           Y 
_pdbx_database_status.status_code_cs                  ? 
_pdbx_database_status.methods_development_category    ? 
_pdbx_database_status.status_code_nmr_data            ? 
# 
loop_
_audit_author.name 
_audit_author.pdbx_ordinal 
'Iino, H.'                                               1 
'Yokoyama, S.'                                           2 
'Kuramitsu, S.'                                          3 
'RIKEN Structural Genomics/Proteomics Initiative (RSGI)' 4 
# 
_citation.id                        primary 
_citation.title                     'Crystal structure of uncharacterized conserved protein from Thermus thermophilus HB8' 
_citation.journal_abbrev            'To be Published' 
_citation.journal_volume            ? 
_citation.page_first                ? 
_citation.page_last                 ? 
_citation.year                      ? 
_citation.journal_id_ASTM           ? 
_citation.country                   ? 
_citation.journal_id_ISSN           ? 
_citation.journal_id_CSD            0353 
_citation.book_publisher            ? 
_citation.pdbx_database_id_PubMed   ? 
_citation.pdbx_database_id_DOI      ? 
# 
loop_
_citation_author.citation_id 
_citation_author.name 
_citation_author.ordinal 
_citation_author.identifier_ORCID 
primary 'Iino, H.'      1 ? 
primary 'Yokoyama, S.'  2 ? 
primary 'Kuramitsu, S.' 3 ? 
# 
_cell.entry_id           2Z08 
_cell.length_a           33.100 
_cell.length_b           75.050 
_cell.length_c           88.680 
_cell.angle_alpha        90.00 
_cell.angle_beta         90.00 
_cell.angle_gamma        90.00 
_cell.Z_PDB              8 
_cell.pdbx_unique_axis   ? 
_cell.length_a_esd       ? 
_cell.length_b_esd       ? 
_cell.length_c_esd       ? 
_cell.angle_alpha_esd    ? 
_cell.angle_beta_esd     ? 
_cell.angle_gamma_esd    ? 
# 
_symmetry.entry_id                         2Z08 
_symmetry.space_group_name_H-M             'I 2 2 2' 
_symmetry.pdbx_full_space_group_name_H-M   ? 
_symmetry.cell_setting                     ? 
_symmetry.Int_Tables_number                23 
_symmetry.space_group_name_Hall            ? 
# 
loop_
_entity.id 
_entity.type 
_entity.src_method 
_entity.pdbx_description 
_entity.formula_weight 
_entity.pdbx_number_of_molecules 
_entity.pdbx_ec 
_entity.pdbx_mutation 
_entity.pdbx_fragment 
_entity.details 
1 polymer     man 'Universal stress protein family' 14775.985 1   ? ? ? ? 
2 non-polymer syn 'MAGNESIUM ION'                   24.305    2   ? ? ? ? 
3 non-polymer syn "ADENOSINE-5'-TRIPHOSPHATE"       507.181   1   ? ? ? ? 
4 water       nat water                             18.015    105 ? ? ? ? 
# 
_entity_poly.entity_id                      1 
_entity_poly.type                           'polypeptide(L)' 
_entity_poly.nstd_linkage                   no 
_entity_poly.nstd_monomer                   no 
_entity_poly.pdbx_seq_one_letter_code       
;MFKTILLAYDGSEHARRAAEVAKAEAEAHGARLIVVHAYEPVPDYLGEPFFEEALRRRLERAEGVLEEARALTGVPKEDA
LLLEGVPAEAILQAARAEKADLIVMGTRGLGALGSLFLGSQSQRVVAEAPCPVLLVR
;
_entity_poly.pdbx_seq_one_letter_code_can   
;MFKTILLAYDGSEHARRAAEVAKAEAEAHGARLIVVHAYEPVPDYLGEPFFEEALRRRLERAEGVLEEARALTGVPKEDA
LLLEGVPAEAILQAARAEKADLIVMGTRGLGALGSLFLGSQSQRVVAEAPCPVLLVR
;
_entity_poly.pdbx_strand_id                 A 
_entity_poly.pdbx_target_identifier         ttk003001817.2 
# 
loop_
_entity_poly_seq.entity_id 
_entity_poly_seq.num 
_entity_poly_seq.mon_id 
_entity_poly_seq.hetero 
1 1   MET n 
1 2   PHE n 
1 3   LYS n 
1 4   THR n 
1 5   ILE n 
1 6   LEU n 
1 7   LEU n 
1 8   ALA n 
1 9   TYR n 
1 10  ASP n 
1 11  GLY n 
1 12  SER n 
1 13  GLU n 
1 14  HIS n 
1 15  ALA n 
1 16  ARG n 
1 17  ARG n 
1 18  ALA n 
1 19  ALA n 
1 20  GLU n 
1 21  VAL n 
1 22  ALA n 
1 23  LYS n 
1 24  ALA n 
1 25  GLU n 
1 26  ALA n 
1 27  GLU n 
1 28  ALA n 
1 29  HIS n 
1 30  GLY n 
1 31  ALA n 
1 32  ARG n 
1 33  LEU n 
1 34  ILE n 
1 35  VAL n 
1 36  VAL n 
1 37  HIS n 
1 38  ALA n 
1 39  TYR n 
1 40  GLU n 
1 41  PRO n 
1 42  VAL n 
1 43  PRO n 
1 44  ASP n 
1 45  TYR n 
1 46  LEU n 
1 47  GLY n 
1 48  GLU n 
1 49  PRO n 
1 50  PHE n 
1 51  PHE n 
1 52  GLU n 
1 53  GLU n 
1 54  ALA n 
1 55  LEU n 
1 56  ARG n 
1 57  ARG n 
1 58  ARG n 
1 59  LEU n 
1 60  GLU n 
1 61  ARG n 
1 62  ALA n 
1 63  GLU n 
1 64  GLY n 
1 65  VAL n 
1 66  LEU n 
1 67  GLU n 
1 68  GLU n 
1 69  ALA n 
1 70  ARG n 
1 71  ALA n 
1 72  LEU n 
1 73  THR n 
1 74  GLY n 
1 75  VAL n 
1 76  PRO n 
1 77  LYS n 
1 78  GLU n 
1 79  ASP n 
1 80  ALA n 
1 81  LEU n 
1 82  LEU n 
1 83  LEU n 
1 84  GLU n 
1 85  GLY n 
1 86  VAL n 
1 87  PRO n 
1 88  ALA n 
1 89  GLU n 
1 90  ALA n 
1 91  ILE n 
1 92  LEU n 
1 93  GLN n 
1 94  ALA n 
1 95  ALA n 
1 96  ARG n 
1 97  ALA n 
1 98  GLU n 
1 99  LYS n 
1 100 ALA n 
1 101 ASP n 
1 102 LEU n 
1 103 ILE n 
1 104 VAL n 
1 105 MET n 
1 106 GLY n 
1 107 THR n 
1 108 ARG n 
1 109 GLY n 
1 110 LEU n 
1 111 GLY n 
1 112 ALA n 
1 113 LEU n 
1 114 GLY n 
1 115 SER n 
1 116 LEU n 
1 117 PHE n 
1 118 LEU n 
1 119 GLY n 
1 120 SER n 
1 121 GLN n 
1 122 SER n 
1 123 GLN n 
1 124 ARG n 
1 125 VAL n 
1 126 VAL n 
1 127 ALA n 
1 128 GLU n 
1 129 ALA n 
1 130 PRO n 
1 131 CYS n 
1 132 PRO n 
1 133 VAL n 
1 134 LEU n 
1 135 LEU n 
1 136 VAL n 
1 137 ARG n 
# 
_entity_src_gen.entity_id                          1 
_entity_src_gen.pdbx_src_id                        1 
_entity_src_gen.pdbx_alt_source_flag               sample 
_entity_src_gen.pdbx_seq_type                      ? 
_entity_src_gen.pdbx_beg_seq_num                   ? 
_entity_src_gen.pdbx_end_seq_num                   ? 
_entity_src_gen.gene_src_common_name               ? 
_entity_src_gen.gene_src_genus                     Thermus 
_entity_src_gen.pdbx_gene_src_gene                 ? 
_entity_src_gen.gene_src_species                   ? 
_entity_src_gen.gene_src_strain                    ? 
_entity_src_gen.gene_src_tissue                    ? 
_entity_src_gen.gene_src_tissue_fraction           ? 
_entity_src_gen.gene_src_details                   ? 
_entity_src_gen.pdbx_gene_src_fragment             ? 
_entity_src_gen.pdbx_gene_src_scientific_name      'Thermus thermophilus' 
_entity_src_gen.pdbx_gene_src_ncbi_taxonomy_id     274 
_entity_src_gen.pdbx_gene_src_variant              ? 
_entity_src_gen.pdbx_gene_src_cell_line            ? 
_entity_src_gen.pdbx_gene_src_atcc                 ? 
_entity_src_gen.pdbx_gene_src_organ                ? 
_entity_src_gen.pdbx_gene_src_organelle            ? 
_entity_src_gen.pdbx_gene_src_cell                 ? 
_entity_src_gen.pdbx_gene_src_cellular_location    ? 
_entity_src_gen.host_org_common_name               ? 
_entity_src_gen.pdbx_host_org_scientific_name      'Escherichia coli BL21(DE3)' 
_entity_src_gen.pdbx_host_org_ncbi_taxonomy_id     469008 
_entity_src_gen.host_org_genus                     Escherichia 
_entity_src_gen.pdbx_host_org_gene                 ? 
_entity_src_gen.pdbx_host_org_organ                ? 
_entity_src_gen.host_org_species                   'Escherichia coli' 
_entity_src_gen.pdbx_host_org_tissue               ? 
_entity_src_gen.pdbx_host_org_tissue_fraction      ? 
_entity_src_gen.pdbx_host_org_strain               'BL21(DE3)' 
_entity_src_gen.pdbx_host_org_variant              ? 
_entity_src_gen.pdbx_host_org_cell_line            ? 
_entity_src_gen.pdbx_host_org_atcc                 ? 
_entity_src_gen.pdbx_host_org_culture_collection   ? 
_entity_src_gen.pdbx_host_org_cell                 ? 
_entity_src_gen.pdbx_host_org_organelle            ? 
_entity_src_gen.pdbx_host_org_cellular_location    ? 
_entity_src_gen.pdbx_host_org_vector_type          plasmid 
_entity_src_gen.pdbx_host_org_vector               ? 
_entity_src_gen.host_org_details                   ? 
_entity_src_gen.expression_system_id               ? 
_entity_src_gen.plasmid_name                       pET-11a 
_entity_src_gen.plasmid_details                    ? 
_entity_src_gen.pdbx_description                   ? 
# 
_struct_ref.id                         1 
_struct_ref.db_name                    UNP 
_struct_ref.db_code                    Q5SJV7_THET8 
_struct_ref.pdbx_db_accession          Q5SJV7 
_struct_ref.entity_id                  1 
_struct_ref.pdbx_seq_one_letter_code   
;MFKTILLAYDGSEHARRAAEVAKAEAEAHGARLIVVHAYEPVPDYLGEPFFEEALRRRLERAEGVLEEARALTGVPKEDA
LLLEGVPAEAILQAARAEKADLIVMGTRGLGALGSLFLGSQSQRVVAEAPCPVLLVR
;
_struct_ref.pdbx_align_begin           1 
_struct_ref.pdbx_db_isoform            ? 
# 
_struct_ref_seq.align_id                      1 
_struct_ref_seq.ref_id                        1 
_struct_ref_seq.pdbx_PDB_id_code              2Z08 
_struct_ref_seq.pdbx_strand_id                A 
_struct_ref_seq.seq_align_beg                 1 
_struct_ref_seq.pdbx_seq_align_beg_ins_code   ? 
_struct_ref_seq.seq_align_end                 137 
_struct_ref_seq.pdbx_seq_align_end_ins_code   ? 
_struct_ref_seq.pdbx_db_accession             Q5SJV7 
_struct_ref_seq.db_align_beg                  1 
_struct_ref_seq.pdbx_db_align_beg_ins_code    ? 
_struct_ref_seq.db_align_end                  137 
_struct_ref_seq.pdbx_db_align_end_ins_code    ? 
_struct_ref_seq.pdbx_auth_seq_align_beg       1 
_struct_ref_seq.pdbx_auth_seq_align_end       137 
# 
loop_
_chem_comp.id 
_chem_comp.type 
_chem_comp.mon_nstd_flag 
_chem_comp.name 
_chem_comp.pdbx_synonyms 
_chem_comp.formula 
_chem_comp.formula_weight 
ALA 'L-peptide linking' y ALANINE                     ? 'C3 H7 N O2'        89.093  
ARG 'L-peptide linking' y ARGININE                    ? 'C6 H15 N4 O2 1'    175.209 
ASP 'L-peptide linking' y 'ASPARTIC ACID'             ? 'C4 H7 N O4'        133.103 
ATP non-polymer         . "ADENOSINE-5'-TRIPHOSPHATE" ? 'C10 H16 N5 O13 P3' 507.181 
CYS 'L-peptide linking' y CYSTEINE                    ? 'C3 H7 N O2 S'      121.158 
GLN 'L-peptide linking' y GLUTAMINE                   ? 'C5 H10 N2 O3'      146.144 
GLU 'L-peptide linking' y 'GLUTAMIC ACID'             ? 'C5 H9 N O4'        147.129 
GLY 'peptide linking'   y GLYCINE                     ? 'C2 H5 N O2'        75.067  
HIS 'L-peptide linking' y HISTIDINE                   ? 'C6 H10 N3 O2 1'    156.162 
HOH non-polymer         . WATER                       ? 'H2 O'              18.015  
ILE 'L-peptide linking' y ISOLEUCINE                  ? 'C6 H13 N O2'       131.173 
LEU 'L-peptide linking' y LEUCINE                     ? 'C6 H13 N O2'       131.173 
LYS 'L-peptide linking' y LYSINE                      ? 'C6 H15 N2 O2 1'    147.195 
MET 'L-peptide linking' y METHIONINE                  ? 'C5 H11 N O2 S'     149.211 
MG  non-polymer         . 'MAGNESIUM ION'             ? 'Mg 2'              24.305  
PHE 'L-peptide linking' y PHENYLALANINE               ? 'C9 H11 N O2'       165.189 
PRO 'L-peptide linking' y PROLINE                     ? 'C5 H9 N O2'        115.130 
SER 'L-peptide linking' y SERINE                      ? 'C3 H7 N O3'        105.093 
THR 'L-peptide linking' y THREONINE                   ? 'C4 H9 N O3'        119.119 
TYR 'L-peptide linking' y TYROSINE                    ? 'C9 H11 N O3'       181.189 
VAL 'L-peptide linking' y VALINE                      ? 'C5 H11 N O2'       117.146 
# 
_exptl.entry_id          2Z08 
_exptl.method            'X-RAY DIFFRACTION' 
_exptl.crystals_number   1 
# 
_exptl_crystal.id                    1 
_exptl_crystal.density_meas          ? 
_exptl_crystal.density_Matthews      1.86 
_exptl_crystal.density_percent_sol   34.00 
_exptl_crystal.description           ? 
_exptl_crystal.F_000                 ? 
_exptl_crystal.preparation           ? 
# 
_exptl_crystal_grow.crystal_id      1 
_exptl_crystal_grow.method          'VAPOR DIFFUSION, SITTING DROP' 
_exptl_crystal_grow.temp            293 
_exptl_crystal_grow.temp_details    ? 
_exptl_crystal_grow.pH              4.6 
_exptl_crystal_grow.pdbx_details    
;11mM ATP, 40mM Magnesium Chloride, 0.1M Sodium acetate trihydrate, 2.0M Sodium chloride, pH 4.6, VAPOR DIFFUSION, SITTING DROP, temperature 293K
;
_exptl_crystal_grow.pdbx_pH_range   . 
# 
_diffrn.id                     1 
_diffrn.ambient_temp           100 
_diffrn.ambient_temp_details   ? 
_diffrn.crystal_id             1 
# 
_diffrn_detector.diffrn_id              1 
_diffrn_detector.detector               CCD 
_diffrn_detector.type                   'RIGAKU JUPITER 210' 
_diffrn_detector.pdbx_collection_date   2005-09-28 
_diffrn_detector.details                ? 
# 
_diffrn_radiation.diffrn_id                        1 
_diffrn_radiation.wavelength_id                    1 
_diffrn_radiation.pdbx_monochromatic_or_laue_m_l   M 
_diffrn_radiation.monochromator                    'SI Double-Crystal' 
_diffrn_radiation.pdbx_diffrn_protocol             'SINGLE WAVELENGTH' 
_diffrn_radiation.pdbx_scattering_type             x-ray 
# 
_diffrn_radiation_wavelength.id           1 
_diffrn_radiation_wavelength.wavelength   1.0000 
_diffrn_radiation_wavelength.wt           1.0 
# 
_diffrn_source.diffrn_id                   1 
_diffrn_source.source                      SYNCHROTRON 
_diffrn_source.type                        'SPRING-8 BEAMLINE BL26B2' 
_diffrn_source.pdbx_synchrotron_site       SPring-8 
_diffrn_source.pdbx_synchrotron_beamline   BL26B2 
_diffrn_source.pdbx_wavelength             ? 
_diffrn_source.pdbx_wavelength_list        1.0000 
# 
_reflns.entry_id                     2Z08 
_reflns.observed_criterion_sigma_I   ? 
_reflns.observed_criterion_sigma_F   ? 
_reflns.d_resolution_low             50 
_reflns.d_resolution_high            1.5 
_reflns.number_obs                   17645 
_reflns.number_all                   ? 
_reflns.percent_possible_obs         97.2 
_reflns.pdbx_Rmerge_I_obs            0.035 
_reflns.pdbx_Rsym_value              ? 
_reflns.pdbx_netI_over_sigmaI        40.9 
_reflns.B_iso_Wilson_estimate        16.1 
_reflns.pdbx_redundancy              6.7 
_reflns.R_free_details               ? 
_reflns.limit_h_max                  ? 
_reflns.limit_h_min                  ? 
_reflns.limit_k_max                  ? 
_reflns.limit_k_min                  ? 
_reflns.limit_l_max                  ? 
_reflns.limit_l_min                  ? 
_reflns.observed_criterion_F_max     ? 
_reflns.observed_criterion_F_min     ? 
_reflns.pdbx_chi_squared             ? 
_reflns.pdbx_scaling_rejects         ? 
_reflns.pdbx_diffrn_id               1 
_reflns.pdbx_ordinal                 1 
# 
_reflns_shell.d_res_high             1.50 
_reflns_shell.d_res_low              1.52 
_reflns_shell.percent_possible_all   75.1 
_reflns_shell.Rmerge_I_obs           0.11 
_reflns_shell.pdbx_Rsym_value        ? 
_reflns_shell.meanI_over_sigI_obs    6.85 
_reflns_shell.pdbx_redundancy        2.4 
_reflns_shell.percent_possible_obs   ? 
_reflns_shell.number_unique_all      ? 
_reflns_shell.number_measured_all    ? 
_reflns_shell.number_measured_obs    ? 
_reflns_shell.number_unique_obs      ? 
_reflns_shell.pdbx_chi_squared       ? 
_reflns_shell.pdbx_diffrn_id         ? 
_reflns_shell.pdbx_ordinal           1 
# 
_refine.entry_id                                 2Z08 
_refine.ls_number_reflns_obs                     16280 
_refine.ls_number_reflns_all                     ? 
_refine.pdbx_ls_sigma_I                          ? 
_refine.pdbx_ls_sigma_F                          0.0 
_refine.pdbx_data_cutoff_high_absF               1348130.56 
_refine.pdbx_data_cutoff_low_absF                0.000000 
_refine.pdbx_data_cutoff_high_rms_absF           ? 
_refine.ls_d_res_low                             19.96 
_refine.ls_d_res_high                            1.55 
_refine.ls_percent_reflns_obs                    98.6 
_refine.ls_R_factor_obs                          0.201 
_refine.ls_R_factor_all                          ? 
_refine.ls_R_factor_R_work                       0.201 
_refine.ls_R_factor_R_free                       0.245 
_refine.ls_R_factor_R_free_error                 0.006 
_refine.ls_R_factor_R_free_error_details         ? 
_refine.ls_percent_reflns_R_free                 10.0 
_refine.ls_number_reflns_R_free                  1621 
_refine.ls_number_parameters                     ? 
_refine.ls_number_restraints                     ? 
_refine.occupancy_min                            ? 
_refine.occupancy_max                            ? 
_refine.correlation_coeff_Fo_to_Fc               ? 
_refine.correlation_coeff_Fo_to_Fc_free          ? 
_refine.B_iso_mean                               19.0 
_refine.aniso_B[1][1]                            6.13 
_refine.aniso_B[2][2]                            -0.75 
_refine.aniso_B[3][3]                            -5.37 
_refine.aniso_B[1][2]                            0.00 
_refine.aniso_B[1][3]                            0.00 
_refine.aniso_B[2][3]                            0.00 
_refine.solvent_model_details                    'FLAT MODEL' 
_refine.solvent_model_param_ksol                 0.408667 
_refine.solvent_model_param_bsol                 52.096 
_refine.pdbx_solvent_vdw_probe_radii             ? 
_refine.pdbx_solvent_ion_probe_radii             ? 
_refine.pdbx_solvent_shrinkage_radii             ? 
_refine.pdbx_ls_cross_valid_method               THROUGHOUT 
_refine.details                                  ? 
_refine.pdbx_starting_model                      1WJG 
_refine.pdbx_method_to_determine_struct          'MOLECULAR REPLACEMENT' 
_refine.pdbx_isotropic_thermal_model             RESTRAINED 
_refine.pdbx_stereochemistry_target_values       'Engh & Huber' 
_refine.pdbx_stereochem_target_val_spec_case     ? 
_refine.pdbx_R_Free_selection_details            RANDOM 
_refine.pdbx_overall_ESU_R                       ? 
_refine.pdbx_overall_ESU_R_Free                  ? 
_refine.overall_SU_ML                            ? 
_refine.overall_SU_B                             ? 
_refine.ls_redundancy_reflns_obs                 ? 
_refine.B_iso_min                                ? 
_refine.B_iso_max                                ? 
_refine.overall_SU_R_Cruickshank_DPI             ? 
_refine.overall_SU_R_free                        ? 
_refine.ls_wR_factor_R_free                      ? 
_refine.ls_wR_factor_R_work                      ? 
_refine.overall_FOM_free_R_set                   ? 
_refine.overall_FOM_work_R_set                   ? 
_refine.pdbx_refine_id                           'X-RAY DIFFRACTION' 
_refine.pdbx_diffrn_id                           1 
_refine.pdbx_TLS_residual_ADP_flag               ? 
_refine.pdbx_overall_phase_error                 ? 
_refine.pdbx_overall_SU_R_free_Cruickshank_DPI   ? 
_refine.pdbx_overall_SU_R_Blow_DPI               ? 
_refine.pdbx_overall_SU_R_free_Blow_DPI          ? 
# 
_refine_analyze.entry_id                        2Z08 
_refine_analyze.Luzzati_coordinate_error_obs    0.17 
_refine_analyze.Luzzati_sigma_a_obs             0.06 
_refine_analyze.Luzzati_d_res_low_obs           5.00 
_refine_analyze.Luzzati_coordinate_error_free   0.22 
_refine_analyze.Luzzati_sigma_a_free            0.07 
_refine_analyze.Luzzati_d_res_low_free          ? 
_refine_analyze.number_disordered_residues      ? 
_refine_analyze.occupancy_sum_hydrogen          ? 
_refine_analyze.occupancy_sum_non_hydrogen      ? 
_refine_analyze.pdbx_Luzzati_d_res_high_obs     ? 
_refine_analyze.pdbx_refine_id                  'X-RAY DIFFRACTION' 
# 
_refine_hist.pdbx_refine_id                   'X-RAY DIFFRACTION' 
_refine_hist.cycle_id                         LAST 
_refine_hist.pdbx_number_atoms_protein        913 
_refine_hist.pdbx_number_atoms_nucleic_acid   0 
_refine_hist.pdbx_number_atoms_ligand         33 
_refine_hist.number_atoms_solvent             105 
_refine_hist.number_atoms_total               1051 
_refine_hist.d_res_high                       1.55 
_refine_hist.d_res_low                        19.96 
# 
loop_
_refine_ls_restr.type 
_refine_ls_restr.dev_ideal 
_refine_ls_restr.dev_ideal_target 
_refine_ls_restr.weight 
_refine_ls_restr.number 
_refine_ls_restr.pdbx_refine_id 
_refine_ls_restr.pdbx_restraint_function 
c_bond_d                0.032 ?    ? ? 'X-RAY DIFFRACTION' ? 
c_bond_d_na             ?     ?    ? ? 'X-RAY DIFFRACTION' ? 
c_bond_d_prot           ?     ?    ? ? 'X-RAY DIFFRACTION' ? 
c_angle_d               ?     ?    ? ? 'X-RAY DIFFRACTION' ? 
c_angle_d_na            ?     ?    ? ? 'X-RAY DIFFRACTION' ? 
c_angle_d_prot          ?     ?    ? ? 'X-RAY DIFFRACTION' ? 
c_angle_deg             2.9   ?    ? ? 'X-RAY DIFFRACTION' ? 
c_angle_deg_na          ?     ?    ? ? 'X-RAY DIFFRACTION' ? 
c_angle_deg_prot        ?     ?    ? ? 'X-RAY DIFFRACTION' ? 
c_dihedral_angle_d      24.8  ?    ? ? 'X-RAY DIFFRACTION' ? 
c_dihedral_angle_d_na   ?     ?    ? ? 'X-RAY DIFFRACTION' ? 
c_dihedral_angle_d_prot ?     ?    ? ? 'X-RAY DIFFRACTION' ? 
c_improper_angle_d      5.60  ?    ? ? 'X-RAY DIFFRACTION' ? 
c_improper_angle_d_na   ?     ?    ? ? 'X-RAY DIFFRACTION' ? 
c_improper_angle_d_prot ?     ?    ? ? 'X-RAY DIFFRACTION' ? 
c_mcbond_it             1.34  1.50 ? ? 'X-RAY DIFFRACTION' ? 
c_mcangle_it            2.04  2.00 ? ? 'X-RAY DIFFRACTION' ? 
c_scbond_it             2.30  2.00 ? ? 'X-RAY DIFFRACTION' ? 
c_scangle_it            3.32  2.50 ? ? 'X-RAY DIFFRACTION' ? 
# 
_refine_ls_shell.pdbx_total_number_of_bins_used   6 
_refine_ls_shell.d_res_high                       1.55 
_refine_ls_shell.d_res_low                        1.65 
_refine_ls_shell.number_reflns_R_work             2318 
_refine_ls_shell.R_factor_R_work                  0.204 
_refine_ls_shell.percent_reflns_obs               95.4 
_refine_ls_shell.R_factor_R_free                  0.231 
_refine_ls_shell.R_factor_R_free_error            0.015 
_refine_ls_shell.percent_reflns_R_free            9.6 
_refine_ls_shell.number_reflns_R_free             245 
_refine_ls_shell.number_reflns_all                ? 
_refine_ls_shell.R_factor_all                     ? 
_refine_ls_shell.number_reflns_obs                ? 
_refine_ls_shell.redundancy_reflns_obs            ? 
_refine_ls_shell.pdbx_refine_id                   'X-RAY DIFFRACTION' 
# 
loop_
_pdbx_xplor_file.serial_no 
_pdbx_xplor_file.param_file 
_pdbx_xplor_file.topol_file 
_pdbx_xplor_file.pdbx_refine_id 
1 protein_rep.param protein.top    'X-RAY DIFFRACTION' 
2 water_rep.param   water.top      'X-RAY DIFFRACTION' 
3 ion.param         atp_prodrg_top 'X-RAY DIFFRACTION' 
4 atp_prodrg_param  ?              'X-RAY DIFFRACTION' 
# 
_struct.entry_id                  2Z08 
_struct.title                     'Crystal structure of uncharacterized conserved protein from Thermus thermophilus HB8' 
_struct.pdbx_model_details        ? 
_struct.pdbx_CASP_flag            ? 
_struct.pdbx_model_type_details   ? 
# 
_struct_keywords.entry_id        2Z08 
_struct_keywords.pdbx_keywords   'STRUCTURAL GENOMICS, UNKNOWN FUNCTION' 
_struct_keywords.text            
;Uncharacterized conserved protein, STRUCTURAL GENOMICS, UNKNOWN FUNCTION, NPPSFA, National Project on Protein Structural and Functional Analyses, RIKEN Structural Genomics/Proteomics Initiative, RSGI
;
# 
loop_
_struct_asym.id 
_struct_asym.pdbx_blank_PDB_chainid_flag 
_struct_asym.pdbx_modified 
_struct_asym.entity_id 
_struct_asym.details 
A N N 1 ? 
B N N 2 ? 
C N N 2 ? 
D N N 3 ? 
E N N 4 ? 
# 
_struct_biol.id        1 
_struct_biol.details   ? 
# 
loop_
_struct_conf.conf_type_id 
_struct_conf.id 
_struct_conf.pdbx_PDB_helix_id 
_struct_conf.beg_label_comp_id 
_struct_conf.beg_label_asym_id 
_struct_conf.beg_label_seq_id 
_struct_conf.pdbx_beg_PDB_ins_code 
_struct_conf.end_label_comp_id 
_struct_conf.end_label_asym_id 
_struct_conf.end_label_seq_id 
_struct_conf.pdbx_end_PDB_ins_code 
_struct_conf.beg_auth_comp_id 
_struct_conf.beg_auth_asym_id 
_struct_conf.beg_auth_seq_id 
_struct_conf.end_auth_comp_id 
_struct_conf.end_auth_asym_id 
_struct_conf.end_auth_seq_id 
_struct_conf.pdbx_PDB_helix_class 
_struct_conf.details 
_struct_conf.pdbx_PDB_helix_length 
HELX_P HELX_P1 1 SER A 12  ? GLY A 30  ? SER A 12  GLY A 30  1 ? 19 
HELX_P HELX_P2 2 ARG A 56  ? GLY A 74  ? ARG A 56  GLY A 74  1 ? 19 
HELX_P HELX_P3 3 PRO A 76  ? GLU A 78  ? PRO A 76  GLU A 78  5 ? 3  
HELX_P HELX_P4 4 VAL A 86  ? GLU A 98  ? VAL A 86  GLU A 98  1 ? 13 
HELX_P HELX_P5 5 GLY A 119 ? ALA A 129 ? GLY A 119 ALA A 129 1 ? 11 
# 
_struct_conf_type.id          HELX_P 
_struct_conf_type.criteria    ? 
_struct_conf_type.reference   ? 
# 
loop_
_struct_conn.id 
_struct_conn.conn_type_id 
_struct_conn.pdbx_leaving_atom_flag 
_struct_conn.pdbx_PDB_id 
_struct_conn.ptnr1_label_asym_id 
_struct_conn.ptnr1_label_comp_id 
_struct_conn.ptnr1_label_seq_id 
_struct_conn.ptnr1_label_atom_id 
_struct_conn.pdbx_ptnr1_label_alt_id 
_struct_conn.pdbx_ptnr1_PDB_ins_code 
_struct_conn.pdbx_ptnr1_standard_comp_id 
_struct_conn.ptnr1_symmetry 
_struct_conn.ptnr2_label_asym_id 
_struct_conn.ptnr2_label_comp_id 
_struct_conn.ptnr2_label_seq_id 
_struct_conn.ptnr2_label_atom_id 
_struct_conn.pdbx_ptnr2_label_alt_id 
_struct_conn.pdbx_ptnr2_PDB_ins_code 
_struct_conn.ptnr1_auth_asym_id 
_struct_conn.ptnr1_auth_comp_id 
_struct_conn.ptnr1_auth_seq_id 
_struct_conn.ptnr2_auth_asym_id 
_struct_conn.ptnr2_auth_comp_id 
_struct_conn.ptnr2_auth_seq_id 
_struct_conn.ptnr2_symmetry 
_struct_conn.pdbx_ptnr3_label_atom_id 
_struct_conn.pdbx_ptnr3_label_seq_id 
_struct_conn.pdbx_ptnr3_label_comp_id 
_struct_conn.pdbx_ptnr3_label_asym_id 
_struct_conn.pdbx_ptnr3_label_alt_id 
_struct_conn.pdbx_ptnr3_PDB_ins_code 
_struct_conn.details 
_struct_conn.pdbx_dist_value 
_struct_conn.pdbx_value_order 
_struct_conn.pdbx_role 
metalc1 metalc ? ? D ATP . O2A ? ? ? 1_555 B MG  . MG ? ? A ATP 1001 A MG  2001 1_555 ? ? ? ? ? ? ? 1.971 ? ? 
metalc2 metalc ? ? D ATP . O3G ? ? ? 1_555 B MG  . MG ? ? A ATP 1001 A MG  2001 1_555 ? ? ? ? ? ? ? 1.980 ? ? 
metalc3 metalc ? ? D ATP . O2B ? ? ? 1_555 B MG  . MG ? ? A ATP 1001 A MG  2001 1_555 ? ? ? ? ? ? ? 1.988 ? ? 
metalc4 metalc ? ? B MG  . MG  ? ? ? 1_555 E HOH . O  ? ? A MG  2001 A HOH 2034 1_555 ? ? ? ? ? ? ? 2.122 ? ? 
metalc5 metalc ? ? B MG  . MG  ? ? ? 1_555 E HOH . O  ? ? A MG  2001 A HOH 2035 1_555 ? ? ? ? ? ? ? 2.146 ? ? 
metalc6 metalc ? ? B MG  . MG  ? ? ? 1_555 E HOH . O  ? ? A MG  2001 A HOH 2050 1_555 ? ? ? ? ? ? ? 2.104 ? ? 
metalc7 metalc ? ? C MG  . MG  ? ? ? 1_555 E HOH . O  ? ? A MG  2002 A HOH 2058 1_555 ? ? ? ? ? ? ? 2.388 ? ? 
metalc8 metalc ? ? C MG  . MG  ? ? ? 1_555 E HOH . O  ? ? A MG  2002 A HOH 2059 1_555 ? ? ? ? ? ? ? 2.341 ? ? 
# 
_struct_conn_type.id          metalc 
_struct_conn_type.criteria    ? 
_struct_conn_type.reference   ? 
# 
_struct_sheet.id               A 
_struct_sheet.type             ? 
_struct_sheet.number_strands   5 
_struct_sheet.details          ? 
# 
loop_
_struct_sheet_order.sheet_id 
_struct_sheet_order.range_id_1 
_struct_sheet_order.range_id_2 
_struct_sheet_order.offset 
_struct_sheet_order.sense 
A 1 2 ? parallel 
A 2 3 ? parallel 
A 3 4 ? parallel 
A 4 5 ? parallel 
# 
loop_
_struct_sheet_range.sheet_id 
_struct_sheet_range.id 
_struct_sheet_range.beg_label_comp_id 
_struct_sheet_range.beg_label_asym_id 
_struct_sheet_range.beg_label_seq_id 
_struct_sheet_range.pdbx_beg_PDB_ins_code 
_struct_sheet_range.end_label_comp_id 
_struct_sheet_range.end_label_asym_id 
_struct_sheet_range.end_label_seq_id 
_struct_sheet_range.pdbx_end_PDB_ins_code 
_struct_sheet_range.beg_auth_comp_id 
_struct_sheet_range.beg_auth_asym_id 
_struct_sheet_range.beg_auth_seq_id 
_struct_sheet_range.end_auth_comp_id 
_struct_sheet_range.end_auth_asym_id 
_struct_sheet_range.end_auth_seq_id 
A 1 ALA A 80  ? GLU A 84  ? ALA A 80  GLU A 84  
A 2 ARG A 32  ? TYR A 39  ? ARG A 32  TYR A 39  
A 3 THR A 4   ? ALA A 8   ? THR A 4   ALA A 8   
A 4 LEU A 102 ? GLY A 106 ? LEU A 102 GLY A 106 
A 5 VAL A 133 ? VAL A 136 ? VAL A 133 VAL A 136 
# 
loop_
_pdbx_struct_sheet_hbond.sheet_id 
_pdbx_struct_sheet_hbond.range_id_1 
_pdbx_struct_sheet_hbond.range_id_2 
_pdbx_struct_sheet_hbond.range_1_label_atom_id 
_pdbx_struct_sheet_hbond.range_1_label_comp_id 
_pdbx_struct_sheet_hbond.range_1_label_asym_id 
_pdbx_struct_sheet_hbond.range_1_label_seq_id 
_pdbx_struct_sheet_hbond.range_1_PDB_ins_code 
_pdbx_struct_sheet_hbond.range_1_auth_atom_id 
_pdbx_struct_sheet_hbond.range_1_auth_comp_id 
_pdbx_struct_sheet_hbond.range_1_auth_asym_id 
_pdbx_struct_sheet_hbond.range_1_auth_seq_id 
_pdbx_struct_sheet_hbond.range_2_label_atom_id 
_pdbx_struct_sheet_hbond.range_2_label_comp_id 
_pdbx_struct_sheet_hbond.range_2_label_asym_id 
_pdbx_struct_sheet_hbond.range_2_label_seq_id 
_pdbx_struct_sheet_hbond.range_2_PDB_ins_code 
_pdbx_struct_sheet_hbond.range_2_auth_atom_id 
_pdbx_struct_sheet_hbond.range_2_auth_comp_id 
_pdbx_struct_sheet_hbond.range_2_auth_asym_id 
_pdbx_struct_sheet_hbond.range_2_auth_seq_id 
A 1 2 O LEU A 81  ? O LEU A 81  N VAL A 35  ? N VAL A 35  
A 2 3 O ARG A 32  ? O ARG A 32  N ILE A 5   ? N ILE A 5   
A 3 4 N LEU A 6   ? N LEU A 6   O LEU A 102 ? O LEU A 102 
A 4 5 N ILE A 103 ? N ILE A 103 O LEU A 134 ? O LEU A 134 
# 
loop_
_struct_site.id 
_struct_site.pdbx_evidence_code 
_struct_site.pdbx_auth_asym_id 
_struct_site.pdbx_auth_comp_id 
_struct_site.pdbx_auth_seq_id 
_struct_site.pdbx_auth_ins_code 
_struct_site.pdbx_num_residues 
_struct_site.details 
AC1 Software A MG  2001 ? 4  'BINDING SITE FOR RESIDUE MG A 2001'  
AC2 Software A MG  2002 ? 6  'BINDING SITE FOR RESIDUE MG A 2002'  
AC3 Software A ATP 1001 ? 29 'BINDING SITE FOR RESIDUE ATP A 1001' 
# 
loop_
_struct_site_gen.id 
_struct_site_gen.site_id 
_struct_site_gen.pdbx_num_res 
_struct_site_gen.label_comp_id 
_struct_site_gen.label_asym_id 
_struct_site_gen.label_seq_id 
_struct_site_gen.pdbx_auth_ins_code 
_struct_site_gen.auth_comp_id 
_struct_site_gen.auth_asym_id 
_struct_site_gen.auth_seq_id 
_struct_site_gen.label_atom_id 
_struct_site_gen.label_alt_id 
_struct_site_gen.symmetry 
_struct_site_gen.details 
1  AC1 4  ATP D .   ? ATP A 1001 . ? 1_555 ? 
2  AC1 4  HOH E .   ? HOH A 2034 . ? 1_555 ? 
3  AC1 4  HOH E .   ? HOH A 2035 . ? 1_555 ? 
4  AC1 4  HOH E .   ? HOH A 2050 . ? 1_555 ? 
5  AC2 6  HOH E .   ? HOH A 2036 . ? 2_655 ? 
6  AC2 6  HOH E .   ? HOH A 2036 . ? 1_555 ? 
7  AC2 6  HOH E .   ? HOH A 2058 . ? 2_655 ? 
8  AC2 6  HOH E .   ? HOH A 2058 . ? 1_555 ? 
9  AC2 6  HOH E .   ? HOH A 2059 . ? 2_655 ? 
10 AC2 6  HOH E .   ? HOH A 2059 . ? 1_555 ? 
11 AC3 29 ALA A 8   ? ALA A 8    . ? 1_555 ? 
12 AC3 29 TYR A 9   ? TYR A 9    . ? 1_555 ? 
13 AC3 29 ASP A 10  ? ASP A 10   . ? 1_555 ? 
14 AC3 29 SER A 12  ? SER A 12   . ? 1_555 ? 
15 AC3 29 VAL A 36  ? VAL A 36   . ? 1_555 ? 
16 AC3 29 HIS A 37  ? HIS A 37   . ? 1_555 ? 
17 AC3 29 ALA A 38  ? ALA A 38   . ? 1_555 ? 
18 AC3 29 PRO A 87  ? PRO A 87   . ? 1_555 ? 
19 AC3 29 MET A 105 ? MET A 105  . ? 1_555 ? 
20 AC3 29 GLY A 106 ? GLY A 106  . ? 1_555 ? 
21 AC3 29 ARG A 108 ? ARG A 108  . ? 1_555 ? 
22 AC3 29 GLY A 109 ? GLY A 109  . ? 1_555 ? 
23 AC3 29 LEU A 110 ? LEU A 110  . ? 1_555 ? 
24 AC3 29 GLY A 111 ? GLY A 111  . ? 1_555 ? 
25 AC3 29 ALA A 112 ? ALA A 112  . ? 1_555 ? 
26 AC3 29 GLY A 119 ? GLY A 119  . ? 1_555 ? 
27 AC3 29 SER A 120 ? SER A 120  . ? 1_555 ? 
28 AC3 29 GLN A 121 ? GLN A 121  . ? 1_555 ? 
29 AC3 29 SER A 122 ? SER A 122  . ? 1_555 ? 
30 AC3 29 ARG A 124 ? ARG A 124  . ? 2_655 ? 
31 AC3 29 MG  B .   ? MG  A 2001 . ? 1_555 ? 
32 AC3 29 HOH E .   ? HOH A 2007 . ? 1_555 ? 
33 AC3 29 HOH E .   ? HOH A 2008 . ? 1_555 ? 
34 AC3 29 HOH E .   ? HOH A 2019 . ? 2_655 ? 
35 AC3 29 HOH E .   ? HOH A 2034 . ? 1_555 ? 
36 AC3 29 HOH E .   ? HOH A 2035 . ? 1_555 ? 
37 AC3 29 HOH E .   ? HOH A 2036 . ? 1_555 ? 
38 AC3 29 HOH E .   ? HOH A 2050 . ? 1_555 ? 
39 AC3 29 HOH E .   ? HOH A 2058 . ? 2_655 ? 
# 
_atom_sites.entry_id                    2Z08 
_atom_sites.fract_transf_matrix[1][1]   -0.02540506 
_atom_sites.fract_transf_matrix[1][2]   0.01613964 
_atom_sites.fract_transf_matrix[1][3]   0.00260752 
_atom_sites.fract_transf_matrix[2][1]   0.00175967 
_atom_sites.fract_transf_matrix[2][2]   0.00476021 
_atom_sites.fract_transf_matrix[2][3]   -0.01231962 
_atom_sites.fract_transf_matrix[3][1]   -0.00591759 
_atom_sites.fract_transf_matrix[3][2]   -0.00863891 
_atom_sites.fract_transf_matrix[3][3]   -0.00418325 
_atom_sites.fract_transf_vector[1]      0.447345 
_atom_sites.fract_transf_vector[2]      0.214156 
_atom_sites.fract_transf_vector[3]      0.139010 
# 
loop_
_atom_type.symbol 
C  
MG 
N  
O  
P  
S  
# 
loop_
_atom_site.group_PDB 
_atom_site.id 
_atom_site.type_symbol 
_atom_site.label_atom_id 
_atom_site.label_alt_id 
_atom_site.label_comp_id 
_atom_site.label_asym_id 
_atom_site.label_entity_id 
_atom_site.label_seq_id 
_atom_site.pdbx_PDB_ins_code 
_atom_site.Cartn_x 
_atom_site.Cartn_y 
_atom_site.Cartn_z 
_atom_site.occupancy 
_atom_site.B_iso_or_equiv 
_atom_site.pdbx_formal_charge 
_atom_site.auth_seq_id 
_atom_site.auth_comp_id 
_atom_site.auth_asym_id 
_atom_site.auth_atom_id 
_atom_site.pdbx_PDB_model_num 
ATOM   1    N  N     . MET A 1 1   ? 15.508  10.674  -7.209  1.00 33.53 ? 1    MET A N     1 
ATOM   2    C  CA    . MET A 1 1   ? 15.145  10.389  -5.775  1.00 33.31 ? 1    MET A CA    1 
ATOM   3    C  C     . MET A 1 1   ? 14.225  9.145   -5.580  1.00 32.68 ? 1    MET A C     1 
ATOM   4    O  O     . MET A 1 1   ? 14.694  8.090   -4.977  1.00 32.81 ? 1    MET A O     1 
ATOM   5    C  CB    . MET A 1 1   ? 14.440  11.615  -5.126  1.00 33.91 ? 1    MET A CB    1 
ATOM   6    C  CG    . MET A 1 1   ? 13.916  11.182  -3.740  1.00 32.28 ? 1    MET A CG    1 
ATOM   7    S  SD    . MET A 1 1   ? 13.854  12.475  -2.559  1.00 29.62 ? 1    MET A SD    1 
ATOM   8    C  CE    . MET A 1 1   ? 15.598  13.073  -2.326  1.00 27.81 ? 1    MET A CE    1 
ATOM   9    N  N     . PHE A 1 2   ? 12.948  9.352   -6.026  1.00 30.34 ? 2    PHE A N     1 
ATOM   10   C  CA    . PHE A 1 2   ? 11.838  8.374   -6.008  1.00 29.01 ? 2    PHE A CA    1 
ATOM   11   C  C     . PHE A 1 2   ? 11.645  7.847   -7.461  1.00 28.47 ? 2    PHE A C     1 
ATOM   12   O  O     . PHE A 1 2   ? 11.029  8.461   -8.337  1.00 31.04 ? 2    PHE A O     1 
ATOM   13   C  CB    . PHE A 1 2   ? 10.496  8.983   -5.542  1.00 25.85 ? 2    PHE A CB    1 
ATOM   14   C  CG    . PHE A 1 2   ? 10.486  9.520   -4.085  1.00 24.45 ? 2    PHE A CG    1 
ATOM   15   C  CD1   . PHE A 1 2   ? 9.662   10.597  -3.763  1.00 25.26 ? 2    PHE A CD1   1 
ATOM   16   C  CD2   . PHE A 1 2   ? 11.266  8.978   -3.065  1.00 23.11 ? 2    PHE A CD2   1 
ATOM   17   C  CE1   . PHE A 1 2   ? 9.632   11.132  -2.511  1.00 25.20 ? 2    PHE A CE1   1 
ATOM   18   C  CE2   . PHE A 1 2   ? 11.259  9.522   -1.714  1.00 22.20 ? 2    PHE A CE2   1 
ATOM   19   C  CZ    . PHE A 1 2   ? 10.425  10.631  -1.439  1.00 22.73 ? 2    PHE A CZ    1 
ATOM   20   N  N     . LYS A 1 3   ? 12.210  6.692   -7.714  1.00 27.38 ? 3    LYS A N     1 
ATOM   21   C  CA    . LYS A 1 3   ? 12.145  6.015   -8.986  1.00 26.44 ? 3    LYS A CA    1 
ATOM   22   C  C     . LYS A 1 3   ? 11.147  4.882   -8.848  1.00 23.47 ? 3    LYS A C     1 
ATOM   23   O  O     . LYS A 1 3   ? 10.660  4.378   -9.822  1.00 23.36 ? 3    LYS A O     1 
ATOM   24   C  CB    . LYS A 1 3   ? 13.502  5.417   -9.286  1.00 27.63 ? 3    LYS A CB    1 
ATOM   25   C  CG    . LYS A 1 3   ? 14.669  6.453   -9.245  1.00 30.26 ? 3    LYS A CG    1 
ATOM   26   C  CD    . LYS A 1 3   ? 16.029  5.798   -9.658  1.00 30.94 ? 3    LYS A CD    1 
ATOM   27   C  CE    . LYS A 1 3   ? 15.782  4.385   -10.228 1.00 32.79 ? 3    LYS A CE    1 
ATOM   28   N  NZ    . LYS A 1 3   ? 17.058  3.503   -10.119 1.00 34.43 ? 3    LYS A NZ    1 
ATOM   29   N  N     . THR A 1 4   ? 10.867  4.420   -7.631  1.00 20.66 ? 4    THR A N     1 
ATOM   30   C  CA    . THR A 1 4   ? 9.906   3.287   -7.448  1.00 18.40 ? 4    THR A CA    1 
ATOM   31   C  C     . THR A 1 4   ? 9.126   3.612   -6.162  1.00 17.20 ? 4    THR A C     1 
ATOM   32   O  O     . THR A 1 4   ? 9.746   3.789   -5.082  1.00 16.40 ? 4    THR A O     1 
ATOM   33   C  CB    . THR A 1 4   ? 10.688  1.966   -7.225  1.00 20.20 ? 4    THR A CB    1 
ATOM   34   O  OG1   . THR A 1 4   ? 11.585  1.781   -8.368  1.00 22.76 ? 4    THR A OG1   1 
ATOM   35   C  CG2   . THR A 1 4   ? 9.737   0.787   -7.024  1.00 18.87 ? 4    THR A CG2   1 
ATOM   36   N  N     . ILE A 1 5   ? 7.785   3.635   -6.323  1.00 15.22 ? 5    ILE A N     1 
ATOM   37   C  CA    . ILE A 1 5   ? 6.876   3.953   -5.230  1.00 13.83 ? 5    ILE A CA    1 
ATOM   38   C  C     . ILE A 1 5   ? 6.031   2.770   -4.977  1.00 13.66 ? 5    ILE A C     1 
ATOM   39   O  O     . ILE A 1 5   ? 5.559   2.161   -5.913  1.00 14.23 ? 5    ILE A O     1 
ATOM   40   C  CB    . ILE A 1 5   ? 6.000   5.152   -5.606  1.00 12.91 ? 5    ILE A CB    1 
ATOM   41   C  CG1   . ILE A 1 5   ? 6.855   6.390   -5.997  1.00 14.25 ? 5    ILE A CG1   1 
ATOM   42   C  CG2   . ILE A 1 5   ? 5.039   5.470   -4.450  1.00 14.03 ? 5    ILE A CG2   1 
ATOM   43   C  CD1   . ILE A 1 5   ? 6.120   7.500   -6.523  1.00 18.22 ? 5    ILE A CD1   1 
ATOM   44   N  N     . LEU A 1 6   ? 5.797   2.441   -3.703  1.00 12.71 ? 6    LEU A N     1 
ATOM   45   C  CA    . LEU A 1 6   ? 4.898   1.322   -3.369  1.00 12.39 ? 6    LEU A CA    1 
ATOM   46   C  C     . LEU A 1 6   ? 3.704   1.862   -2.586  1.00 12.57 ? 6    LEU A C     1 
ATOM   47   O  O     . LEU A 1 6   ? 3.947   2.513   -1.568  1.00 11.59 ? 6    LEU A O     1 
ATOM   48   C  CB    . LEU A 1 6   ? 5.704   0.258   -2.544  1.00 14.17 ? 6    LEU A CB    1 
ATOM   49   C  CG    . LEU A 1 6   ? 4.888   -1.006  -2.282  1.00 14.28 ? 6    LEU A CG    1 
ATOM   50   C  CD1   . LEU A 1 6   ? 5.679   -2.252  -2.240  1.00 19.54 ? 6    LEU A CD1   1 
ATOM   51   C  CD2   . LEU A 1 6   ? 4.222   -0.889  -1.068  1.00 17.04 ? 6    LEU A CD2   1 
ATOM   52   N  N     . LEU A 1 7   ? 2.496   1.550   -3.039  1.00 10.30 ? 7    LEU A N     1 
ATOM   53   C  CA    . LEU A 1 7   ? 1.239   1.884   -2.383  1.00 9.16  ? 7    LEU A CA    1 
ATOM   54   C  C     . LEU A 1 7   ? 0.723   0.650   -1.625  1.00 9.64  ? 7    LEU A C     1 
ATOM   55   O  O     . LEU A 1 7   ? 0.555   -0.394  -2.270  1.00 10.61 ? 7    LEU A O     1 
ATOM   56   C  CB    . LEU A 1 7   ? 0.180   2.262   -3.419  1.00 9.48  ? 7    LEU A CB    1 
ATOM   57   C  CG    . LEU A 1 7   ? -1.247  2.339   -2.794  1.00 8.67  ? 7    LEU A CG    1 
ATOM   58   C  CD1   . LEU A 1 7   ? -1.385  3.518   -1.810  1.00 10.81 ? 7    LEU A CD1   1 
ATOM   59   C  CD2   . LEU A 1 7   ? -2.188  2.521   -4.036  1.00 11.83 ? 7    LEU A CD2   1 
ATOM   60   N  N     . ALA A 1 8   ? 0.482   0.744   -0.345  1.00 9.19  ? 8    ALA A N     1 
ATOM   61   C  CA    . ALA A 1 8   ? -0.128  -0.366  0.451   1.00 10.08 ? 8    ALA A CA    1 
ATOM   62   C  C     . ALA A 1 8   ? -1.608  -0.060  0.492   1.00 10.19 ? 8    ALA A C     1 
ATOM   63   O  O     . ALA A 1 8   ? -2.007  0.960   0.997   1.00 11.06 ? 8    ALA A O     1 
ATOM   64   C  CB    . ALA A 1 8   ? 0.437   -0.364  1.871   1.00 9.97  ? 8    ALA A CB    1 
ATOM   65   N  N     . TYR A 1 9   ? -2.411  -0.972  -0.052  1.00 10.79 ? 9    TYR A N     1 
ATOM   66   C  CA    . TYR A 1 9   ? -3.856  -0.690  -0.169  1.00 11.35 ? 9    TYR A CA    1 
ATOM   67   C  C     . TYR A 1 9   ? -4.698  -1.713  0.572   1.00 11.46 ? 9    TYR A C     1 
ATOM   68   O  O     . TYR A 1 9   ? -4.556  -2.928  0.387   1.00 11.53 ? 9    TYR A O     1 
ATOM   69   C  CB    . TYR A 1 9   ? -4.191  -0.782  -1.710  1.00 11.48 ? 9    TYR A CB    1 
ATOM   70   C  CG    . TYR A 1 9   ? -5.540  -0.206  -1.991  1.00 11.56 ? 9    TYR A CG    1 
ATOM   71   C  CD1   . TYR A 1 9   ? -5.671  1.185   -2.166  1.00 13.62 ? 9    TYR A CD1   1 
ATOM   72   C  CD2   . TYR A 1 9   ? -6.629  -1.003  -2.175  1.00 11.47 ? 9    TYR A CD2   1 
ATOM   73   C  CE1   . TYR A 1 9   ? -6.811  1.746   -2.529  1.00 14.08 ? 9    TYR A CE1   1 
ATOM   74   C  CE2   . TYR A 1 9   ? -7.870  -0.414  -2.573  1.00 11.90 ? 9    TYR A CE2   1 
ATOM   75   C  CZ    . TYR A 1 9   ? -7.911  0.947   -2.756  1.00 15.46 ? 9    TYR A CZ    1 
ATOM   76   O  OH    . TYR A 1 9   ? -8.989  1.673   -3.243  1.00 16.04 ? 9    TYR A OH    1 
ATOM   77   N  N     . ASP A 1 10  ? -5.660  -1.215  1.365   1.00 10.88 ? 10   ASP A N     1 
ATOM   78   C  CA    . ASP A 1 10  ? -6.565  -2.132  2.104   1.00 12.25 ? 10   ASP A CA    1 
ATOM   79   C  C     . ASP A 1 10  ? -8.000  -1.898  1.762   1.00 12.96 ? 10   ASP A C     1 
ATOM   80   O  O     . ASP A 1 10  ? -8.853  -2.531  2.429   1.00 11.79 ? 10   ASP A O     1 
ATOM   81   C  CB    . ASP A 1 10  ? -6.379  -2.011  3.650   1.00 10.58 ? 10   ASP A CB    1 
ATOM   82   C  CG    . ASP A 1 10  ? -6.773  -0.710  4.210   1.00 10.75 ? 10   ASP A CG    1 
ATOM   83   O  OD1   . ASP A 1 10  ? -7.043  0.267   3.484   1.00 13.26 ? 10   ASP A OD1   1 
ATOM   84   O  OD2   . ASP A 1 10  ? -6.900  -0.624  5.439   1.00 12.24 ? 10   ASP A OD2   1 
ATOM   85   N  N     . GLY A 1 11  ? -8.249  -1.028  0.768   1.00 12.95 ? 11   GLY A N     1 
ATOM   86   C  CA    . GLY A 1 11  ? -9.609  -0.707  0.373   1.00 13.39 ? 11   GLY A CA    1 
ATOM   87   C  C     . GLY A 1 11  ? -10.371 0.245   1.277   1.00 14.68 ? 11   GLY A C     1 
ATOM   88   O  O     . GLY A 1 11  ? -11.587 0.519   1.111   1.00 15.07 ? 11   GLY A O     1 
ATOM   89   N  N     . SER A 1 12  ? -9.691  0.764   2.319   1.00 12.70 ? 12   SER A N     1 
ATOM   90   C  CA    . SER A 1 12  ? -10.328 1.733   3.214   1.00 13.02 ? 12   SER A CA    1 
ATOM   91   C  C     . SER A 1 12  ? -10.393 3.117   2.525   1.00 12.66 ? 12   SER A C     1 
ATOM   92   O  O     . SER A 1 12  ? -9.762  3.349   1.463   1.00 12.96 ? 12   SER A O     1 
ATOM   93   C  CB    . SER A 1 12  ? -9.508  1.886   4.545   1.00 13.08 ? 12   SER A CB    1 
ATOM   94   O  OG    . SER A 1 12  ? -8.275  2.532   4.237   1.00 13.22 ? 12   SER A OG    1 
ATOM   95   N  N     . GLU A 1 13  ? -11.210 4.028   3.078   1.00 14.50 ? 13   GLU A N     1 
ATOM   96   C  CA    . GLU A 1 13  ? -11.282 5.366   2.517   1.00 14.83 ? 13   GLU A CA    1 
ATOM   97   C  C     . GLU A 1 13  ? -9.904  6.056   2.607   1.00 14.87 ? 13   GLU A C     1 
ATOM   98   O  O     . GLU A 1 13  ? -9.518  6.783   1.698   1.00 15.54 ? 13   GLU A O     1 
ATOM   99   C  CB    . GLU A 1 13  ? -12.365 6.215   3.251   1.00 16.91 ? 13   GLU A CB    1 
ATOM   100  C  CG    . GLU A 1 13  ? -13.745 6.043   2.615   1.00 23.99 ? 13   GLU A CG    1 
ATOM   101  C  CD    . GLU A 1 13  ? -13.794 6.545   1.084   1.00 25.42 ? 13   GLU A CD    1 
ATOM   102  O  OE1   . GLU A 1 13  ? -14.174 5.746   0.277   1.00 29.78 ? 13   GLU A OE1   1 
ATOM   103  O  OE2   . GLU A 1 13  ? -13.446 7.691   0.611   1.00 29.55 ? 13   GLU A OE2   1 
ATOM   104  N  N     . HIS A 1 14  ? -9.181  5.798   3.716   1.00 14.16 ? 14   HIS A N     1 
ATOM   105  C  CA    . HIS A 1 14  ? -7.810  6.348   3.846   1.00 13.69 ? 14   HIS A CA    1 
ATOM   106  C  C     . HIS A 1 14  ? -6.898  5.839   2.723   1.00 13.49 ? 14   HIS A C     1 
ATOM   107  O  O     . HIS A 1 14  ? -6.144  6.582   2.138   1.00 12.94 ? 14   HIS A O     1 
ATOM   108  C  CB    . HIS A 1 14  ? -7.111  5.918   5.118   1.00 13.65 ? 14   HIS A CB    1 
ATOM   109  C  CG    . HIS A 1 14  ? -7.563  6.645   6.304   1.00 18.48 ? 14   HIS A CG    1 
ATOM   110  N  ND1   . HIS A 1 14  ? -8.727  6.339   6.952   1.00 19.58 ? 14   HIS A ND1   1 
ATOM   111  C  CD2   . HIS A 1 14  ? -7.042  7.725   6.926   1.00 19.96 ? 14   HIS A CD2   1 
ATOM   112  C  CE1   . HIS A 1 14  ? -8.907  7.201   7.943   1.00 19.56 ? 14   HIS A CE1   1 
ATOM   113  N  NE2   . HIS A 1 14  ? -7.906  8.042   7.947   1.00 21.96 ? 14   HIS A NE2   1 
ATOM   114  N  N     . ALA A 1 15  ? -7.031  4.543   2.402   1.00 13.42 ? 15   ALA A N     1 
ATOM   115  C  CA    . ALA A 1 15  ? -6.237  3.940   1.339   1.00 12.82 ? 15   ALA A CA    1 
ATOM   116  C  C     . ALA A 1 15  ? -6.660  4.441   -0.026  1.00 12.52 ? 15   ALA A C     1 
ATOM   117  O  O     . ALA A 1 15  ? -5.856  4.507   -0.916  1.00 12.98 ? 15   ALA A O     1 
ATOM   118  C  CB    . ALA A 1 15  ? -6.245  2.410   1.377   1.00 11.82 ? 15   ALA A CB    1 
ATOM   119  N  N     . ARG A 1 16  ? -7.949  4.776   -0.228  1.00 14.10 ? 16   ARG A N     1 
ATOM   120  C  CA    . ARG A 1 16  ? -8.346  5.369   -1.548  1.00 14.66 ? 16   ARG A CA    1 
ATOM   121  C  C     . ARG A 1 16  ? -7.692  6.758   -1.678  1.00 12.94 ? 16   ARG A C     1 
ATOM   122  O  O     . ARG A 1 16  ? -7.173  7.081   -2.726  1.00 12.80 ? 16   ARG A O     1 
ATOM   123  C  CB    . ARG A 1 16  ? -9.884  5.487   -1.570  1.00 13.22 ? 16   ARG A CB    1 
ATOM   124  C  CG    . ARG A 1 16  ? -10.536 4.148   -1.706  1.00 16.60 ? 16   ARG A CG    1 
ATOM   125  C  CD    . ARG A 1 16  ? -12.113 4.322   -1.916  1.00 15.80 ? 16   ARG A CD    1 
ATOM   126  N  NE    . ARG A 1 16  ? -12.710 3.047   -2.253  1.00 17.35 ? 16   ARG A NE    1 
ATOM   127  C  CZ    . ARG A 1 16  ? -14.034 2.880   -2.242  1.00 18.01 ? 16   ARG A CZ    1 
ATOM   128  N  NH1   . ARG A 1 16  ? -14.811 3.935   -1.839  1.00 18.70 ? 16   ARG A NH1   1 
ATOM   129  N  NH2   . ARG A 1 16  ? -14.575 1.760   -2.760  1.00 17.25 ? 16   ARG A NH2   1 
ATOM   130  N  N     . ARG A 1 17  ? -7.653  7.493   -0.579  1.00 14.26 ? 17   ARG A N     1 
ATOM   131  C  CA    . ARG A 1 17  ? -6.905  8.786   -0.646  1.00 13.73 ? 17   ARG A CA    1 
ATOM   132  C  C     . ARG A 1 17  ? -5.426  8.584   -0.915  1.00 13.35 ? 17   ARG A C     1 
ATOM   133  O  O     . ARG A 1 17  ? -4.811  9.264   -1.676  1.00 14.33 ? 17   ARG A O     1 
ATOM   134  C  CB    . ARG A 1 17  ? -7.162  9.595   0.581   1.00 14.64 ? 17   ARG A CB    1 
ATOM   135  C  CG    . ARG A 1 17  ? -8.582  10.104  0.555   1.00 18.25 ? 17   ARG A CG    1 
ATOM   136  C  CD    . ARG A 1 17  ? -8.852  11.079  1.708   1.00 19.42 ? 17   ARG A CD    1 
ATOM   137  N  NE    . ARG A 1 17  ? -8.717  10.529  3.025   1.00 21.39 ? 17   ARG A NE    1 
ATOM   138  C  CZ    . ARG A 1 17  ? -9.757  9.990   3.698   1.00 23.03 ? 17   ARG A CZ    1 
ATOM   139  N  NH1   . ARG A 1 17  ? -10.963 9.985   3.130   1.00 24.60 ? 17   ARG A NH1   1 
ATOM   140  N  NH2   . ARG A 1 17  ? -9.577  9.456   4.904   1.00 23.89 ? 17   ARG A NH2   1 
ATOM   141  N  N     . ALA A 1 18  ? -4.861  7.570   -0.253  1.00 12.19 ? 18   ALA A N     1 
ATOM   142  C  CA    . ALA A 1 18  ? -3.486  7.270   -0.491  1.00 11.96 ? 18   ALA A CA    1 
ATOM   143  C  C     . ALA A 1 18  ? -3.196  6.881   -1.943  1.00 11.09 ? 18   ALA A C     1 
ATOM   144  O  O     . ALA A 1 18  ? -2.070  7.110   -2.445  1.00 12.26 ? 18   ALA A O     1 
ATOM   145  C  CB    . ALA A 1 18  ? -3.085  6.082   0.535   1.00 12.25 ? 18   ALA A CB    1 
ATOM   146  N  N     . ALA A 1 19  ? -4.158  6.170   -2.590  1.00 12.44 ? 19   ALA A N     1 
ATOM   147  C  CA    . ALA A 1 19  ? -3.968  5.744   -3.963  1.00 13.81 ? 19   ALA A CA    1 
ATOM   148  C  C     . ALA A 1 19  ? -3.828  7.008   -4.906  1.00 13.00 ? 19   ALA A C     1 
ATOM   149  O  O     . ALA A 1 19  ? -3.005  7.033   -5.804  1.00 14.99 ? 19   ALA A O     1 
ATOM   150  C  CB    . ALA A 1 19  ? -5.201  4.867   -4.411  1.00 14.42 ? 19   ALA A CB    1 
ATOM   151  N  N     . GLU A 1 20  ? -4.713  7.996   -4.631  1.00 15.23 ? 20   GLU A N     1 
ATOM   152  C  CA    . GLU A 1 20  ? -4.666  9.265   -5.404  1.00 15.58 ? 20   GLU A CA    1 
ATOM   153  C  C     . GLU A 1 20  ? -3.343  9.956   -5.186  1.00 14.24 ? 20   GLU A C     1 
ATOM   154  O  O     . GLU A 1 20  ? -2.722  10.417  -6.156  1.00 15.78 ? 20   GLU A O     1 
ATOM   155  C  CB    . GLU A 1 20  ? -5.781  10.182  -4.895  1.00 18.79 ? 20   GLU A CB    1 
ATOM   156  C  CG    . GLU A 1 20  ? -7.175  9.602   -5.074  1.00 23.06 ? 20   GLU A CG    1 
ATOM   157  C  CD    . GLU A 1 20  ? -8.292  10.489  -4.528  1.00 27.31 ? 20   GLU A CD    1 
ATOM   158  O  OE1   . GLU A 1 20  ? -8.443  10.708  -3.278  1.00 29.11 ? 20   GLU A OE1   1 
ATOM   159  O  OE2   . GLU A 1 20  ? -9.053  10.988  -5.412  1.00 32.03 ? 20   GLU A OE2   1 
ATOM   160  N  N     . VAL A 1 21  ? -2.859  9.975   -3.921  1.00 14.62 ? 21   VAL A N     1 
ATOM   161  C  CA    . VAL A 1 21  ? -1.564  10.605  -3.644  1.00 13.36 ? 21   VAL A CA    1 
ATOM   162  C  C     . VAL A 1 21  ? -0.445  9.831   -4.314  1.00 13.51 ? 21   VAL A C     1 
ATOM   163  O  O     . VAL A 1 21  ? 0.497   10.438  -4.873  1.00 13.81 ? 21   VAL A O     1 
ATOM   164  C  CB    . VAL A 1 21  ? -1.263  10.701  -2.093  1.00 13.12 ? 21   VAL A CB    1 
ATOM   165  C  CG1   . VAL A 1 21  ? 0.227   11.089  -1.809  1.00 13.97 ? 21   VAL A CG1   1 
ATOM   166  C  CG2   . VAL A 1 21  ? -2.201  11.721  -1.440  1.00 14.02 ? 21   VAL A CG2   1 
ATOM   167  N  N     . ALA A 1 22  ? -0.502  8.503   -4.260  1.00 11.71 ? 22   ALA A N     1 
ATOM   168  C  CA    . ALA A 1 22  ? 0.552   7.682   -4.859  1.00 12.59 ? 22   ALA A CA    1 
ATOM   169  C  C     . ALA A 1 22  ? 0.602   7.887   -6.380  1.00 13.12 ? 22   ALA A C     1 
ATOM   170  O  O     . ALA A 1 22  ? 1.642   7.963   -6.898  1.00 14.41 ? 22   ALA A O     1 
ATOM   171  C  CB    . ALA A 1 22  ? 0.356   6.129   -4.558  1.00 12.82 ? 22   ALA A CB    1 
ATOM   172  N  N     . LYS A 1 23  ? -0.560  7.949   -7.018  1.00 12.33 ? 23   LYS A N     1 
ATOM   173  C  CA    . LYS A 1 23  ? -0.602  8.135   -8.475  1.00 14.79 ? 23   LYS A CA    1 
ATOM   174  C  C     . LYS A 1 23  ? 0.020   9.485   -8.816  1.00 14.91 ? 23   LYS A C     1 
ATOM   175  O  O     . LYS A 1 23  ? 0.848   9.551   -9.775  1.00 15.62 ? 23   LYS A O     1 
ATOM   176  C  CB    . LYS A 1 23  ? -2.073  8.048   -8.936  1.00 15.25 ? 23   LYS A CB    1 
ATOM   177  C  CG    . LYS A 1 23  ? -2.304  8.237   -10.496 1.00 18.55 ? 23   LYS A CG    1 
ATOM   178  C  CD    . LYS A 1 23  ? -3.851  8.216   -10.715 1.00 23.56 ? 23   LYS A CD    1 
ATOM   179  C  CE    . LYS A 1 23  ? -4.293  8.374   -12.197 1.00 27.30 ? 23   LYS A CE    1 
ATOM   180  N  NZ    . LYS A 1 23  ? -3.687  7.313   -13.077 1.00 31.53 ? 23   LYS A NZ    1 
ATOM   181  N  N     . ALA A 1 24  ? -0.314  10.498  -8.015  1.00 15.10 ? 24   ALA A N     1 
ATOM   182  C  CA    . ALA A 1 24  ? 0.219   11.863  -8.331  1.00 15.49 ? 24   ALA A CA    1 
ATOM   183  C  C     . ALA A 1 24  ? 1.745   11.948  -8.147  1.00 15.74 ? 24   ALA A C     1 
ATOM   184  O  O     . ALA A 1 24  ? 2.465   12.676  -8.804  1.00 17.40 ? 24   ALA A O     1 
ATOM   185  C  CB    . ALA A 1 24  ? -0.438  12.875  -7.421  1.00 14.25 ? 24   ALA A CB    1 
ATOM   186  N  N     . GLU A 1 25  ? 2.232   11.278  -7.109  1.00 15.39 ? 25   GLU A N     1 
ATOM   187  C  CA    . GLU A 1 25  ? 3.644   11.230  -6.790  1.00 16.14 ? 25   GLU A CA    1 
ATOM   188  C  C     . GLU A 1 25  ? 4.364   10.497  -7.907  1.00 16.85 ? 25   GLU A C     1 
ATOM   189  O  O     . GLU A 1 25  ? 5.394   10.903  -8.295  1.00 15.45 ? 25   GLU A O     1 
ATOM   190  C  CB    . GLU A 1 25  ? 3.918   10.450  -5.474  1.00 16.79 ? 25   GLU A CB    1 
ATOM   191  C  CG    . GLU A 1 25  ? 3.675   11.204  -4.204  1.00 20.69 ? 25   GLU A CG    1 
ATOM   192  C  CD    . GLU A 1 25  ? 4.723   12.328  -3.923  1.00 21.76 ? 25   GLU A CD    1 
ATOM   193  O  OE1   . GLU A 1 25  ? 5.138   12.529  -2.760  1.00 25.23 ? 25   GLU A OE1   1 
ATOM   194  O  OE2   . GLU A 1 25  ? 5.093   13.032  -4.828  1.00 23.16 ? 25   GLU A OE2   1 
ATOM   195  N  N     . ALA A 1 26  ? 3.818   9.375   -8.383  1.00 16.22 ? 26   ALA A N     1 
ATOM   196  C  CA    . ALA A 1 26  ? 4.469   8.675   -9.476  1.00 15.88 ? 26   ALA A CA    1 
ATOM   197  C  C     . ALA A 1 26  ? 4.502   9.579   -10.706 1.00 16.64 ? 26   ALA A C     1 
ATOM   198  O  O     . ALA A 1 26  ? 5.515   9.563   -11.402 1.00 17.97 ? 26   ALA A O     1 
ATOM   199  C  CB    . ALA A 1 26  ? 3.687   7.390   -9.807  1.00 18.47 ? 26   ALA A CB    1 
ATOM   200  N  N     . GLU A 1 27  ? 3.427   10.271  -10.990 1.00 18.02 ? 27   GLU A N     1 
ATOM   201  C  CA    . GLU A 1 27  ? 3.399   11.137  -12.199 1.00 20.97 ? 27   GLU A CA    1 
ATOM   202  C  C     . GLU A 1 27  ? 4.434   12.245  -12.049 1.00 21.75 ? 27   GLU A C     1 
ATOM   203  O  O     . GLU A 1 27  ? 5.269   12.464  -12.970 1.00 21.44 ? 27   GLU A O     1 
ATOM   204  C  CB    . GLU A 1 27  ? 2.005   11.709  -12.362 1.00 24.01 ? 27   GLU A CB    1 
ATOM   205  C  CG    . GLU A 1 27  ? 1.947   12.611  -13.563 1.00 30.11 ? 27   GLU A CG    1 
ATOM   206  C  CD    . GLU A 1 27  ? 1.217   11.979  -14.661 1.00 34.99 ? 27   GLU A CD    1 
ATOM   207  O  OE1   . GLU A 1 27  ? -0.055  12.031  -14.597 1.00 37.93 ? 27   GLU A OE1   1 
ATOM   208  O  OE2   . GLU A 1 27  ? 1.925   11.440  -15.585 1.00 36.92 ? 27   GLU A OE2   1 
ATOM   209  N  N     . ALA A 1 28  ? 4.470   12.896  -10.878 1.00 20.29 ? 28   ALA A N     1 
ATOM   210  C  CA    . ALA A 1 28  ? 5.427   14.004  -10.642 1.00 18.14 ? 28   ALA A CA    1 
ATOM   211  C  C     . ALA A 1 28  ? 6.874   13.625  -10.706 1.00 20.36 ? 28   ALA A C     1 
ATOM   212  O  O     . ALA A 1 28  ? 7.687   14.426  -11.152 1.00 20.30 ? 28   ALA A O     1 
ATOM   213  C  CB    . ALA A 1 28  ? 5.145   14.654  -9.214  1.00 18.28 ? 28   ALA A CB    1 
ATOM   214  N  N     . HIS A 1 29  ? 7.219   12.400  -10.275 1.00 18.95 ? 29   HIS A N     1 
ATOM   215  C  CA    . HIS A 1 29  ? 8.613   11.965  -10.141 1.00 19.55 ? 29   HIS A CA    1 
ATOM   216  C  C     . HIS A 1 29  ? 9.036   11.049  -11.321 1.00 19.78 ? 29   HIS A C     1 
ATOM   217  O  O     . HIS A 1 29  ? 10.240  10.619  -11.414 1.00 22.52 ? 29   HIS A O     1 
ATOM   218  C  CB    . HIS A 1 29  ? 8.823   11.241  -8.805  1.00 19.03 ? 29   HIS A CB    1 
ATOM   219  C  CG    . HIS A 1 29  ? 8.821   12.159  -7.626  1.00 18.05 ? 29   HIS A CG    1 
ATOM   220  N  ND1   . HIS A 1 29  ? 7.722   12.375  -6.816  1.00 19.13 ? 29   HIS A ND1   1 
ATOM   221  C  CD2   . HIS A 1 29  ? 9.792   12.953  -7.152  1.00 17.81 ? 29   HIS A CD2   1 
ATOM   222  C  CE1   . HIS A 1 29  ? 8.035   13.249  -5.878  1.00 16.82 ? 29   HIS A CE1   1 
ATOM   223  N  NE2   . HIS A 1 29  ? 9.290   13.608  -6.058  1.00 21.26 ? 29   HIS A NE2   1 
ATOM   224  N  N     . GLY A 1 30  ? 8.063   10.745  -12.176 1.00 20.00 ? 30   GLY A N     1 
ATOM   225  C  CA    . GLY A 1 30  ? 8.381   9.855   -13.313 1.00 19.96 ? 30   GLY A CA    1 
ATOM   226  C  C     . GLY A 1 30  ? 8.788   8.482   -12.793 1.00 20.59 ? 30   GLY A C     1 
ATOM   227  O  O     . GLY A 1 30  ? 9.725   7.833   -13.262 1.00 20.87 ? 30   GLY A O     1 
ATOM   228  N  N     . ALA A 1 31  ? 8.067   8.023   -11.792 1.00 18.89 ? 31   ALA A N     1 
ATOM   229  C  CA    . ALA A 1 31  ? 8.362   6.789   -11.068 1.00 18.18 ? 31   ALA A CA    1 
ATOM   230  C  C     . ALA A 1 31  ? 7.449   5.644   -11.451 1.00 16.98 ? 31   ALA A C     1 
ATOM   231  O  O     . ALA A 1 31  ? 6.341   5.848   -11.951 1.00 18.26 ? 31   ALA A O     1 
ATOM   232  C  CB    . ALA A 1 31  ? 8.141   7.048   -9.526  1.00 18.08 ? 31   ALA A CB    1 
ATOM   233  N  N     . ARG A 1 32  ? 7.977   4.463   -11.168 1.00 17.43 ? 32   ARG A N     1 
ATOM   234  C  CA    . ARG A 1 32  ? 7.192   3.236   -11.385 1.00 16.89 ? 32   ARG A CA    1 
ATOM   235  C  C     . ARG A 1 32  ? 6.460   3.049   -10.053 1.00 16.22 ? 32   ARG A C     1 
ATOM   236  O  O     . ARG A 1 32  ? 7.076   3.231   -8.980  1.00 18.24 ? 32   ARG A O     1 
ATOM   237  C  CB    . ARG A 1 32  ? 8.141   2.086   -11.620 1.00 18.42 ? 32   ARG A CB    1 
ATOM   238  C  CG    . ARG A 1 32  ? 7.526   0.756   -11.823 1.00 20.55 ? 32   ARG A CG    1 
ATOM   239  C  CD    . ARG A 1 32  ? 8.711   -0.191  -11.879 1.00 22.98 ? 32   ARG A CD    1 
ATOM   240  N  NE    . ARG A 1 32  ? 8.138   -1.465  -11.653 1.00 23.75 ? 32   ARG A NE    1 
ATOM   241  C  CZ    . ARG A 1 32  ? 8.510   -2.290  -10.694 1.00 20.25 ? 32   ARG A CZ    1 
ATOM   242  N  NH1   . ARG A 1 32  ? 9.513   -2.036  -9.837  1.00 21.29 ? 32   ARG A NH1   1 
ATOM   243  N  NH2   . ARG A 1 32  ? 7.843   -3.358  -10.612 1.00 21.28 ? 32   ARG A NH2   1 
ATOM   244  N  N     . LEU A 1 33  ? 5.204   2.756   -10.180 1.00 14.70 ? 33   LEU A N     1 
ATOM   245  C  CA    . LEU A 1 33  ? 4.297   2.595   -9.036  1.00 14.28 ? 33   LEU A CA    1 
ATOM   246  C  C     . LEU A 1 33  ? 3.888   1.113   -8.953  1.00 14.34 ? 33   LEU A C     1 
ATOM   247  O  O     . LEU A 1 33  ? 3.433   0.531   -9.943  1.00 15.08 ? 33   LEU A O     1 
ATOM   248  C  CB    . LEU A 1 33  ? 3.021   3.508   -9.179  1.00 13.81 ? 33   LEU A CB    1 
ATOM   249  C  CG    . LEU A 1 33  ? 1.920   3.410   -8.079  1.00 15.67 ? 33   LEU A CG    1 
ATOM   250  C  CD1   . LEU A 1 33  ? 2.467   3.767   -6.700  1.00 13.82 ? 33   LEU A CD1   1 
ATOM   251  C  CD2   . LEU A 1 33  ? 0.745   4.336   -8.371  1.00 16.49 ? 33   LEU A CD2   1 
ATOM   252  N  N     . ILE A 1 34  ? 3.987   0.587   -7.766  1.00 14.15 ? 34   ILE A N     1 
ATOM   253  C  CA    . ILE A 1 34  ? 3.539   -0.802  -7.481  1.00 14.68 ? 34   ILE A CA    1 
ATOM   254  C  C     . ILE A 1 34  ? 2.456   -0.677  -6.402  1.00 14.51 ? 34   ILE A C     1 
ATOM   255  O  O     . ILE A 1 34  ? 2.556   0.154   -5.507  1.00 14.63 ? 34   ILE A O     1 
ATOM   256  C  CB    . ILE A 1 34  ? 4.708   -1.628  -6.869  1.00 16.52 ? 34   ILE A CB    1 
ATOM   257  C  CG1   . ILE A 1 34  ? 5.902   -1.537  -7.853  1.00 19.17 ? 34   ILE A CG1   1 
ATOM   258  C  CG2   . ILE A 1 34  ? 4.243   -3.083  -6.632  1.00 17.33 ? 34   ILE A CG2   1 
ATOM   259  C  CD1   . ILE A 1 34  ? 5.749   -2.234  -9.020  1.00 24.24 ? 34   ILE A CD1   1 
ATOM   260  N  N     . VAL A 1 35  ? 1.385   -1.442  -6.536  1.00 13.81 ? 35   VAL A N     1 
ATOM   261  C  CA    . VAL A 1 35  ? 0.316   -1.435  -5.530  1.00 14.60 ? 35   VAL A CA    1 
ATOM   262  C  C     . VAL A 1 35  ? 0.281   -2.834  -4.942  1.00 15.38 ? 35   VAL A C     1 
ATOM   263  O  O     . VAL A 1 35  ? 0.351   -3.836  -5.694  1.00 15.98 ? 35   VAL A O     1 
ATOM   264  C  CB    . VAL A 1 35  ? -1.086  -0.948  -6.102  1.00 16.38 ? 35   VAL A CB    1 
ATOM   265  C  CG1   . VAL A 1 35  ? -0.878  0.298   -6.868  1.00 18.69 ? 35   VAL A CG1   1 
ATOM   266  C  CG2   . VAL A 1 35  ? -1.726  -1.935  -7.147  1.00 18.98 ? 35   VAL A CG2   1 
ATOM   267  N  N     . VAL A 1 36  ? 0.122   -2.968  -3.605  1.00 15.38 ? 36   VAL A N     1 
ATOM   268  C  CA    . VAL A 1 36  ? 0.026   -4.253  -2.952  1.00 14.15 ? 36   VAL A CA    1 
ATOM   269  C  C     . VAL A 1 36  ? -1.093  -4.346  -1.967  1.00 14.76 ? 36   VAL A C     1 
ATOM   270  O  O     . VAL A 1 36  ? -1.514  -3.318  -1.373  1.00 14.85 ? 36   VAL A O     1 
ATOM   271  C  CB    . VAL A 1 36  ? 1.279   -4.653  -2.322  1.00 16.21 ? 36   VAL A CB    1 
ATOM   272  C  CG1   . VAL A 1 36  ? 2.398   -4.452  -3.358  1.00 17.68 ? 36   VAL A CG1   1 
ATOM   273  C  CG2   . VAL A 1 36  ? 1.690   -3.843  -1.043  1.00 15.03 ? 36   VAL A CG2   1 
ATOM   274  N  N     . HIS A 1 37  ? -1.702  -5.520  -1.938  1.00 12.41 ? 37   HIS A N     1 
ATOM   275  C  CA    . HIS A 1 37  ? -2.735  -5.746  -0.979  1.00 12.09 ? 37   HIS A CA    1 
ATOM   276  C  C     . HIS A 1 37  ? -2.415  -7.090  -0.349  1.00 13.15 ? 37   HIS A C     1 
ATOM   277  O  O     . HIS A 1 37  ? -2.283  -8.059  -1.040  1.00 12.98 ? 37   HIS A O     1 
ATOM   278  C  CB    . HIS A 1 37  ? -4.136  -5.759  -1.582  1.00 12.13 ? 37   HIS A CB    1 
ATOM   279  C  CG    . HIS A 1 37  ? -5.182  -6.183  -0.591  1.00 11.61 ? 37   HIS A CG    1 
ATOM   280  N  ND1   . HIS A 1 37  ? -5.338  -5.567  0.649   1.00 11.76 ? 37   HIS A ND1   1 
ATOM   281  C  CD2   . HIS A 1 37  ? -6.136  -7.138  -0.672  1.00 12.70 ? 37   HIS A CD2   1 
ATOM   282  C  CE1   . HIS A 1 37  ? -6.364  -6.166  1.288   1.00 14.05 ? 37   HIS A CE1   1 
ATOM   283  N  NE2   . HIS A 1 37  ? -6.844  -7.137  0.503   1.00 14.23 ? 37   HIS A NE2   1 
ATOM   284  N  N     . ALA A 1 38  ? -2.364  -7.157  0.981   1.00 11.09 ? 38   ALA A N     1 
ATOM   285  C  CA    . ALA A 1 38  ? -2.118  -8.364  1.702   1.00 11.66 ? 38   ALA A CA    1 
ATOM   286  C  C     . ALA A 1 38  ? -3.411  -9.001  2.194   1.00 12.76 ? 38   ALA A C     1 
ATOM   287  O  O     . ALA A 1 38  ? -4.313  -8.269  2.585   1.00 12.13 ? 38   ALA A O     1 
ATOM   288  C  CB    . ALA A 1 38  ? -1.198  -8.035  2.991   1.00 13.30 ? 38   ALA A CB    1 
ATOM   289  N  N     . TYR A 1 39  ? -3.505  -10.336 2.162   1.00 15.73 ? 39   TYR A N     1 
ATOM   290  C  CA    . TYR A 1 39  ? -4.665  -11.027 2.733   1.00 18.07 ? 39   TYR A CA    1 
ATOM   291  C  C     . TYR A 1 39  ? -4.107  -11.845 3.867   1.00 20.14 ? 39   TYR A C     1 
ATOM   292  O  O     . TYR A 1 39  ? -2.935  -12.261 3.871   1.00 18.96 ? 39   TYR A O     1 
ATOM   293  C  CB    . TYR A 1 39  ? -5.475  -11.869 1.723   1.00 19.21 ? 39   TYR A CB    1 
ATOM   294  C  CG    . TYR A 1 39  ? -4.752  -12.998 1.133   1.00 22.34 ? 39   TYR A CG    1 
ATOM   295  C  CD1   . TYR A 1 39  ? -4.692  -14.243 1.776   1.00 23.36 ? 39   TYR A CD1   1 
ATOM   296  C  CD2   . TYR A 1 39  ? -4.020  -12.807 -0.053  1.00 23.85 ? 39   TYR A CD2   1 
ATOM   297  C  CE1   . TYR A 1 39  ? -3.837  -15.333 1.222   1.00 25.49 ? 39   TYR A CE1   1 
ATOM   298  C  CE2   . TYR A 1 39  ? -3.239  -13.822 -0.587  1.00 26.12 ? 39   TYR A CE2   1 
ATOM   299  C  CZ    . TYR A 1 39  ? -3.139  -15.058 0.030   1.00 26.94 ? 39   TYR A CZ    1 
ATOM   300  O  OH    . TYR A 1 39  ? -2.359  -15.966 -0.652  1.00 30.93 ? 39   TYR A OH    1 
ATOM   301  N  N     . GLU A 1 40  ? -4.935  -12.021 4.883   1.00 23.99 ? 40   GLU A N     1 
ATOM   302  C  CA    . GLU A 1 40  ? -4.422  -12.643 6.121   1.00 27.64 ? 40   GLU A CA    1 
ATOM   303  C  C     . GLU A 1 40  ? -4.672  -14.133 6.130   1.00 29.61 ? 40   GLU A C     1 
ATOM   304  O  O     . GLU A 1 40  ? -5.472  -14.639 5.371   1.00 29.82 ? 40   GLU A O     1 
ATOM   305  C  CB    . GLU A 1 40  ? -5.078  -11.992 7.360   1.00 27.82 ? 40   GLU A CB    1 
ATOM   306  N  N     . PRO A 1 41  ? -3.881  -14.862 6.952   1.00 31.88 ? 41   PRO A N     1 
ATOM   307  C  CA    . PRO A 1 41  ? -3.941  -16.322 7.153   1.00 33.17 ? 41   PRO A CA    1 
ATOM   308  C  C     . PRO A 1 41  ? -5.359  -16.792 7.032   1.00 33.87 ? 41   PRO A C     1 
ATOM   309  O  O     . PRO A 1 41  ? -6.145  -16.386 7.907   1.00 35.03 ? 41   PRO A O     1 
ATOM   310  C  CB    . PRO A 1 41  ? -3.433  -16.462 8.582   1.00 33.53 ? 41   PRO A CB    1 
ATOM   311  C  CG    . PRO A 1 41  ? -2.222  -15.576 8.548   1.00 34.15 ? 41   PRO A CG    1 
ATOM   312  C  CD    . PRO A 1 41  ? -2.804  -14.298 7.768   1.00 32.85 ? 41   PRO A CD    1 
ATOM   313  N  N     . ARG A 1 56  ? -10.083 -19.656 -2.935  1.00 33.48 ? 56   ARG A N     1 
ATOM   314  C  CA    . ARG A 1 56  ? -10.817 -19.437 -1.692  1.00 32.61 ? 56   ARG A CA    1 
ATOM   315  C  C     . ARG A 1 56  ? -11.558 -18.094 -1.737  1.00 31.33 ? 56   ARG A C     1 
ATOM   316  O  O     . ARG A 1 56  ? -11.326 -17.212 -2.611  1.00 31.47 ? 56   ARG A O     1 
ATOM   317  N  N     . ARG A 1 57  ? -12.492 -17.961 -0.821  1.00 29.67 ? 57   ARG A N     1 
ATOM   318  C  CA    . ARG A 1 57  ? -13.251 -16.759 -0.615  1.00 30.10 ? 57   ARG A CA    1 
ATOM   319  C  C     . ARG A 1 57  ? -12.369 -15.585 -0.205  1.00 28.58 ? 57   ARG A C     1 
ATOM   320  O  O     . ARG A 1 57  ? -12.621 -14.449 -0.571  1.00 26.88 ? 57   ARG A O     1 
ATOM   321  C  CB    . ARG A 1 57  ? -14.224 -16.954 0.531   1.00 31.64 ? 57   ARG A CB    1 
ATOM   322  C  CG    . ARG A 1 57  ? -15.657 -16.560 0.138   1.00 34.05 ? 57   ARG A CG    1 
ATOM   323  C  CD    . ARG A 1 57  ? -16.330 -17.727 -0.581  1.00 36.98 ? 57   ARG A CD    1 
ATOM   324  N  NE    . ARG A 1 57  ? -16.069 -17.851 -2.026  1.00 39.33 ? 57   ARG A NE    1 
ATOM   325  C  CZ    . ARG A 1 57  ? -16.465 -18.904 -2.769  1.00 39.18 ? 57   ARG A CZ    1 
ATOM   326  N  NH1   . ARG A 1 57  ? -17.119 -19.920 -2.191  1.00 39.85 ? 57   ARG A NH1   1 
ATOM   327  N  NH2   . ARG A 1 57  ? -16.232 -18.947 -4.084  1.00 37.87 ? 57   ARG A NH2   1 
ATOM   328  N  N     . ARG A 1 58  ? -11.377 -15.849 0.635   1.00 26.86 ? 58   ARG A N     1 
ATOM   329  C  CA    . ARG A 1 58  ? -10.451 -14.809 1.118   1.00 25.96 ? 58   ARG A CA    1 
ATOM   330  C  C     . ARG A 1 58  ? -9.679  -14.254 -0.099  1.00 24.40 ? 58   ARG A C     1 
ATOM   331  O  O     . ARG A 1 58  ? -9.491  -13.052 -0.237  1.00 23.34 ? 58   ARG A O     1 
ATOM   332  C  CB    . ARG A 1 58  ? -9.481  -15.505 2.111   1.00 27.31 ? 58   ARG A CB    1 
ATOM   333  C  CG    . ARG A 1 58  ? -8.359  -14.694 2.629   1.00 29.29 ? 58   ARG A CG    1 
ATOM   334  C  CD    . ARG A 1 58  ? -8.645  -14.104 4.043   1.00 31.68 ? 58   ARG A CD    1 
ATOM   335  N  NE    . ARG A 1 58  ? -8.390  -12.660 3.855   1.00 33.82 ? 58   ARG A NE    1 
ATOM   336  C  CZ    . ARG A 1 58  ? -8.096  -11.745 4.757   1.00 30.29 ? 58   ARG A CZ    1 
ATOM   337  N  NH1   . ARG A 1 58  ? -8.007  -12.039 6.061   1.00 35.11 ? 58   ARG A NH1   1 
ATOM   338  N  NH2   . ARG A 1 58  ? -7.857  -10.574 4.326   1.00 32.00 ? 58   ARG A NH2   1 
ATOM   339  N  N     . LEU A 1 59  ? -9.219  -15.155 -0.947  1.00 22.20 ? 59   LEU A N     1 
ATOM   340  C  CA    . LEU A 1 59  ? -8.525  -14.761 -2.127  1.00 22.01 ? 59   LEU A CA    1 
ATOM   341  C  C     . LEU A 1 59  ? -9.469  -13.977 -3.051  1.00 20.68 ? 59   LEU A C     1 
ATOM   342  O  O     . LEU A 1 59  ? -9.045  -12.971 -3.658  1.00 20.40 ? 59   LEU A O     1 
ATOM   343  C  CB    . LEU A 1 59  ? -7.892  -15.954 -2.923  1.00 23.77 ? 59   LEU A CB    1 
ATOM   344  C  CG    . LEU A 1 59  ? -6.623  -16.583 -2.334  1.00 26.67 ? 59   LEU A CG    1 
ATOM   345  C  CD1   . LEU A 1 59  ? -6.256  -17.820 -3.211  1.00 26.96 ? 59   LEU A CD1   1 
ATOM   346  C  CD2   . LEU A 1 59  ? -5.496  -15.456 -2.276  1.00 27.77 ? 59   LEU A CD2   1 
ATOM   347  N  N     . GLU A 1 60  ? -10.702 -14.430 -3.249  1.00 20.03 ? 60   GLU A N     1 
ATOM   348  C  CA    . GLU A 1 60  ? -11.651 -13.674 -4.087  1.00 19.46 ? 60   GLU A CA    1 
ATOM   349  C  C     . GLU A 1 60  ? -11.806 -12.233 -3.594  1.00 18.49 ? 60   GLU A C     1 
ATOM   350  O  O     . GLU A 1 60  ? -11.686 -11.296 -4.363  1.00 17.58 ? 60   GLU A O     1 
ATOM   351  C  CB    . GLU A 1 60  ? -13.056 -14.354 -4.109  1.00 21.76 ? 60   GLU A CB    1 
ATOM   352  C  CG    . GLU A 1 60  ? -13.095 -15.570 -5.001  1.00 25.30 ? 60   GLU A CG    1 
ATOM   353  C  CD    . GLU A 1 60  ? -14.141 -16.590 -4.541  1.00 26.67 ? 60   GLU A CD    1 
ATOM   354  O  OE1   . GLU A 1 60  ? -14.023 -17.782 -5.024  1.00 29.08 ? 60   GLU A OE1   1 
ATOM   355  O  OE2   . GLU A 1 60  ? -15.072 -16.178 -3.765  1.00 28.76 ? 60   GLU A OE2   1 
ATOM   356  N  N     . ARG A 1 61  ? -12.085 -12.053 -2.313  1.00 17.07 ? 61   ARG A N     1 
ATOM   357  C  CA    . ARG A 1 61  ? -12.286 -10.719 -1.756  1.00 16.77 ? 61   ARG A CA    1 
ATOM   358  C  C     . ARG A 1 61  ? -11.024 -9.941  -1.923  1.00 14.89 ? 61   ARG A C     1 
ATOM   359  O  O     . ARG A 1 61  ? -11.054 -8.804  -2.309  1.00 14.70 ? 61   ARG A O     1 
ATOM   360  C  CB    . ARG A 1 61  ? -12.659 -10.825 -0.281  1.00 18.94 ? 61   ARG A CB    1 
ATOM   361  C  CG    . ARG A 1 61  ? -12.709 -9.490  0.442   1.00 20.46 ? 61   ARG A CG    1 
ATOM   362  C  CD    . ARG A 1 61  ? -12.973 -9.778  1.909   1.00 23.79 ? 61   ARG A CD    1 
ATOM   363  N  NE    . ARG A 1 61  ? -14.074 -9.069  2.519   1.00 30.49 ? 61   ARG A NE    1 
ATOM   364  C  CZ    . ARG A 1 61  ? -15.316 -9.509  2.809   1.00 32.46 ? 61   ARG A CZ    1 
ATOM   365  N  NH1   . ARG A 1 61  ? -15.749 -10.733 2.520   1.00 35.75 ? 61   ARG A NH1   1 
ATOM   366  N  NH2   . ARG A 1 61  ? -16.113 -8.735  3.555   1.00 32.87 ? 61   ARG A NH2   1 
ATOM   367  N  N     . ALA A 1 62  ? -9.871  -10.573 -1.659  1.00 15.39 ? 62   ALA A N     1 
ATOM   368  C  CA    . ALA A 1 62  ? -8.637  -9.849  -1.765  1.00 14.46 ? 62   ALA A CA    1 
ATOM   369  C  C     . ALA A 1 62  ? -8.304  -9.353  -3.203  1.00 14.07 ? 62   ALA A C     1 
ATOM   370  O  O     . ALA A 1 62  ? -7.754  -8.221  -3.440  1.00 14.82 ? 62   ALA A O     1 
ATOM   371  C  CB    . ALA A 1 62  ? -7.537  -10.718 -1.216  1.00 15.23 ? 62   ALA A CB    1 
ATOM   372  N  N     . GLU A 1 63  ? -8.590  -10.243 -4.170  1.00 14.15 ? 63   GLU A N     1 
ATOM   373  C  CA    . GLU A 1 63  ? -8.328  -9.845  -5.550  1.00 13.82 ? 63   GLU A CA    1 
ATOM   374  C  C     . GLU A 1 63  ? -9.264  -8.680  -5.898  1.00 13.48 ? 63   GLU A C     1 
ATOM   375  O  O     . GLU A 1 63  ? -8.857  -7.808  -6.673  1.00 13.00 ? 63   GLU A O     1 
ATOM   376  C  CB    . GLU A 1 63  ? -8.694  -10.992 -6.502  1.00 16.89 ? 63   GLU A CB    1 
ATOM   377  C  CG    . GLU A 1 63  ? -7.726  -12.099 -6.491  1.00 21.32 ? 63   GLU A CG    1 
ATOM   378  C  CD    . GLU A 1 63  ? -7.957  -12.983 -7.657  1.00 25.57 ? 63   GLU A CD    1 
ATOM   379  O  OE1   . GLU A 1 63  ? -7.821  -14.169 -7.491  1.00 30.36 ? 63   GLU A OE1   1 
ATOM   380  O  OE2   . GLU A 1 63  ? -8.239  -12.483 -8.741  1.00 26.73 ? 63   GLU A OE2   1 
ATOM   381  N  N     . GLY A 1 64  ? -10.484 -8.692  -5.410  1.00 12.60 ? 64   GLY A N     1 
ATOM   382  C  CA    . GLY A 1 64  ? -11.379 -7.534  -5.664  1.00 12.84 ? 64   GLY A CA    1 
ATOM   383  C  C     . GLY A 1 64  ? -10.813 -6.183  -5.147  1.00 12.31 ? 64   GLY A C     1 
ATOM   384  O  O     . GLY A 1 64  ? -10.799 -5.124  -5.840  1.00 13.73 ? 64   GLY A O     1 
ATOM   385  N  N     . VAL A 1 65  ? -10.311 -6.223  -3.913  1.00 13.26 ? 65   VAL A N     1 
ATOM   386  C  CA    . VAL A 1 65  ? -9.708  -5.031  -3.304  1.00 13.32 ? 65   VAL A CA    1 
ATOM   387  C  C     . VAL A 1 65  ? -8.529  -4.559  -4.130  1.00 13.47 ? 65   VAL A C     1 
ATOM   388  O  O     . VAL A 1 65  ? -8.387  -3.392  -4.390  1.00 13.78 ? 65   VAL A O     1 
ATOM   389  C  CB    . VAL A 1 65  ? -9.317  -5.339  -1.849  1.00 13.45 ? 65   VAL A CB    1 
ATOM   390  C  CG1   . VAL A 1 65  ? -8.471  -4.155  -1.286  1.00 15.18 ? 65   VAL A CG1   1 
ATOM   391  C  CG2   . VAL A 1 65  ? -10.565 -5.425  -0.985  1.00 13.81 ? 65   VAL A CG2   1 
ATOM   392  N  N     . LEU A 1 66  ? -7.648  -5.462  -4.561  1.00 12.63 ? 66   LEU A N     1 
ATOM   393  C  CA    . LEU A 1 66  ? -6.529  -5.142  -5.396  1.00 12.89 ? 66   LEU A CA    1 
ATOM   394  C  C     . LEU A 1 66  ? -6.980  -4.661  -6.744  1.00 14.74 ? 66   LEU A C     1 
ATOM   395  O  O     . LEU A 1 66  ? -6.351  -3.726  -7.244  1.00 16.02 ? 66   LEU A O     1 
ATOM   396  C  CB    . LEU A 1 66  ? -5.635  -6.387  -5.582  1.00 12.86 ? 66   LEU A CB    1 
ATOM   397  C  CG    . LEU A 1 66  ? -4.307  -6.115  -6.297  1.00 11.88 ? 66   LEU A CG    1 
ATOM   398  C  CD1   . LEU A 1 66  ? -3.424  -5.118  -5.475  1.00 13.18 ? 66   LEU A CD1   1 
ATOM   399  C  CD2   . LEU A 1 66  ? -3.611  -7.439  -6.407  1.00 15.23 ? 66   LEU A CD2   1 
ATOM   400  N  N     . GLU A 1 67  ? -8.073  -5.219  -7.329  1.00 15.44 ? 67   GLU A N     1 
ATOM   401  C  CA    . GLU A 1 67  ? -8.563  -4.654  -8.592  1.00 16.61 ? 67   GLU A CA    1 
ATOM   402  C  C     . GLU A 1 67  ? -8.948  -3.163  -8.421  1.00 14.53 ? 67   GLU A C     1 
ATOM   403  O  O     . GLU A 1 67  ? -8.725  -2.328  -9.363  1.00 15.85 ? 67   GLU A O     1 
ATOM   404  C  CB    . GLU A 1 67  ? -9.863  -5.357  -9.134  1.00 19.29 ? 67   GLU A CB    1 
ATOM   405  C  CG    . GLU A 1 67  ? -9.651  -6.696  -9.618  1.00 23.59 ? 67   GLU A CG    1 
ATOM   406  C  CD    . GLU A 1 67  ? -10.818 -7.237  -10.443 1.00 25.56 ? 67   GLU A CD    1 
ATOM   407  O  OE1   . GLU A 1 67  ? -11.778 -6.533  -10.755 1.00 27.58 ? 67   GLU A OE1   1 
ATOM   408  O  OE2   . GLU A 1 67  ? -10.710 -8.419  -10.834 1.00 28.25 ? 67   GLU A OE2   1 
ATOM   409  N  N     . GLU A 1 68  ? -9.519  -2.817  -7.290  1.00 13.41 ? 68   GLU A N     1 
ATOM   410  C  CA    . GLU A 1 68  ? -9.851  -1.436  -7.108  1.00 13.61 ? 68   GLU A CA    1 
ATOM   411  C  C     . GLU A 1 68  ? -8.561  -0.559  -7.005  1.00 14.42 ? 68   GLU A C     1 
ATOM   412  O  O     . GLU A 1 68  ? -8.485  0.516   -7.581  1.00 15.01 ? 68   GLU A O     1 
ATOM   413  C  CB    . GLU A 1 68  ? -10.725 -1.279  -5.909  1.00 13.72 ? 68   GLU A CB    1 
ATOM   414  C  CG    . GLU A 1 68  ? -10.914 0.168   -5.598  1.00 13.97 ? 68   GLU A CG    1 
ATOM   415  C  CD    . GLU A 1 68  ? -11.829 0.313   -4.394  1.00 14.28 ? 68   GLU A CD    1 
ATOM   416  O  OE1   . GLU A 1 68  ? -13.086 0.197   -4.409  1.00 14.62 ? 68   GLU A OE1   1 
ATOM   417  O  OE2   . GLU A 1 68  ? -11.362 0.527   -3.236  1.00 15.07 ? 68   GLU A OE2   1 
ATOM   418  N  N     . ALA A 1 69  ? -7.528  -1.056  -6.335  1.00 12.32 ? 69   ALA A N     1 
ATOM   419  C  CA    . ALA A 1 69  ? -6.322  -0.255  -6.291  1.00 11.84 ? 69   ALA A CA    1 
ATOM   420  C  C     . ALA A 1 69  ? -5.742  -0.057  -7.686  1.00 12.88 ? 69   ALA A C     1 
ATOM   421  O  O     . ALA A 1 69  ? -5.257  1.000   -7.972  1.00 13.21 ? 69   ALA A O     1 
ATOM   422  C  CB    . ALA A 1 69  ? -5.271  -0.922  -5.402  1.00 13.64 ? 69   ALA A CB    1 
ATOM   423  N  N     . ARG A 1 70  ? -5.867  -1.082  -8.529  1.00 13.54 ? 70   ARG A N     1 
ATOM   424  C  CA    . ARG A 1 70  ? -5.333  -0.978  -9.875  1.00 15.61 ? 70   ARG A CA    1 
ATOM   425  C  C     . ARG A 1 70  ? -6.181  0.007   -10.665 1.00 18.61 ? 70   ARG A C     1 
ATOM   426  O  O     . ARG A 1 70  ? -5.618  0.793   -11.442 1.00 19.15 ? 70   ARG A O     1 
ATOM   427  C  CB    . ARG A 1 70  ? -5.325  -2.313  -10.605 1.00 18.73 ? 70   ARG A CB    1 
ATOM   428  C  CG    . ARG A 1 70  ? -4.394  -2.269  -11.787 1.00 21.30 ? 70   ARG A CG    1 
ATOM   429  C  CD    . ARG A 1 70  ? -4.069  -3.668  -12.457 1.00 25.58 ? 70   ARG A CD    1 
ATOM   430  N  NE    . ARG A 1 70  ? -4.057  -3.425  -13.922 1.00 29.42 ? 70   ARG A NE    1 
ATOM   431  C  CZ    . ARG A 1 70  ? -4.946  -3.918  -14.776 1.00 32.18 ? 70   ARG A CZ    1 
ATOM   432  N  NH1   . ARG A 1 70  ? -5.913  -4.715  -14.343 1.00 33.22 ? 70   ARG A NH1   1 
ATOM   433  N  NH2   . ARG A 1 70  ? -4.864  -3.595  -16.068 1.00 34.45 ? 70   ARG A NH2   1 
ATOM   434  N  N     . ALA A 1 71  ? -7.473  0.046   -10.381 1.00 16.91 ? 71   ALA A N     1 
ATOM   435  C  CA    . ALA A 1 71  ? -8.391  0.954   -11.104 1.00 19.74 ? 71   ALA A CA    1 
ATOM   436  C  C     . ALA A 1 71  ? -8.040  2.386   -10.790 1.00 19.80 ? 71   ALA A C     1 
ATOM   437  O  O     . ALA A 1 71  ? -7.949  3.257   -11.699 1.00 20.48 ? 71   ALA A O     1 
ATOM   438  C  CB    . ALA A 1 71  ? -9.837  0.712   -10.631 1.00 19.97 ? 71   ALA A CB    1 
ATOM   439  N  N     . LEU A 1 72  ? -7.765  2.641   -9.525  1.00 17.69 ? 72   LEU A N     1 
ATOM   440  C  CA    . LEU A 1 72  ? -7.548  3.987   -9.063  1.00 18.47 ? 72   LEU A CA    1 
ATOM   441  C  C     . LEU A 1 72  ? -6.212  4.500   -9.442  1.00 18.00 ? 72   LEU A C     1 
ATOM   442  O  O     . LEU A 1 72  ? -6.063  5.733   -9.612  1.00 21.96 ? 72   LEU A O     1 
ATOM   443  C  CB    . LEU A 1 72  ? -7.688  4.073   -7.579  1.00 18.49 ? 72   LEU A CB    1 
ATOM   444  C  CG    . LEU A 1 72  ? -9.073  4.370   -7.053  1.00 21.16 ? 72   LEU A CG    1 
ATOM   445  C  CD1   . LEU A 1 72  ? -10.115 3.547   -7.658  1.00 21.69 ? 72   LEU A CD1   1 
ATOM   446  C  CD2   . LEU A 1 72  ? -9.014  4.064   -5.621  1.00 22.05 ? 72   LEU A CD2   1 
ATOM   447  N  N     . THR A 1 73  ? -5.240  3.632   -9.651  1.00 17.08 ? 73   THR A N     1 
ATOM   448  C  CA    . THR A 1 73  ? -3.892  4.086   -9.984  1.00 16.54 ? 73   THR A CA    1 
ATOM   449  C  C     . THR A 1 73  ? -3.432  3.863   -11.452 1.00 17.73 ? 73   THR A C     1 
ATOM   450  O  O     . THR A 1 73  ? -2.400  4.430   -11.908 1.00 18.27 ? 73   THR A O     1 
ATOM   451  C  CB    . THR A 1 73  ? -2.846  3.334   -9.142  1.00 14.88 ? 73   THR A CB    1 
ATOM   452  O  OG1   . THR A 1 73  ? -3.002  1.937   -9.391  1.00 14.87 ? 73   THR A OG1   1 
ATOM   453  C  CG2   . THR A 1 73  ? -3.065  3.541   -7.567  1.00 15.72 ? 73   THR A CG2   1 
ATOM   454  N  N     . GLY A 1 74  ? -4.121  3.011   -12.183 1.00 16.80 ? 74   GLY A N     1 
ATOM   455  C  CA    . GLY A 1 74  ? -3.732  2.713   -13.558 1.00 18.89 ? 74   GLY A CA    1 
ATOM   456  C  C     . GLY A 1 74  ? -2.466  1.886   -13.796 1.00 21.38 ? 74   GLY A C     1 
ATOM   457  O  O     . GLY A 1 74  ? -1.957  1.791   -14.934 1.00 21.78 ? 74   GLY A O     1 
ATOM   458  N  N     . VAL A 1 75  ? -1.985  1.223   -12.761 1.00 19.73 ? 75   VAL A N     1 
ATOM   459  C  CA    . VAL A 1 75  ? -0.759  0.433   -12.934 1.00 19.57 ? 75   VAL A CA    1 
ATOM   460  C  C     . VAL A 1 75  ? -0.906  -0.865  -13.754 1.00 20.30 ? 75   VAL A C     1 
ATOM   461  O  O     . VAL A 1 75  ? -1.986  -1.487  -13.786 1.00 22.67 ? 75   VAL A O     1 
ATOM   462  C  CB    . VAL A 1 75  ? -0.135  0.073   -11.507 1.00 18.26 ? 75   VAL A CB    1 
ATOM   463  C  CG1   . VAL A 1 75  ? 0.313   1.365   -10.779 1.00 18.55 ? 75   VAL A CG1   1 
ATOM   464  C  CG2   . VAL A 1 75  ? -1.072  -0.750  -10.689 1.00 18.05 ? 75   VAL A CG2   1 
ATOM   465  N  N     . PRO A 1 76  ? 0.177   -1.340  -14.397 1.00 21.23 ? 76   PRO A N     1 
ATOM   466  C  CA    . PRO A 1 76  ? -0.057  -2.607  -15.127 1.00 21.71 ? 76   PRO A CA    1 
ATOM   467  C  C     . PRO A 1 76  ? -0.208  -3.822  -14.159 1.00 21.32 ? 76   PRO A C     1 
ATOM   468  O  O     . PRO A 1 76  ? 0.195   -3.770  -13.002 1.00 19.84 ? 76   PRO A O     1 
ATOM   469  C  CB    . PRO A 1 76  ? 1.153   -2.714  -16.043 1.00 22.32 ? 76   PRO A CB    1 
ATOM   470  C  CG    . PRO A 1 76  ? 2.111   -1.971  -15.515 1.00 20.96 ? 76   PRO A CG    1 
ATOM   471  C  CD    . PRO A 1 76  ? 1.501   -0.792  -14.700 1.00 22.06 ? 76   PRO A CD    1 
ATOM   472  N  N     . LYS A 1 77  ? -0.748  -4.928  -14.661 1.00 22.28 ? 77   LYS A N     1 
ATOM   473  C  CA    . LYS A 1 77  ? -1.004  -6.124  -13.883 1.00 21.42 ? 77   LYS A CA    1 
ATOM   474  C  C     . LYS A 1 77  ? 0.208   -6.599  -13.152 1.00 20.69 ? 77   LYS A C     1 
ATOM   475  O  O     . LYS A 1 77  ? 0.089   -6.919  -12.019 1.00 20.26 ? 77   LYS A O     1 
ATOM   476  C  CB    . LYS A 1 77  ? -1.449  -7.300  -14.780 1.00 22.64 ? 77   LYS A CB    1 
ATOM   477  C  CG    . LYS A 1 77  ? -2.710  -6.928  -15.521 1.00 23.22 ? 77   LYS A CG    1 
ATOM   478  C  CD    . LYS A 1 77  ? -3.093  -8.138  -16.416 1.00 26.81 ? 77   LYS A CD    1 
ATOM   479  C  CE    . LYS A 1 77  ? -4.558  -8.003  -16.848 1.00 28.84 ? 77   LYS A CE    1 
ATOM   480  N  NZ    . LYS A 1 77  ? -4.642  -8.831  -18.119 1.00 27.65 ? 77   LYS A NZ    1 
ATOM   481  N  N     . GLU A 1 78  ? 1.373   -6.616  -13.778 1.00 19.82 ? 78   GLU A N     1 
ATOM   482  C  CA    . GLU A 1 78  ? 2.549   -7.158  -13.017 1.00 20.25 ? 78   GLU A CA    1 
ATOM   483  C  C     . GLU A 1 78  ? 2.945   -6.245  -11.887 1.00 16.62 ? 78   GLU A C     1 
ATOM   484  O  O     . GLU A 1 78  ? 3.807   -6.648  -11.024 1.00 17.86 ? 78   GLU A O     1 
ATOM   485  C  CB    . GLU A 1 78  ? 3.786   -7.399  -13.922 1.00 21.22 ? 78   GLU A CB    1 
ATOM   486  C  CG    . GLU A 1 78  ? 3.510   -8.433  -14.948 1.00 21.55 ? 78   GLU A CG    1 
ATOM   487  C  CD    . GLU A 1 78  ? 4.621   -8.496  -16.000 1.00 22.97 ? 78   GLU A CD    1 
ATOM   488  O  OE1   . GLU A 1 78  ? 4.539   -7.638  -16.963 1.00 24.86 ? 78   GLU A OE1   1 
ATOM   489  O  OE2   . GLU A 1 78  ? 5.530   -9.396  -15.898 1.00 21.10 ? 78   GLU A OE2   1 
ATOM   490  N  N     . ASP A 1 79  ? 2.327   -5.035  -11.883 1.00 18.17 ? 79   ASP A N     1 
ATOM   491  C  CA    . ASP A 1 79  ? 2.636   -4.066  -10.781 1.00 17.80 ? 79   ASP A CA    1 
ATOM   492  C  C     . ASP A 1 79  ? 1.571   -3.979  -9.692  1.00 17.26 ? 79   ASP A C     1 
ATOM   493  O  O     . ASP A 1 79  ? 1.658   -3.075  -8.861  1.00 16.75 ? 79   ASP A O     1 
ATOM   494  C  CB    . ASP A 1 79  ? 3.026   -2.670  -11.344 1.00 16.04 ? 79   ASP A CB    1 
ATOM   495  C  CG    . ASP A 1 79  ? 4.366   -2.703  -12.138 1.00 20.11 ? 79   ASP A CG    1 
ATOM   496  O  OD1   . ASP A 1 79  ? 4.625   -1.796  -12.928 1.00 20.46 ? 79   ASP A OD1   1 
ATOM   497  O  OD2   . ASP A 1 79  ? 5.155   -3.643  -11.953 1.00 19.85 ? 79   ASP A OD2   1 
ATOM   498  N  N     . ALA A 1 80  ? 0.631   -4.924  -9.650  1.00 15.38 ? 80   ALA A N     1 
ATOM   499  C  CA    . ALA A 1 80  ? -0.452  -4.969  -8.672  1.00 15.78 ? 80   ALA A CA    1 
ATOM   500  C  C     . ALA A 1 80  ? -0.360  -6.364  -8.052  1.00 14.30 ? 80   ALA A C     1 
ATOM   501  O  O     . ALA A 1 80  ? -0.704  -7.384  -8.724  1.00 15.99 ? 80   ALA A O     1 
ATOM   502  C  CB    . ALA A 1 80  ? -1.766  -4.796  -9.339  1.00 12.70 ? 80   ALA A CB    1 
ATOM   503  N  N     . LEU A 1 81  ? 0.019   -6.415  -6.810  1.00 13.38 ? 81   LEU A N     1 
ATOM   504  C  CA    . LEU A 1 81  ? 0.378   -7.685  -6.218  1.00 13.90 ? 81   LEU A CA    1 
ATOM   505  C  C     . LEU A 1 81  ? -0.420  -8.090  -5.064  1.00 15.55 ? 81   LEU A C     1 
ATOM   506  O  O     . LEU A 1 81  ? -0.699  -7.252  -4.185  1.00 13.84 ? 81   LEU A O     1 
ATOM   507  C  CB    . LEU A 1 81  ? 1.834   -7.679  -5.761  1.00 14.82 ? 81   LEU A CB    1 
ATOM   508  C  CG    . LEU A 1 81  ? 2.905   -7.249  -6.768  1.00 16.45 ? 81   LEU A CG    1 
ATOM   509  C  CD1   . LEU A 1 81  ? 4.241   -7.059  -5.940  1.00 17.13 ? 81   LEU A CD1   1 
ATOM   510  C  CD2   . LEU A 1 81  ? 2.887   -8.207  -7.975  1.00 17.47 ? 81   LEU A CD2   1 
ATOM   511  N  N     . LEU A 1 82  ? -0.834  -9.347  -5.042  1.00 14.51 ? 82   LEU A N     1 
ATOM   512  C  CA    . LEU A 1 82  ? -1.540  -9.886  -3.844  1.00 15.50 ? 82   LEU A CA    1 
ATOM   513  C  C     . LEU A 1 82  ? -0.440  -10.543 -2.999  1.00 17.82 ? 82   LEU A C     1 
ATOM   514  O  O     . LEU A 1 82  ? 0.363   -11.367 -3.504  1.00 17.74 ? 82   LEU A O     1 
ATOM   515  C  CB    . LEU A 1 82  ? -2.450  -10.980 -4.309  1.00 17.21 ? 82   LEU A CB    1 
ATOM   516  C  CG    . LEU A 1 82  ? -3.885  -10.901 -4.350  1.00 23.13 ? 82   LEU A CG    1 
ATOM   517  C  CD1   . LEU A 1 82  ? -4.085  -12.125 -3.514  1.00 26.54 ? 82   LEU A CD1   1 
ATOM   518  C  CD2   . LEU A 1 82  ? -4.567  -9.733  -3.709  1.00 22.79 ? 82   LEU A CD2   1 
ATOM   519  N  N     . LEU A 1 83  ? -0.388  -10.256 -1.720  1.00 16.20 ? 83   LEU A N     1 
ATOM   520  C  CA    . LEU A 1 83  ? 0.621   -10.807 -0.764  1.00 15.97 ? 83   LEU A CA    1 
ATOM   521  C  C     . LEU A 1 83  ? -0.103  -11.464 0.408   1.00 16.40 ? 83   LEU A C     1 
ATOM   522  O  O     . LEU A 1 83  ? -1.279  -11.271 0.574   1.00 17.42 ? 83   LEU A O     1 
ATOM   523  C  CB    . LEU A 1 83  ? 1.476   -9.645  -0.233  1.00 20.33 ? 83   LEU A CB    1 
ATOM   524  C  CG    . LEU A 1 83  ? 2.014   -8.660  -1.324  1.00 21.98 ? 83   LEU A CG    1 
ATOM   525  C  CD1   . LEU A 1 83  ? 2.808   -7.416  -0.745  1.00 22.15 ? 83   LEU A CD1   1 
ATOM   526  C  CD2   . LEU A 1 83  ? 2.964   -9.466  -2.097  1.00 23.19 ? 83   LEU A CD2   1 
ATOM   527  N  N     . GLU A 1 84  ? 0.591   -12.290 1.188   1.00 18.72 ? 84   GLU A N     1 
ATOM   528  C  CA    . GLU A 1 84  ? -0.062  -12.948 2.325   1.00 17.88 ? 84   GLU A CA    1 
ATOM   529  C  C     . GLU A 1 84  ? 0.662   -12.689 3.629   1.00 18.81 ? 84   GLU A C     1 
ATOM   530  O  O     . GLU A 1 84  ? 1.837   -12.454 3.672   1.00 19.68 ? 84   GLU A O     1 
ATOM   531  C  CB    . GLU A 1 84  ? -0.196  -14.484 2.050   1.00 21.66 ? 84   GLU A CB    1 
ATOM   532  C  CG    . GLU A 1 84  ? -1.010  -15.293 3.147   1.00 24.38 ? 84   GLU A CG    1 
ATOM   533  C  CD    . GLU A 1 84  ? -0.147  -15.668 4.351   1.00 27.34 ? 84   GLU A CD    1 
ATOM   534  O  OE1   . GLU A 1 84  ? 1.084   -15.657 4.155   1.00 29.14 ? 84   GLU A OE1   1 
ATOM   535  O  OE2   . GLU A 1 84  ? -0.681  -15.958 5.499   1.00 29.93 ? 84   GLU A OE2   1 
ATOM   536  N  N     . GLY A 1 85  ? -0.096  -12.608 4.696   1.00 18.79 ? 85   GLY A N     1 
ATOM   537  C  CA    . GLY A 1 85  ? 0.614   -12.421 5.952   1.00 18.28 ? 85   GLY A CA    1 
ATOM   538  C  C     . GLY A 1 85  ? 0.186   -11.191 6.667   1.00 18.34 ? 85   GLY A C     1 
ATOM   539  O  O     . GLY A 1 85  ? -0.873  -10.629 6.361   1.00 19.43 ? 85   GLY A O     1 
ATOM   540  N  N     . VAL A 1 86  ? 0.919   -10.901 7.724   1.00 15.56 ? 86   VAL A N     1 
ATOM   541  C  CA    . VAL A 1 86  ? 0.665   -9.710  8.532   1.00 13.64 ? 86   VAL A CA    1 
ATOM   542  C  C     . VAL A 1 86  ? 0.941   -8.620  7.461   1.00 13.09 ? 86   VAL A C     1 
ATOM   543  O  O     . VAL A 1 86  ? 1.969   -8.528  6.871   1.00 13.35 ? 86   VAL A O     1 
ATOM   544  C  CB    . VAL A 1 86  ? 1.665   -9.666  9.680   1.00 14.71 ? 86   VAL A CB    1 
ATOM   545  C  CG1   . VAL A 1 86  ? 1.730   -8.300  10.342  1.00 15.05 ? 86   VAL A CG1   1 
ATOM   546  C  CG2   . VAL A 1 86  ? 1.302   -10.757 10.658  1.00 15.65 ? 86   VAL A CG2   1 
ATOM   547  N  N     . PRO A 1 87  ? -0.033  -7.732  7.276   1.00 11.33 ? 87   PRO A N     1 
ATOM   548  C  CA    . PRO A 1 87  ? 0.148   -6.720  6.253   1.00 11.41 ? 87   PRO A CA    1 
ATOM   549  C  C     . PRO A 1 87  ? 1.456   -5.997  6.220   1.00 10.35 ? 87   PRO A C     1 
ATOM   550  O  O     . PRO A 1 87  ? 2.179   -5.915  5.243   1.00 11.55 ? 87   PRO A O     1 
ATOM   551  C  CB    . PRO A 1 87  ? -1.123  -5.822  6.451   1.00 10.29 ? 87   PRO A CB    1 
ATOM   552  C  CG    . PRO A 1 87  ? -2.097  -6.750  6.899   1.00 11.53 ? 87   PRO A CG    1 
ATOM   553  C  CD    . PRO A 1 87  ? -1.353  -7.623  7.928   1.00 13.01 ? 87   PRO A CD    1 
ATOM   554  N  N     . ALA A 1 88  ? 1.864   -5.426  7.375   1.00 10.82 ? 88   ALA A N     1 
ATOM   555  C  CA    . ALA A 1 88  ? 3.097   -4.731  7.388   1.00 10.82 ? 88   ALA A CA    1 
ATOM   556  C  C     . ALA A 1 88  ? 4.342   -5.580  6.980   1.00 12.15 ? 88   ALA A C     1 
ATOM   557  O  O     . ALA A 1 88  ? 5.201   -5.073  6.283   1.00 12.34 ? 88   ALA A O     1 
ATOM   558  C  CB    . ALA A 1 88  ? 3.400   -4.150  8.793   1.00 10.64 ? 88   ALA A CB    1 
ATOM   559  N  N     . GLU A 1 89  ? 4.358   -6.833  7.407   1.00 12.45 ? 89   GLU A N     1 
ATOM   560  C  CA    . GLU A 1 89  ? 5.468   -7.707  7.025   1.00 15.49 ? 89   GLU A CA    1 
ATOM   561  C  C     . GLU A 1 89  ? 5.495   -7.921  5.483   1.00 13.38 ? 89   GLU A C     1 
ATOM   562  O  O     . GLU A 1 89  ? 6.558   -7.873  4.820   1.00 14.68 ? 89   GLU A O     1 
ATOM   563  C  CB    . GLU A 1 89  ? 5.295   -9.053  7.734   1.00 19.08 ? 89   GLU A CB    1 
ATOM   564  C  CG    . GLU A 1 89  ? 5.629   -8.792  9.172   1.00 25.15 ? 89   GLU A CG    1 
ATOM   565  C  CD    . GLU A 1 89  ? 7.080   -8.498  9.345   1.00 28.68 ? 89   GLU A CD    1 
ATOM   566  O  OE1   . GLU A 1 89  ? 7.815   -9.487  9.138   1.00 33.75 ? 89   GLU A OE1   1 
ATOM   567  O  OE2   . GLU A 1 89  ? 7.450   -7.329  9.656   1.00 29.13 ? 89   GLU A OE2   1 
ATOM   568  N  N     . ALA A 1 90  ? 4.284   -8.079  4.920   1.00 12.67 ? 90   ALA A N     1 
ATOM   569  C  CA    . ALA A 1 90  ? 4.146   -8.290  3.476   1.00 12.89 ? 90   ALA A CA    1 
ATOM   570  C  C     . ALA A 1 90  ? 4.563   -7.035  2.742   1.00 13.74 ? 90   ALA A C     1 
ATOM   571  O  O     . ALA A 1 90  ? 5.228   -7.078  1.715   1.00 14.13 ? 90   ALA A O     1 
ATOM   572  C  CB    . ALA A 1 90  ? 2.707   -8.617  3.114   1.00 15.38 ? 90   ALA A CB    1 
ATOM   573  N  N     . ILE A 1 91  ? 4.061   -5.897  3.179   1.00 12.29 ? 91   ILE A N     1 
ATOM   574  C  CA    . ILE A 1 91  ? 4.469   -4.621  2.580   1.00 12.49 ? 91   ILE A CA    1 
ATOM   575  C  C     . ILE A 1 91  ? 5.987   -4.434  2.595   1.00 11.75 ? 91   ILE A C     1 
ATOM   576  O  O     . ILE A 1 91  ? 6.572   -4.001  1.603   1.00 12.37 ? 91   ILE A O     1 
ATOM   577  C  CB    . ILE A 1 91  ? 3.727   -3.416  3.380   1.00 11.94 ? 91   ILE A CB    1 
ATOM   578  C  CG1   . ILE A 1 91  ? 2.190   -3.400  3.071   1.00 14.11 ? 91   ILE A CG1   1 
ATOM   579  C  CG2   . ILE A 1 91  ? 4.185   -2.001  2.939   1.00 13.61 ? 91   ILE A CG2   1 
ATOM   580  C  CD1   . ILE A 1 91  ? 1.690   -4.620  3.045   1.00 22.09 ? 91   ILE A CD1   1 
ATOM   581  N  N     . LEU A 1 92  ? 6.615   -4.663  3.770   1.00 12.04 ? 92   LEU A N     1 
ATOM   582  C  CA    . LEU A 1 92  ? 8.048   -4.455  3.896   1.00 10.86 ? 92   LEU A CA    1 
ATOM   583  C  C     . LEU A 1 92  ? 8.808   -5.451  2.971   1.00 11.58 ? 92   LEU A C     1 
ATOM   584  O  O     . LEU A 1 92  ? 9.816   -4.977  2.332   1.00 13.17 ? 92   LEU A O     1 
ATOM   585  C  CB    . LEU A 1 92  ? 8.465   -4.671  5.347   1.00 12.85 ? 92   LEU A CB    1 
ATOM   586  C  CG    . LEU A 1 92  ? 7.985   -3.476  6.193   1.00 13.72 ? 92   LEU A CG    1 
ATOM   587  C  CD1   . LEU A 1 92  ? 8.045   -3.892  7.658   1.00 15.34 ? 92   LEU A CD1   1 
ATOM   588  C  CD2   . LEU A 1 92  ? 8.772   -2.228  5.998   1.00 12.97 ? 92   LEU A CD2   1 
ATOM   589  N  N     . GLN A 1 93  ? 8.323   -6.673  2.910   1.00 11.79 ? 93   GLN A N     1 
ATOM   590  C  CA    . GLN A 1 93  ? 9.019   -7.616  2.023   1.00 15.08 ? 93   GLN A CA    1 
ATOM   591  C  C     . GLN A 1 93  ? 8.957   -7.156  0.610   1.00 14.98 ? 93   GLN A C     1 
ATOM   592  O  O     . GLN A 1 93  ? 9.951   -7.169  -0.110  1.00 15.64 ? 93   GLN A O     1 
ATOM   593  C  CB    . GLN A 1 93  ? 8.466   -8.996  2.150   1.00 17.52 ? 93   GLN A CB    1 
ATOM   594  C  CG    . GLN A 1 93  ? 9.336   -9.906  1.205   1.00 24.17 ? 93   GLN A CG    1 
ATOM   595  C  CD    . GLN A 1 93  ? 9.679   -11.287 1.747   1.00 29.90 ? 93   GLN A CD    1 
ATOM   596  O  OE1   . GLN A 1 93  ? 10.454  -11.407 2.712   1.00 34.46 ? 93   GLN A OE1   1 
ATOM   597  N  NE2   . GLN A 1 93  ? 9.134   -12.344 1.120   1.00 31.64 ? 93   GLN A NE2   1 
ATOM   598  N  N     . ALA A 1 94  ? 7.783   -6.774  0.168   1.00 13.58 ? 94   ALA A N     1 
ATOM   599  C  CA    . ALA A 1 94  ? 7.654   -6.244  -1.221  1.00 12.77 ? 94   ALA A CA    1 
ATOM   600  C  C     . ALA A 1 94  ? 8.426   -4.988  -1.470  1.00 12.32 ? 94   ALA A C     1 
ATOM   601  O  O     . ALA A 1 94  ? 8.931   -4.713  -2.572  1.00 12.48 ? 94   ALA A O     1 
ATOM   602  C  CB    . ALA A 1 94  ? 6.212   -5.957  -1.521  1.00 14.71 ? 94   ALA A CB    1 
ATOM   603  N  N     . ALA A 1 95  ? 8.491   -4.105  -0.478  1.00 11.80 ? 95   ALA A N     1 
ATOM   604  C  CA    . ALA A 1 95  ? 9.220   -2.852  -0.675  1.00 13.15 ? 95   ALA A CA    1 
ATOM   605  C  C     . ALA A 1 95  ? 10.727  -3.206  -0.855  1.00 15.07 ? 95   ALA A C     1 
ATOM   606  O  O     . ALA A 1 95  ? 11.365  -2.555  -1.655  1.00 16.60 ? 95   ALA A O     1 
ATOM   607  C  CB    . ALA A 1 95  ? 9.075   -1.940  0.558   1.00 14.71 ? 95   ALA A CB    1 
ATOM   608  N  N     . ARG A 1 96  ? 11.240  -4.178  -0.108  1.00 16.28 ? 96   ARG A N     1 
ATOM   609  C  CA    . ARG A 1 96  ? 12.666  -4.520  -0.235  1.00 18.24 ? 96   ARG A CA    1 
ATOM   610  C  C     . ARG A 1 96  ? 12.897  -5.193  -1.575  1.00 19.74 ? 96   ARG A C     1 
ATOM   611  O  O     . ARG A 1 96  ? 13.870  -4.836  -2.307  1.00 20.65 ? 96   ARG A O     1 
ATOM   612  C  CB    . ARG A 1 96  ? 13.092  -5.446  0.924   1.00 20.52 ? 96   ARG A CB    1 
ATOM   613  C  CG    . ARG A 1 96  ? 13.078  -4.729  2.275   1.00 22.56 ? 96   ARG A CG    1 
ATOM   614  C  CD    . ARG A 1 96  ? 13.753  -5.516  3.418   1.00 24.44 ? 96   ARG A CD    1 
ATOM   615  N  NE    . ARG A 1 96  ? 13.119  -6.792  3.605   1.00 26.60 ? 96   ARG A NE    1 
ATOM   616  C  CZ    . ARG A 1 96  ? 12.160  -7.017  4.514   1.00 27.13 ? 96   ARG A CZ    1 
ATOM   617  N  NH1   . ARG A 1 96  ? 11.717  -6.076  5.338   1.00 26.98 ? 96   ARG A NH1   1 
ATOM   618  N  NH2   . ARG A 1 96  ? 11.598  -8.181  4.547   1.00 27.54 ? 96   ARG A NH2   1 
ATOM   619  N  N     . ALA A 1 97  ? 12.044  -6.122  -1.911  1.00 18.84 ? 97   ALA A N     1 
ATOM   620  C  CA    . ALA A 1 97  ? 12.151  -6.839  -3.214  1.00 20.69 ? 97   ALA A CA    1 
ATOM   621  C  C     . ALA A 1 97  ? 12.085  -5.947  -4.449  1.00 21.19 ? 97   ALA A C     1 
ATOM   622  O  O     . ALA A 1 97  ? 12.871  -6.124  -5.437  1.00 22.66 ? 97   ALA A O     1 
ATOM   623  C  CB    . ALA A 1 97  ? 11.112  -7.885  -3.284  1.00 17.71 ? 97   ALA A CB    1 
ATOM   624  N  N     . GLU A 1 98  ? 11.204  -4.939  -4.403  1.00 19.61 ? 98   GLU A N     1 
ATOM   625  C  CA    . GLU A 1 98  ? 11.006  -4.017  -5.527  1.00 19.16 ? 98   GLU A CA    1 
ATOM   626  C  C     . GLU A 1 98  ? 11.898  -2.778  -5.418  1.00 16.87 ? 98   GLU A C     1 
ATOM   627  O  O     . GLU A 1 98  ? 11.819  -1.916  -6.293  1.00 16.66 ? 98   GLU A O     1 
ATOM   628  C  CB    . GLU A 1 98  ? 9.524   -3.535  -5.574  1.00 18.82 ? 98   GLU A CB    1 
ATOM   629  C  CG    . GLU A 1 98  ? 8.460   -4.659  -5.767  1.00 19.76 ? 98   GLU A CG    1 
ATOM   630  C  CD    . GLU A 1 98  ? 8.010   -4.906  -7.246  1.00 18.02 ? 98   GLU A CD    1 
ATOM   631  O  OE1   . GLU A 1 98  ? 8.549   -4.324  -8.203  1.00 16.80 ? 98   GLU A OE1   1 
ATOM   632  O  OE2   . GLU A 1 98  ? 7.102   -5.743  -7.428  1.00 18.44 ? 98   GLU A OE2   1 
ATOM   633  N  N     . LYS A 1 99  ? 12.722  -2.703  -4.353  1.00 17.52 ? 99   LYS A N     1 
ATOM   634  C  CA    . LYS A 1 99  ? 13.589  -1.557  -4.101  1.00 18.68 ? 99   LYS A CA    1 
ATOM   635  C  C     . LYS A 1 99  ? 12.783  -0.295  -4.115  1.00 17.35 ? 99   LYS A C     1 
ATOM   636  O  O     . LYS A 1 99  ? 13.137  0.716   -4.691  1.00 19.01 ? 99   LYS A O     1 
ATOM   637  C  CB    . LYS A 1 99  ? 14.698  -1.384  -5.169  1.00 20.43 ? 99   LYS A CB    1 
ATOM   638  C  CG    . LYS A 1 99  ? 15.401  -2.608  -5.460  1.00 25.16 ? 99   LYS A CG    1 
ATOM   639  C  CD    . LYS A 1 99  ? 16.125  -3.115  -4.334  1.00 27.22 ? 99   LYS A CD    1 
ATOM   640  C  CE    . LYS A 1 99  ? 17.521  -3.457  -4.935  1.00 31.44 ? 99   LYS A CE    1 
ATOM   641  N  NZ    . LYS A 1 99  ? 17.395  -4.320  -6.167  1.00 32.86 ? 99   LYS A NZ    1 
ATOM   642  N  N     . ALA A 1 100 ? 11.671  -0.306  -3.369  1.00 17.18 ? 100  ALA A N     1 
ATOM   643  C  CA    . ALA A 1 100 ? 10.898  0.933   -3.292  1.00 16.46 ? 100  ALA A CA    1 
ATOM   644  C  C     . ALA A 1 100 ? 11.692  2.060   -2.640  1.00 16.61 ? 100  ALA A C     1 
ATOM   645  O  O     . ALA A 1 100 ? 12.409  1.849   -1.647  1.00 17.04 ? 100  ALA A O     1 
ATOM   646  C  CB    . ALA A 1 100 ? 9.556   0.690   -2.468  1.00 16.07 ? 100  ALA A CB    1 
ATOM   647  N  N     . ASP A 1 101 ? 11.432  3.267   -3.143  1.00 15.86 ? 101  ASP A N     1 
ATOM   648  C  CA    . ASP A 1 101 ? 12.060  4.500   -2.640  1.00 16.00 ? 101  ASP A CA    1 
ATOM   649  C  C     . ASP A 1 101 ? 11.121  5.295   -1.811  1.00 13.94 ? 101  ASP A C     1 
ATOM   650  O  O     . ASP A 1 101 ? 11.571  6.181   -1.127  1.00 13.75 ? 101  ASP A O     1 
ATOM   651  C  CB    . ASP A 1 101 ? 12.548  5.360   -3.858  1.00 16.72 ? 101  ASP A CB    1 
ATOM   652  C  CG    . ASP A 1 101 ? 13.554  4.594   -4.677  1.00 21.01 ? 101  ASP A CG    1 
ATOM   653  O  OD1   . ASP A 1 101 ? 14.515  4.069   -4.083  1.00 21.51 ? 101  ASP A OD1   1 
ATOM   654  O  OD2   . ASP A 1 101 ? 13.303  4.449   -5.902  1.00 21.64 ? 101  ASP A OD2   1 
ATOM   655  N  N     . LEU A 1 102 ? 9.838   4.915   -1.861  1.00 13.25 ? 102  LEU A N     1 
ATOM   656  C  CA    . LEU A 1 102 ? 8.811   5.595   -1.056  1.00 12.89 ? 102  LEU A CA    1 
ATOM   657  C  C     . LEU A 1 102 ? 7.707   4.550   -0.871  1.00 11.52 ? 102  LEU A C     1 
ATOM   658  O  O     . LEU A 1 102 ? 7.391   3.809   -1.821  1.00 12.52 ? 102  LEU A O     1 
ATOM   659  C  CB    . LEU A 1 102 ? 8.245   6.795   -1.839  1.00 11.96 ? 102  LEU A CB    1 
ATOM   660  C  CG    . LEU A 1 102 ? 7.097   7.566   -1.185  1.00 12.67 ? 102  LEU A CG    1 
ATOM   661  C  CD1   . LEU A 1 102 ? 7.618   8.255   0.086   1.00 13.27 ? 102  LEU A CD1   1 
ATOM   662  C  CD2   . LEU A 1 102 ? 6.470   8.551   -2.150  1.00 11.81 ? 102  LEU A CD2   1 
ATOM   663  N  N     . ILE A 1 103 ? 7.141   4.476   0.316   1.00 10.43 ? 103  ILE A N     1 
ATOM   664  C  CA    . ILE A 1 103 ? 5.957   3.710   0.621   1.00 9.88  ? 103  ILE A CA    1 
ATOM   665  C  C     . ILE A 1 103 ? 4.837   4.717   0.887   1.00 11.03 ? 103  ILE A C     1 
ATOM   666  O  O     . ILE A 1 103 ? 5.125   5.654   1.651   1.00 11.29 ? 103  ILE A O     1 
ATOM   667  C  CB    . ILE A 1 103 ? 6.093   2.843   1.863   1.00 11.32 ? 103  ILE A CB    1 
ATOM   668  C  CG1   . ILE A 1 103 ? 7.151   1.766   1.529   1.00 13.30 ? 103  ILE A CG1   1 
ATOM   669  C  CG2   . ILE A 1 103 ? 4.830   2.237   2.230   1.00 11.66 ? 103  ILE A CG2   1 
ATOM   670  C  CD1   . ILE A 1 103 ? 7.043   1.064   0.440   1.00 22.40 ? 103  ILE A CD1   1 
ATOM   671  N  N     . VAL A 1 104 ? 3.655   4.560   0.256   1.00 10.21 ? 104  VAL A N     1 
ATOM   672  C  CA    . VAL A 1 104 ? 2.551   5.467   0.534   1.00 9.28  ? 104  VAL A CA    1 
ATOM   673  C  C     . VAL A 1 104 ? 1.456   4.628   1.191   1.00 9.23  ? 104  VAL A C     1 
ATOM   674  O  O     . VAL A 1 104 ? 1.167   3.528   0.689   1.00 9.60  ? 104  VAL A O     1 
ATOM   675  C  CB    . VAL A 1 104 ? 2.009   6.055   -0.788  1.00 10.01 ? 104  VAL A CB    1 
ATOM   676  C  CG1   . VAL A 1 104 ? 0.853   7.116   -0.519  1.00 10.38 ? 104  VAL A CG1   1 
ATOM   677  C  CG2   . VAL A 1 104 ? 3.234   6.783   -1.514  1.00 9.91  ? 104  VAL A CG2   1 
ATOM   678  N  N     . MET A 1 105 ? 0.881   5.048   2.343   1.00 9.09  ? 105  MET A N     1 
ATOM   679  C  CA    . MET A 1 105 ? -0.183  4.229   2.890   1.00 9.30  ? 105  MET A CA    1 
ATOM   680  C  C     . MET A 1 105 ? -1.083  5.160   3.772   1.00 9.39  ? 105  MET A C     1 
ATOM   681  O  O     . MET A 1 105 ? -0.646  6.276   4.029   1.00 10.02 ? 105  MET A O     1 
ATOM   682  C  CB    . MET A 1 105 ? 0.441   3.099   3.791   1.00 8.85  ? 105  MET A CB    1 
ATOM   683  C  CG    . MET A 1 105 ? 1.137   3.633   5.040   1.00 8.36  ? 105  MET A CG    1 
ATOM   684  S  SD    . MET A 1 105 ? 2.312   2.287   5.667   1.00 10.87 ? 105  MET A SD    1 
ATOM   685  C  CE    . MET A 1 105 ? 1.100   0.958   6.010   1.00 10.77 ? 105  MET A CE    1 
ATOM   686  N  N     . GLY A 1 106 ? -2.265  4.728   4.161   1.00 9.91  ? 106  GLY A N     1 
ATOM   687  C  CA    . GLY A 1 106 ? -3.065  5.587   5.002   1.00 11.00 ? 106  GLY A CA    1 
ATOM   688  C  C     . GLY A 1 106 ? -2.572  5.612   6.418   1.00 10.44 ? 106  GLY A C     1 
ATOM   689  O  O     . GLY A 1 106 ? -1.836  4.728   6.874   1.00 10.71 ? 106  GLY A O     1 
ATOM   690  N  N     . THR A 1 107 ? -3.011  6.667   7.139   1.00 9.40  ? 107  THR A N     1 
ATOM   691  C  CA    . THR A 1 107 ? -2.690  6.643   8.571   1.00 10.56 ? 107  THR A CA    1 
ATOM   692  C  C     . THR A 1 107 ? -3.491  5.549   9.309   1.00 12.19 ? 107  THR A C     1 
ATOM   693  O  O     . THR A 1 107 ? -3.013  5.031   10.312  1.00 13.65 ? 107  THR A O     1 
ATOM   694  C  CB    . THR A 1 107 ? -3.007  8.037   9.192   1.00 13.02 ? 107  THR A CB    1 
ATOM   695  O  OG1   . THR A 1 107 ? -4.391  8.332   8.801   1.00 14.51 ? 107  THR A OG1   1 
ATOM   696  C  CG2   . THR A 1 107 ? -2.059  9.118   8.730   1.00 12.75 ? 107  THR A CG2   1 
ATOM   697  N  N     . ARG A 1 108 ? -4.761  5.345   8.868   1.00 13.38 ? 108  ARG A N     1 
ATOM   698  C  CA    . ARG A 1 108 ? -5.590  4.309   9.472   1.00 13.48 ? 108  ARG A CA    1 
ATOM   699  C  C     . ARG A 1 108 ? -6.254  3.496   8.323   1.00 11.64 ? 108  ARG A C     1 
ATOM   700  O  O     . ARG A 1 108 ? -6.017  3.795   7.122   1.00 13.22 ? 108  ARG A O     1 
ATOM   701  C  CB    . ARG A 1 108 ? -6.627  4.913   10.426  1.00 16.69 ? 108  ARG A CB    1 
ATOM   702  C  CG    . ARG A 1 108 ? -5.872  5.552   11.621  1.00 19.38 ? 108  ARG A CG    1 
ATOM   703  C  CD    . ARG A 1 108 ? -6.856  6.354   12.469  1.00 23.28 ? 108  ARG A CD    1 
ATOM   704  N  NE    . ARG A 1 108 ? -7.422  5.432   13.422  1.00 26.30 ? 108  ARG A NE    1 
ATOM   705  C  CZ    . ARG A 1 108 ? -8.325  5.798   14.334  1.00 28.94 ? 108  ARG A CZ    1 
ATOM   706  N  NH1   . ARG A 1 108 ? -8.751  7.072   14.325  1.00 29.18 ? 108  ARG A NH1   1 
ATOM   707  N  NH2   . ARG A 1 108 ? -8.742  4.909   15.283  1.00 28.19 ? 108  ARG A NH2   1 
ATOM   708  N  N     . GLY A 1 109 ? -7.079  2.538   8.730   1.00 12.76 ? 109  GLY A N     1 
ATOM   709  C  CA    . GLY A 1 109 ? -7.683  1.620   7.759   1.00 12.05 ? 109  GLY A CA    1 
ATOM   710  C  C     . GLY A 1 109 ? -9.023  1.091   8.204   1.00 14.05 ? 109  GLY A C     1 
ATOM   711  O  O     . GLY A 1 109 ? -9.813  1.760   8.902   1.00 15.17 ? 109  GLY A O     1 
ATOM   712  N  N     . LEU A 1 110 ? -9.293  -0.098  7.739   1.00 13.71 ? 110  LEU A N     1 
ATOM   713  C  CA    . LEU A 1 110 ? -10.576 -0.688  8.028   1.00 14.72 ? 110  LEU A CA    1 
ATOM   714  C  C     . LEU A 1 110 ? -10.774 -0.903  9.452   1.00 15.79 ? 110  LEU A C     1 
ATOM   715  O  O     . LEU A 1 110 ? -11.941 -0.977  9.917   1.00 17.24 ? 110  LEU A O     1 
ATOM   716  C  CB    . LEU A 1 110 ? -10.704 -2.022  7.279   1.00 14.31 ? 110  LEU A CB    1 
ATOM   717  C  CG    . LEU A 1 110 ? -10.712 -1.878  5.756   1.00 15.39 ? 110  LEU A CG    1 
ATOM   718  C  CD1   . LEU A 1 110 ? -10.926 -3.300  5.259   1.00 17.08 ? 110  LEU A CD1   1 
ATOM   719  C  CD2   . LEU A 1 110 ? -11.766 -0.990  5.236   1.00 16.14 ? 110  LEU A CD2   1 
ATOM   720  N  N     . GLY A 1 111 ? -9.721  -1.047  10.228  1.00 15.54 ? 111  GLY A N     1 
ATOM   721  C  CA    . GLY A 1 111 ? -9.875  -1.342  11.649  1.00 17.03 ? 111  GLY A CA    1 
ATOM   722  C  C     . GLY A 1 111 ? -9.973  -0.113  12.553  1.00 16.78 ? 111  GLY A C     1 
ATOM   723  O  O     . GLY A 1 111 ? -9.821  -0.270  13.789  1.00 19.78 ? 111  GLY A O     1 
ATOM   724  N  N     . ALA A 1 112 ? -10.177 1.044   11.977  1.00 18.21 ? 112  ALA A N     1 
ATOM   725  C  CA    . ALA A 1 112 ? -10.083 2.268   12.805  1.00 18.22 ? 112  ALA A CA    1 
ATOM   726  C  C     . ALA A 1 112 ? -11.199 2.486   13.725  1.00 21.49 ? 112  ALA A C     1 
ATOM   727  O  O     . ALA A 1 112 ? -12.325 2.541   13.328  1.00 22.59 ? 112  ALA A O     1 
ATOM   728  C  CB    . ALA A 1 112 ? -9.926  3.400   12.001  1.00 19.04 ? 112  ALA A CB    1 
ATOM   729  N  N     . LEU A 1 113 ? -10.832 2.831   14.930  1.00 23.94 ? 113  LEU A N     1 
ATOM   730  C  CA    . LEU A 1 113 ? -11.801 3.128   16.005  1.00 24.25 ? 113  LEU A CA    1 
ATOM   731  C  C     . LEU A 1 113 ? -11.520 4.581   16.465  1.00 25.42 ? 113  LEU A C     1 
ATOM   732  O  O     . LEU A 1 113 ? -12.280 5.128   17.242  1.00 26.06 ? 113  LEU A O     1 
ATOM   733  C  CB    . LEU A 1 113 ? -11.603 2.135   17.158  1.00 23.78 ? 113  LEU A CB    1 
ATOM   734  C  CG    . LEU A 1 113 ? -11.838 0.680   16.726  1.00 26.37 ? 113  LEU A CG    1 
ATOM   735  C  CD1   . LEU A 1 113 ? -11.566 -0.214  17.933  1.00 25.77 ? 113  LEU A CD1   1 
ATOM   736  C  CD2   . LEU A 1 113 ? -13.186 0.366   16.057  1.00 25.92 ? 113  LEU A CD2   1 
ATOM   737  N  N     . GLY A 1 114 ? -10.465 5.220   15.963  1.00 25.89 ? 114  GLY A N     1 
ATOM   738  C  CA    . GLY A 1 114 ? -10.036 6.576   16.395  1.00 26.75 ? 114  GLY A CA    1 
ATOM   739  C  C     . GLY A 1 114 ? -9.234  6.569   17.678  1.00 27.18 ? 114  GLY A C     1 
ATOM   740  O  O     . GLY A 1 114 ? -8.878  7.594   18.289  1.00 29.67 ? 114  GLY A O     1 
ATOM   741  N  N     . SER A 1 115 ? -8.827  5.377   18.056  1.00 26.29 ? 115  SER A N     1 
ATOM   742  C  CA    . SER A 1 115 ? -8.248  5.219   19.351  1.00 22.86 ? 115  SER A CA    1 
ATOM   743  C  C     . SER A 1 115 ? -6.723  5.151   19.281  1.00 21.75 ? 115  SER A C     1 
ATOM   744  O  O     . SER A 1 115 ? -6.031  5.542   20.171  1.00 24.73 ? 115  SER A O     1 
ATOM   745  C  CB    . SER A 1 115 ? -8.970  3.981   19.798  1.00 23.63 ? 115  SER A CB    1 
ATOM   746  O  OG    . SER A 1 115 ? -10.179 3.975   18.918  1.00 28.72 ? 115  SER A OG    1 
ATOM   747  N  N     . LEU A 1 116 ? -6.183  4.659   18.212  1.00 19.27 ? 116  LEU A N     1 
ATOM   748  C  CA    . LEU A 1 116 ? -4.735  4.600   18.012  1.00 18.05 ? 116  LEU A CA    1 
ATOM   749  C  C     . LEU A 1 116 ? -4.203  5.870   17.440  1.00 20.51 ? 116  LEU A C     1 
ATOM   750  O  O     . LEU A 1 116 ? -4.958  6.530   16.766  1.00 19.54 ? 116  LEU A O     1 
ATOM   751  C  CB    . LEU A 1 116 ? -4.392  3.530   16.992  1.00 17.29 ? 116  LEU A CB    1 
ATOM   752  C  CG    . LEU A 1 116 ? -4.495  2.030   17.468  1.00 18.87 ? 116  LEU A CG    1 
ATOM   753  C  CD1   . LEU A 1 116 ? -4.339  1.195   16.255  1.00 19.54 ? 116  LEU A CD1   1 
ATOM   754  C  CD2   . LEU A 1 116 ? -3.451  1.708   18.606  1.00 22.26 ? 116  LEU A CD2   1 
ATOM   755  N  N     . PHE A 1 117 ? -2.916  6.211   17.684  1.00 18.37 ? 117  PHE A N     1 
ATOM   756  C  CA    . PHE A 1 117 ? -2.404  7.430   17.117  1.00 20.21 ? 117  PHE A CA    1 
ATOM   757  C  C     . PHE A 1 117 ? -2.146  7.358   15.556  1.00 19.91 ? 117  PHE A C     1 
ATOM   758  O  O     . PHE A 1 117 ? -2.116  8.432   14.867  1.00 21.04 ? 117  PHE A O     1 
ATOM   759  C  CB    . PHE A 1 117 ? -1.170  7.950   17.918  1.00 19.76 ? 117  PHE A CB    1 
ATOM   760  C  CG    . PHE A 1 117 ? 0.167   7.439   17.423  1.00 19.06 ? 117  PHE A CG    1 
ATOM   761  C  CD1   . PHE A 1 117 ? 0.903   8.207   16.565  1.00 16.51 ? 117  PHE A CD1   1 
ATOM   762  C  CD2   . PHE A 1 117 ? 0.634   6.191   17.822  1.00 18.09 ? 117  PHE A CD2   1 
ATOM   763  C  CE1   . PHE A 1 117 ? 2.136   7.740   16.058  1.00 17.87 ? 117  PHE A CE1   1 
ATOM   764  C  CE2   . PHE A 1 117 ? 1.841   5.693   17.333  1.00 18.41 ? 117  PHE A CE2   1 
ATOM   765  C  CZ    . PHE A 1 117 ? 2.621   6.512   16.402  1.00 19.75 ? 117  PHE A CZ    1 
ATOM   766  N  N     . LEU A 1 118 ? -2.105  6.096   15.042  1.00 15.14 ? 118  LEU A N     1 
ATOM   767  C  CA    . LEU A 1 118 ? -1.704  5.606   13.721  1.00 12.32 ? 118  LEU A CA    1 
ATOM   768  C  C     . LEU A 1 118 ? -2.040  4.148   13.762  1.00 11.34 ? 118  LEU A C     1 
ATOM   769  O  O     . LEU A 1 118 ? -1.885  3.484   14.796  1.00 11.38 ? 118  LEU A O     1 
ATOM   770  C  CB    . LEU A 1 118 ? -0.145  5.857   13.607  1.00 13.92 ? 118  LEU A CB    1 
ATOM   771  C  CG    . LEU A 1 118 ? 0.535   5.527   12.317  1.00 16.39 ? 118  LEU A CG    1 
ATOM   772  C  CD1   . LEU A 1 118 ? 0.005   6.398   11.217  1.00 11.92 ? 118  LEU A CD1   1 
ATOM   773  C  CD2   . LEU A 1 118 ? 2.115   5.721   12.478  1.00 13.81 ? 118  LEU A CD2   1 
ATOM   774  N  N     . GLY A 1 119 ? -2.534  3.548   12.656  1.00 13.31 ? 119  GLY A N     1 
ATOM   775  C  CA    . GLY A 1 119 ? -2.913  2.166   12.610  1.00 12.92 ? 119  GLY A CA    1 
ATOM   776  C  C     . GLY A 1 119 ? -1.743  1.188   12.940  1.00 12.11 ? 119  GLY A C     1 
ATOM   777  O  O     . GLY A 1 119 ? -0.614  1.691   12.646  1.00 15.05 ? 119  GLY A O     1 
ATOM   778  N  N     . SER A 1 120 ? -2.017  -0.028  13.331  1.00 11.76 ? 120  SER A N     1 
ATOM   779  C  CA    . SER A 1 120 ? -0.924  -0.918  13.780  1.00 11.42 ? 120  SER A CA    1 
ATOM   780  C  C     . SER A 1 120 ? -0.075  -1.305  12.555  1.00 10.69 ? 120  SER A C     1 
ATOM   781  O  O     . SER A 1 120 ? 1.149   -1.587  12.717  1.00 13.28 ? 120  SER A O     1 
ATOM   782  C  CB    . SER A 1 120 ? -1.428  -2.159  14.472  1.00 13.11 ? 120  SER A CB    1 
ATOM   783  O  OG    . SER A 1 120 ? -2.058  -3.128  13.734  1.00 13.73 ? 120  SER A OG    1 
ATOM   784  N  N     . GLN A 1 121 ? -0.659  -1.436  11.367  1.00 10.56 ? 121  GLN A N     1 
ATOM   785  C  CA    . GLN A 1 121 ? 0.185   -1.775  10.208  1.00 11.00 ? 121  GLN A CA    1 
ATOM   786  C  C     . GLN A 1 121 ? 1.056   -0.589  9.783   1.00 10.83 ? 121  GLN A C     1 
ATOM   787  O  O     . GLN A 1 121 ? 2.206   -0.757  9.468   1.00 10.36 ? 121  GLN A O     1 
ATOM   788  C  CB    . GLN A 1 121 ? -0.693  -2.322  9.061   1.00 9.96  ? 121  GLN A CB    1 
ATOM   789  C  CG    . GLN A 1 121 ? -1.604  -3.457  9.558   1.00 10.68 ? 121  GLN A CG    1 
ATOM   790  C  CD    . GLN A 1 121 ? -0.866  -4.665  10.136  1.00 12.79 ? 121  GLN A CD    1 
ATOM   791  O  OE1   . GLN A 1 121 ? -1.449  -5.382  11.013  1.00 18.85 ? 121  GLN A OE1   1 
ATOM   792  N  NE2   . GLN A 1 121 ? 0.227   -4.924  9.701   1.00 10.13 ? 121  GLN A NE2   1 
ATOM   793  N  N     . SER A 1 122 ? 0.512   0.662   9.786   1.00 9.29  ? 122  SER A N     1 
ATOM   794  C  CA    . SER A 1 122 ? 1.369   1.796   9.533   1.00 9.09  ? 122  SER A CA    1 
ATOM   795  C  C     . SER A 1 122 ? 2.468   1.984   10.619  1.00 8.69  ? 122  SER A C     1 
ATOM   796  O  O     . SER A 1 122 ? 3.595   2.321   10.225  1.00 10.68 ? 122  SER A O     1 
ATOM   797  C  CB    . SER A 1 122 ? 0.583   3.072   9.492   1.00 9.43  ? 122  SER A CB    1 
ATOM   798  O  OG    . SER A 1 122 ? -0.229  3.070   8.316   1.00 14.40 ? 122  SER A OG    1 
ATOM   799  N  N     . GLN A 1 123 ? 2.155   1.705   11.901  1.00 8.93  ? 123  GLN A N     1 
ATOM   800  C  CA    . GLN A 1 123 ? 3.221   1.804   12.904  1.00 8.38  ? 123  GLN A CA    1 
ATOM   801  C  C     . GLN A 1 123 ? 4.312   0.806   12.560  1.00 9.00  ? 123  GLN A C     1 
ATOM   802  O  O     . GLN A 1 123 ? 5.452   1.181   12.659  1.00 10.46 ? 123  GLN A O     1 
ATOM   803  C  CB    . GLN A 1 123 ? 2.667   1.472   14.262  1.00 9.79  ? 123  GLN A CB    1 
ATOM   804  C  CG    . GLN A 1 123 ? 1.755   2.577   14.796  1.00 10.61 ? 123  GLN A CG    1 
ATOM   805  C  CD    . GLN A 1 123 ? 1.372   2.239   16.209  1.00 11.94 ? 123  GLN A CD    1 
ATOM   806  O  OE1   . GLN A 1 123 ? 2.237   1.826   17.045  1.00 10.94 ? 123  GLN A OE1   1 
ATOM   807  N  NE2   . GLN A 1 123 ? 0.099   2.391   16.543  1.00 12.17 ? 123  GLN A NE2   1 
ATOM   808  N  N     . ARG A 1 124 ? 3.952   -0.432  12.248  1.00 10.22 ? 124  ARG A N     1 
ATOM   809  C  CA    . ARG A 1 124 ? 4.991   -1.410  11.906  1.00 10.60 ? 124  ARG A CA    1 
ATOM   810  C  C     . ARG A 1 124 ? 5.792   -1.020  10.730  1.00 11.66 ? 124  ARG A C     1 
ATOM   811  O  O     . ARG A 1 124 ? 7.062   -1.174  10.711  1.00 14.55 ? 124  ARG A O     1 
ATOM   812  C  CB    . ARG A 1 124 ? 4.399   -2.810  11.757  1.00 11.38 ? 124  ARG A CB    1 
ATOM   813  C  CG    . ARG A 1 124 ? 3.906   -3.424  13.072  1.00 12.02 ? 124  ARG A CG    1 
ATOM   814  C  CD    . ARG A 1 124 ? 3.346   -4.784  12.747  1.00 14.45 ? 124  ARG A CD    1 
ATOM   815  N  NE    . ARG A 1 124 ? 2.988   -5.619  13.915  1.00 17.58 ? 124  ARG A NE    1 
ATOM   816  C  CZ    . ARG A 1 124 ? 1.731   -5.869  14.229  1.00 16.07 ? 124  ARG A CZ    1 
ATOM   817  N  NH1   . ARG A 1 124 ? 0.716   -5.361  13.533  1.00 19.42 ? 124  ARG A NH1   1 
ATOM   818  N  NH2   . ARG A 1 124 ? 1.563   -6.683  15.262  1.00 15.73 ? 124  ARG A NH2   1 
ATOM   819  N  N     . VAL A 1 125 ? 5.149   -0.495  9.698   1.00 9.32  ? 125  VAL A N     1 
ATOM   820  C  CA    . VAL A 1 125 ? 5.974   -0.134  8.549   1.00 9.89  ? 125  VAL A CA    1 
ATOM   821  C  C     . VAL A 1 125 ? 6.898   1.035   8.807   1.00 11.14 ? 125  VAL A C     1 
ATOM   822  O  O     . VAL A 1 125 ? 8.043   0.992   8.415   1.00 13.55 ? 125  VAL A O     1 
ATOM   823  C  CB    . VAL A 1 125 ? 5.015   0.177   7.333   1.00 9.08  ? 125  VAL A CB    1 
ATOM   824  C  CG1   . VAL A 1 125 ? 5.845   0.685   6.134   1.00 9.79  ? 125  VAL A CG1   1 
ATOM   825  C  CG2   . VAL A 1 125 ? 4.297   -1.049  6.901   1.00 10.64 ? 125  VAL A CG2   1 
ATOM   826  N  N     . VAL A 1 126 ? 6.405   2.042   9.499   1.00 11.06 ? 126  VAL A N     1 
ATOM   827  C  CA    . VAL A 1 126 ? 7.238   3.209   9.813   1.00 14.91 ? 126  VAL A CA    1 
ATOM   828  C  C     . VAL A 1 126 ? 8.391   2.740   10.682  1.00 17.02 ? 126  VAL A C     1 
ATOM   829  O  O     . VAL A 1 126 ? 9.479   3.288   10.508  1.00 19.45 ? 126  VAL A O     1 
ATOM   830  C  CB    . VAL A 1 126 ? 6.430   4.274   10.553  1.00 15.88 ? 126  VAL A CB    1 
ATOM   831  C  CG1   . VAL A 1 126 ? 7.366   5.355   11.158  1.00 19.26 ? 126  VAL A CG1   1 
ATOM   832  C  CG2   . VAL A 1 126 ? 5.396   4.921   9.598   1.00 15.67 ? 126  VAL A CG2   1 
ATOM   833  N  N     . ALA A 1 127 ? 8.170   1.804   11.611  1.00 16.70 ? 127  ALA A N     1 
ATOM   834  C  CA    . ALA A 1 127 ? 9.285   1.368   12.501  1.00 18.52 ? 127  ALA A CA    1 
ATOM   835  C  C     . ALA A 1 127 ? 10.337  0.621   11.724  1.00 19.27 ? 127  ALA A C     1 
ATOM   836  O  O     . ALA A 1 127 ? 11.547  0.735   12.116  1.00 21.64 ? 127  ALA A O     1 
ATOM   837  C  CB    . ALA A 1 127 ? 8.766   0.466   13.598  1.00 17.65 ? 127  ALA A CB    1 
ATOM   838  N  N     . GLU A 1 128 ? 10.007  -0.017  10.599  1.00 17.14 ? 128  GLU A N     1 
ATOM   839  C  CA    . GLU A 1 128 ? 11.093  -0.858  9.966   1.00 18.71 ? 128  GLU A CA    1 
ATOM   840  C  C     . GLU A 1 128 ? 11.297  -0.492  8.533   1.00 16.94 ? 128  GLU A C     1 
ATOM   841  O  O     . GLU A 1 128 ? 11.886  -1.297  7.766   1.00 19.24 ? 128  GLU A O     1 
ATOM   842  C  CB    . GLU A 1 128 ? 10.697  -2.352  9.963   1.00 21.46 ? 128  GLU A CB    1 
ATOM   843  C  CG    . GLU A 1 128 ? 10.043  -2.800  11.327  1.00 28.12 ? 128  GLU A CG    1 
ATOM   844  C  CD    . GLU A 1 128 ? 11.002  -2.700  12.477  1.00 32.26 ? 128  GLU A CD    1 
ATOM   845  O  OE1   . GLU A 1 128 ? 10.568  -2.866  13.680  1.00 34.87 ? 128  GLU A OE1   1 
ATOM   846  O  OE2   . GLU A 1 128 ? 12.219  -2.472  12.204  1.00 33.60 ? 128  GLU A OE2   1 
ATOM   847  N  N     . ALA A 1 129 ? 10.732  0.627   8.112   1.00 17.36 ? 129  ALA A N     1 
ATOM   848  C  CA    . ALA A 1 129 ? 10.814  0.930   6.672   1.00 15.98 ? 129  ALA A CA    1 
ATOM   849  C  C     . ALA A 1 129 ? 12.209  1.109   6.041   1.00 16.42 ? 129  ALA A C     1 
ATOM   850  O  O     . ALA A 1 129 ? 13.069  1.634   6.683   1.00 19.27 ? 129  ALA A O     1 
ATOM   851  C  CB    . ALA A 1 129 ? 10.001  2.151   6.330   1.00 17.33 ? 129  ALA A CB    1 
ATOM   852  N  N     . PRO A 1 130 ? 12.418  0.582   4.822   1.00 15.89 ? 130  PRO A N     1 
ATOM   853  C  CA    . PRO A 1 130 ? 13.701  0.743   4.174   1.00 16.01 ? 130  PRO A CA    1 
ATOM   854  C  C     . PRO A 1 130 ? 13.731  2.060   3.401   1.00 15.91 ? 130  PRO A C     1 
ATOM   855  O  O     . PRO A 1 130 ? 14.701  2.259   2.608   1.00 17.69 ? 130  PRO A O     1 
ATOM   856  C  CB    . PRO A 1 130 ? 13.715  -0.421  3.209   1.00 17.27 ? 130  PRO A CB    1 
ATOM   857  C  CG    . PRO A 1 130 ? 12.327  -0.427  2.673   1.00 16.95 ? 130  PRO A CG    1 
ATOM   858  C  CD    . PRO A 1 130 ? 11.576  -0.327  4.025   1.00 16.83 ? 130  PRO A CD    1 
ATOM   859  N  N     . CYS A 1 131 ? 12.744  2.972   3.608   1.00 14.83 ? 131  CYS A N     1 
ATOM   860  C  CA    . CYS A 1 131 ? 12.741  4.204   2.804   1.00 13.64 ? 131  CYS A CA    1 
ATOM   861  C  C     . CYS A 1 131 ? 11.681  5.139   3.460   1.00 11.84 ? 131  CYS A C     1 
ATOM   862  O  O     . CYS A 1 131 ? 11.003  4.684   4.378   1.00 11.51 ? 131  CYS A O     1 
ATOM   863  C  CB    . CYS A 1 131 ? 12.262  3.899   1.372   1.00 13.45 ? 131  CYS A CB    1 
ATOM   864  S  SG    . CYS A 1 131 ? 10.638  3.030   1.309   1.00 15.64 ? 131  CYS A SG    1 
ATOM   865  N  N     . PRO A 1 132 ? 11.530  6.350   2.979   1.00 11.18 ? 132  PRO A N     1 
ATOM   866  C  CA    . PRO A 1 132 ? 10.526  7.219   3.549   1.00 11.61 ? 132  PRO A CA    1 
ATOM   867  C  C     . PRO A 1 132 ? 9.118   6.651   3.381   1.00 11.24 ? 132  PRO A C     1 
ATOM   868  O  O     . PRO A 1 132 ? 8.810   5.838   2.472   1.00 10.06 ? 132  PRO A O     1 
ATOM   869  C  CB    . PRO A 1 132 ? 10.692  8.494   2.793   1.00 12.41 ? 132  PRO A CB    1 
ATOM   870  C  CG    . PRO A 1 132 ? 12.192  8.575   2.390   1.00 13.33 ? 132  PRO A CG    1 
ATOM   871  C  CD    . PRO A 1 132 ? 12.433  7.062   2.028   1.00 11.18 ? 132  PRO A CD    1 
ATOM   872  N  N     . VAL A 1 133 ? 8.229   7.112   4.302   1.00 9.38  ? 133  VAL A N     1 
ATOM   873  C  CA    . VAL A 1 133 ? 6.851   6.621   4.278   1.00 9.35  ? 133  VAL A CA    1 
ATOM   874  C  C     . VAL A 1 133 ? 5.967   7.893   4.268   1.00 9.58  ? 133  VAL A C     1 
ATOM   875  O  O     . VAL A 1 133 ? 6.135   8.766   5.105   1.00 9.76  ? 133  VAL A O     1 
ATOM   876  C  CB    . VAL A 1 133 ? 6.552   5.864   5.601   1.00 9.09  ? 133  VAL A CB    1 
ATOM   877  C  CG1   . VAL A 1 133 ? 5.053   5.409   5.580   1.00 10.81 ? 133  VAL A CG1   1 
ATOM   878  C  CG2   . VAL A 1 133 ? 7.465   4.626   5.627   1.00 11.12 ? 133  VAL A CG2   1 
ATOM   879  N  N     . LEU A 1 134 ? 5.070   7.956   3.296   1.00 9.30  ? 134  LEU A N     1 
ATOM   880  C  CA    . LEU A 1 134 ? 4.106   9.069   3.137   1.00 10.27 ? 134  LEU A CA    1 
ATOM   881  C  C     . LEU A 1 134 ? 2.781   8.566   3.676   1.00 9.94  ? 134  LEU A C     1 
ATOM   882  O  O     . LEU A 1 134 ? 2.143   7.672   3.096   1.00 10.69 ? 134  LEU A O     1 
ATOM   883  C  CB    . LEU A 1 134 ? 4.002   9.428   1.623   1.00 9.37  ? 134  LEU A CB    1 
ATOM   884  C  CG    . LEU A 1 134 ? 3.055   10.534  1.262   1.00 15.33 ? 134  LEU A CG    1 
ATOM   885  C  CD1   . LEU A 1 134 ? 3.175   11.609  2.081   1.00 17.17 ? 134  LEU A CD1   1 
ATOM   886  C  CD2   . LEU A 1 134 ? 3.423   11.013  -0.131  1.00 15.14 ? 134  LEU A CD2   1 
ATOM   887  N  N     . LEU A 1 135 ? 2.356   9.129   4.805   1.00 9.01  ? 135  LEU A N     1 
ATOM   888  C  CA    . LEU A 1 135 ? 1.119   8.781   5.557   1.00 9.18  ? 135  LEU A CA    1 
ATOM   889  C  C     . LEU A 1 135 ? 0.013   9.692   5.105   1.00 9.06  ? 135  LEU A C     1 
ATOM   890  O  O     . LEU A 1 135 ? 0.166   10.917  5.195   1.00 10.49 ? 135  LEU A O     1 
ATOM   891  C  CB    . LEU A 1 135 ? 1.332   8.917   7.063   1.00 9.98  ? 135  LEU A CB    1 
ATOM   892  C  CG    . LEU A 1 135 ? 2.345   7.850   7.672   1.00 9.86  ? 135  LEU A CG    1 
ATOM   893  C  CD1   . LEU A 1 135 ? 2.559   8.193   9.095   1.00 11.90 ? 135  LEU A CD1   1 
ATOM   894  C  CD2   . LEU A 1 135 ? 1.792   6.426   7.502   1.00 9.99  ? 135  LEU A CD2   1 
ATOM   895  N  N     . VAL A 1 136 ? -1.068  9.112   4.602   1.00 9.78  ? 136  VAL A N     1 
ATOM   896  C  CA    . VAL A 1 136 ? -2.224  9.909   4.063   1.00 11.81 ? 136  VAL A CA    1 
ATOM   897  C  C     . VAL A 1 136 ? -3.406  9.739   4.957   1.00 12.85 ? 136  VAL A C     1 
ATOM   898  O  O     . VAL A 1 136 ? -3.824  8.671   5.206   1.00 12.99 ? 136  VAL A O     1 
ATOM   899  C  CB    . VAL A 1 136 ? -2.506  9.384   2.660   1.00 11.58 ? 136  VAL A CB    1 
ATOM   900  C  CG1   . VAL A 1 136 ? -3.699  10.181  2.058   1.00 13.25 ? 136  VAL A CG1   1 
ATOM   901  C  CG2   . VAL A 1 136 ? -1.304  9.610   1.746   1.00 11.03 ? 136  VAL A CG2   1 
ATOM   902  N  N     . ARG A 1 137 ? -3.925  10.856  5.519   1.00 17.75 ? 137  ARG A N     1 
ATOM   903  C  CA    . ARG A 1 137 ? -5.087  10.820  6.393   1.00 21.01 ? 137  ARG A CA    1 
ATOM   904  C  C     . ARG A 1 137 ? -6.393  10.883  5.620   1.00 22.04 ? 137  ARG A C     1 
ATOM   905  O  O     . ARG A 1 137 ? -6.403  11.074  4.412   1.00 21.13 ? 137  ARG A O     1 
ATOM   906  C  CB    . ARG A 1 137 ? -5.068  11.988  7.381   1.00 23.75 ? 137  ARG A CB    1 
ATOM   907  C  CG    . ARG A 1 137 ? -5.136  13.258  6.633   1.00 25.71 ? 137  ARG A CG    1 
ATOM   908  C  CD    . ARG A 1 137 ? -5.086  14.671  7.256   1.00 28.06 ? 137  ARG A CD    1 
ATOM   909  N  NE    . ARG A 1 137 ? -4.992  15.377  5.965   1.00 30.45 ? 137  ARG A NE    1 
ATOM   910  C  CZ    . ARG A 1 137 ? -5.977  15.578  5.081   1.00 29.42 ? 137  ARG A CZ    1 
ATOM   911  N  NH1   . ARG A 1 137 ? -7.279  15.230  5.290   1.00 32.96 ? 137  ARG A NH1   1 
ATOM   912  N  NH2   . ARG A 1 137 ? -5.628  15.860  3.879   1.00 24.05 ? 137  ARG A NH2   1 
ATOM   913  O  OXT   . ARG A 1 137 ? -7.385  10.752  6.324   1.00 25.12 ? 137  ARG A OXT   1 
HETATM 914  MG MG    . MG  B 2 .   ? -5.975  -2.466  9.486   1.00 11.19 ? 2001 MG  A MG    1 
HETATM 915  MG MG    . MG  C 2 .   ? -4.567  -6.321  14.274  0.50 19.12 ? 2002 MG  A MG    1 
HETATM 916  P  PG    . ATP D 3 .   ? -5.565  -1.970  12.759  1.00 14.27 ? 1001 ATP A PG    1 
HETATM 917  O  O1G   . ATP D 3 .   ? -6.614  -2.503  13.668  1.00 16.61 ? 1001 ATP A O1G   1 
HETATM 918  O  O2G   . ATP D 3 .   ? -4.161  -1.599  13.436  1.00 18.37 ? 1001 ATP A O2G   1 
HETATM 919  O  O3G   . ATP D 3 .   ? -5.383  -2.700  11.361  1.00 12.74 ? 1001 ATP A O3G   1 
HETATM 920  P  PB    . ATP D 3 .   ? -6.352  0.263   11.075  1.00 12.24 ? 1001 ATP A PB    1 
HETATM 921  O  O1B   . ATP D 3 .   ? -7.025  1.568   11.252  1.00 12.25 ? 1001 ATP A O1B   1 
HETATM 922  O  O2B   . ATP D 3 .   ? -6.903  -0.788  10.008  1.00 12.37 ? 1001 ATP A O2B   1 
HETATM 923  O  O3B   . ATP D 3 .   ? -6.074  -0.489  12.458  1.00 13.46 ? 1001 ATP A O3B   1 
HETATM 924  P  PA    . ATP D 3 .   ? -3.869  -0.022  9.510   1.00 10.43 ? 1001 ATP A PA    1 
HETATM 925  O  O1A   . ATP D 3 .   ? -2.502  0.240   9.980   1.00 9.82  ? 1001 ATP A O1A   1 
HETATM 926  O  O2A   . ATP D 3 .   ? -4.333  -1.457  9.073   1.00 10.61 ? 1001 ATP A O2A   1 
HETATM 927  O  O3A   . ATP D 3 .   ? -4.889  0.679   10.559  1.00 10.66 ? 1001 ATP A O3A   1 
HETATM 928  O  "O5'" . ATP D 3 .   ? -4.119  0.938   8.240   1.00 10.85 ? 1001 ATP A "O5'" 1 
HETATM 929  C  "C5'" . ATP D 3 .   ? -3.212  1.929   7.737   1.00 9.70  ? 1001 ATP A "C5'" 1 
HETATM 930  C  "C4'" . ATP D 3 .   ? -2.871  1.616   6.282   1.00 8.31  ? 1001 ATP A "C4'" 1 
HETATM 931  O  "O4'" . ATP D 3 .   ? -2.146  0.371   6.241   1.00 9.90  ? 1001 ATP A "O4'" 1 
HETATM 932  C  "C3'" . ATP D 3 .   ? -4.084  1.383   5.382   1.00 9.58  ? 1001 ATP A "C3'" 1 
HETATM 933  O  "O3'" . ATP D 3 .   ? -4.671  2.639   5.013   1.00 10.99 ? 1001 ATP A "O3'" 1 
HETATM 934  C  "C2'" . ATP D 3 .   ? -3.347  0.754   4.198   1.00 9.09  ? 1001 ATP A "C2'" 1 
HETATM 935  O  "O2'" . ATP D 3 .   ? -2.656  1.782   3.477   1.00 9.35  ? 1001 ATP A "O2'" 1 
HETATM 936  C  "C1'" . ATP D 3 .   ? -2.326  -0.147  4.909   1.00 9.17  ? 1001 ATP A "C1'" 1 
HETATM 937  N  N9    . ATP D 3 .   ? -2.867  -1.510  5.087   1.00 9.82  ? 1001 ATP A N9    1 
HETATM 938  C  C8    . ATP D 3 .   ? -3.507  -2.024  6.136   1.00 9.26  ? 1001 ATP A C8    1 
HETATM 939  N  N7    . ATP D 3 .   ? -3.851  -3.289  5.884   1.00 10.17 ? 1001 ATP A N7    1 
HETATM 940  C  C5    . ATP D 3 .   ? -3.407  -3.597  4.665   1.00 9.86  ? 1001 ATP A C5    1 
HETATM 941  C  C6    . ATP D 3 .   ? -3.466  -4.742  3.876   1.00 9.08  ? 1001 ATP A C6    1 
HETATM 942  N  N6    . ATP D 3 .   ? -4.108  -5.857  4.241   1.00 11.55 ? 1001 ATP A N6    1 
HETATM 943  N  N1    . ATP D 3 .   ? -2.869  -4.667  2.681   1.00 9.83  ? 1001 ATP A N1    1 
HETATM 944  C  C2    . ATP D 3 .   ? -2.256  -3.581  2.232   1.00 9.34  ? 1001 ATP A C2    1 
HETATM 945  N  N3    . ATP D 3 .   ? -2.199  -2.462  2.944   1.00 9.11  ? 1001 ATP A N3    1 
HETATM 946  C  C4    . ATP D 3 .   ? -2.766  -2.471  4.165   1.00 10.98 ? 1001 ATP A C4    1 
HETATM 947  O  O     . HOH E 4 .   ? -1.239  -8.367  -10.730 1.00 13.28 ? 2003 HOH A O     1 
HETATM 948  O  O     . HOH E 4 .   ? -8.336  -4.946  3.545   1.00 14.51 ? 2004 HOH A O     1 
HETATM 949  O  O     . HOH E 4 .   ? -12.769 -0.757  -1.095  1.00 17.69 ? 2005 HOH A O     1 
HETATM 950  O  O     . HOH E 4 .   ? -12.726 3.190   5.662   1.00 20.40 ? 2006 HOH A O     1 
HETATM 951  O  O     . HOH E 4 .   ? -5.780  -6.829  6.447   1.00 17.59 ? 2007 HOH A O     1 
HETATM 952  O  O     . HOH E 4 .   ? -6.493  3.175   13.398  1.00 18.15 ? 2008 HOH A O     1 
HETATM 953  O  O     . HOH E 4 .   ? 14.148  7.371   -0.965  1.00 22.84 ? 2009 HOH A O     1 
HETATM 954  O  O     . HOH E 4 .   ? 7.935   -10.062 -14.535 1.00 18.62 ? 2010 HOH A O     1 
HETATM 955  O  O     . HOH E 4 .   ? 9.091   -8.385  6.177   1.00 26.11 ? 2011 HOH A O     1 
HETATM 956  O  O     . HOH E 4 .   ? 4.697   1.000   17.672  1.00 18.08 ? 2012 HOH A O     1 
HETATM 957  O  O     . HOH E 4 .   ? 2.391   -6.161  -16.426 1.00 24.23 ? 2013 HOH A O     1 
HETATM 958  O  O     . HOH E 4 .   ? -5.800  12.093  -1.718  1.00 21.60 ? 2014 HOH A O     1 
HETATM 959  O  O     . HOH E 4 .   ? -5.164  13.578  0.304   1.00 30.16 ? 2015 HOH A O     1 
HETATM 960  O  O     . HOH E 4 .   ? 5.999   0.239   15.432  1.00 21.46 ? 2016 HOH A O     1 
HETATM 961  O  O     . HOH E 4 .   ? 13.252  -0.586  -0.371  1.00 25.87 ? 2017 HOH A O     1 
HETATM 962  O  O     . HOH E 4 .   ? 6.272   -6.400  -9.767  1.00 22.29 ? 2018 HOH A O     1 
HETATM 963  O  O     . HOH E 4 .   ? -2.304  -9.735  15.361  1.00 19.53 ? 2019 HOH A O     1 
HETATM 964  O  O     . HOH E 4 .   ? 1.533   14.851  -10.201 1.00 28.59 ? 2020 HOH A O     1 
HETATM 965  O  O     . HOH E 4 .   ? -16.528 1.294   -0.343  1.00 30.92 ? 2021 HOH A O     1 
HETATM 966  O  O     . HOH E 4 .   ? -1.078  -7.863  12.517  1.00 22.65 ? 2022 HOH A O     1 
HETATM 967  O  O     . HOH E 4 .   ? -6.719  -8.463  -8.558  1.00 24.19 ? 2023 HOH A O     1 
HETATM 968  O  O     . HOH E 4 .   ? 10.177  -5.799  12.038  1.00 28.68 ? 2024 HOH A O     1 
HETATM 969  O  O     . HOH E 4 .   ? -6.826  10.019  10.002  1.00 30.58 ? 2025 HOH A O     1 
HETATM 970  O  O     . HOH E 4 .   ? -12.665 -5.169  -13.020 1.00 30.83 ? 2026 HOH A O     1 
HETATM 971  O  O     . HOH E 4 .   ? -16.950 6.257   -0.089  1.00 30.25 ? 2027 HOH A O     1 
HETATM 972  O  O     . HOH E 4 .   ? -6.658  -8.315  4.173   1.00 23.60 ? 2028 HOH A O     1 
HETATM 973  O  O     . HOH E 4 .   ? 7.347   -3.904  12.004  1.00 25.42 ? 2029 HOH A O     1 
HETATM 974  O  O     . HOH E 4 .   ? 3.578   0.859   -12.611 1.00 26.86 ? 2030 HOH A O     1 
HETATM 975  O  O     . HOH E 4 .   ? -4.137  11.478  -8.192  1.00 24.92 ? 2031 HOH A O     1 
HETATM 976  O  O     . HOH E 4 .   ? -7.556  -4.740  6.352   1.00 15.22 ? 2032 HOH A O     1 
HETATM 977  O  O     . HOH E 4 .   ? -4.902  -6.981  9.576   1.00 17.68 ? 2033 HOH A O     1 
HETATM 978  O  O     . HOH E 4 .   ? -4.938  -4.130  8.673   1.00 13.01 ? 2034 HOH A O     1 
HETATM 979  O  O     . HOH E 4 .   ? -6.839  -2.300  7.529   1.00 11.09 ? 2035 HOH A O     1 
HETATM 980  O  O     . HOH E 4 .   ? -4.351  -5.202  12.005  1.00 16.51 ? 2036 HOH A O     1 
HETATM 981  O  O     . HOH E 4 .   ? -9.338  -5.299  8.352   1.00 20.87 ? 2037 HOH A O     1 
HETATM 982  O  O     . HOH E 4 .   ? 14.671  9.851   -0.417  1.00 26.65 ? 2038 HOH A O     1 
HETATM 983  O  O     . HOH E 4 .   ? 3.738   -12.363 7.739   1.00 24.16 ? 2039 HOH A O     1 
HETATM 984  O  O     . HOH E 4 .   ? -2.471  9.183   12.254  1.00 26.11 ? 2040 HOH A O     1 
HETATM 985  O  O     . HOH E 4 .   ? 11.384  4.493   8.949   1.00 26.40 ? 2041 HOH A O     1 
HETATM 986  O  O     . HOH E 4 .   ? -10.945 9.345   -2.369  1.00 33.27 ? 2042 HOH A O     1 
HETATM 987  O  O     . HOH E 4 .   ? -6.594  9.830   -8.467  1.00 36.56 ? 2043 HOH A O     1 
HETATM 988  O  O     . HOH E 4 .   ? -12.261 8.608   6.052   1.00 31.52 ? 2044 HOH A O     1 
HETATM 989  O  O     . HOH E 4 .   ? 1.525   17.042  -8.808  1.00 32.21 ? 2045 HOH A O     1 
HETATM 990  O  O     . HOH E 4 .   ? 10.709  6.312   7.003   1.00 26.32 ? 2046 HOH A O     1 
HETATM 991  O  O     . HOH E 4 .   ? -2.517  11.930  -10.699 1.00 37.76 ? 2047 HOH A O     1 
HETATM 992  O  O     . HOH E 4 .   ? -7.662  -1.631  -14.086 1.00 32.56 ? 2048 HOH A O     1 
HETATM 993  O  O     . HOH E 4 .   ? -9.395  -11.198 1.948   1.00 22.15 ? 2049 HOH A O     1 
HETATM 994  O  O     . HOH E 4 .   ? -7.636  -3.657  9.985   1.00 11.80 ? 2050 HOH A O     1 
HETATM 995  O  O     . HOH E 4 .   ? -7.247  2.455   -14.425 1.00 33.64 ? 2051 HOH A O     1 
HETATM 996  O  O     . HOH E 4 .   ? -4.986  13.156  3.086   1.00 27.65 ? 2052 HOH A O     1 
HETATM 997  O  O     . HOH E 4 .   ? 14.009  1.956   -6.872  1.00 25.17 ? 2053 HOH A O     1 
HETATM 998  O  O     . HOH E 4 .   ? -11.835 9.970   0.719   1.00 38.25 ? 2054 HOH A O     1 
HETATM 999  O  O     . HOH E 4 .   ? 0.140   -6.864  -18.637 1.00 31.51 ? 2055 HOH A O     1 
HETATM 1000 O  O     . HOH E 4 .   ? 13.596  2.907   9.561   1.00 32.42 ? 2056 HOH A O     1 
HETATM 1001 O  O     . HOH E 4 .   ? -13.174 -0.019  12.035  1.00 34.30 ? 2057 HOH A O     1 
HETATM 1002 O  O     . HOH E 4 .   ? -2.243  -5.791  14.421  1.00 22.08 ? 2058 HOH A O     1 
HETATM 1003 O  O     . HOH E 4 .   ? -3.970  -8.388  13.349  1.00 30.85 ? 2059 HOH A O     1 
HETATM 1004 O  O     . HOH E 4 .   ? 7.427   16.932  -12.239 0.50 27.48 ? 2060 HOH A O     1 
HETATM 1005 O  O     . HOH E 4 .   ? -10.523 7.047   13.101  1.00 29.81 ? 2061 HOH A O     1 
HETATM 1006 O  O     . HOH E 4 .   ? 12.760  -9.493  2.693   1.00 32.38 ? 2062 HOH A O     1 
HETATM 1007 O  O     . HOH E 4 .   ? -2.244  -8.137  -19.840 1.00 31.08 ? 2063 HOH A O     1 
HETATM 1008 O  O     . HOH E 4 .   ? -1.296  -4.758  -17.858 1.00 33.23 ? 2064 HOH A O     1 
HETATM 1009 O  O     . HOH E 4 .   ? -12.020 -4.925  9.115   1.00 37.89 ? 2065 HOH A O     1 
HETATM 1010 O  O     . HOH E 4 .   ? -13.034 -3.810  11.583  1.00 35.20 ? 2066 HOH A O     1 
HETATM 1011 O  O     . HOH E 4 .   ? -10.690 4.763   6.065   1.00 26.07 ? 2067 HOH A O     1 
HETATM 1012 O  O     . HOH E 4 .   ? -14.084 1.811   1.421   1.00 26.28 ? 2068 HOH A O     1 
HETATM 1013 O  O     . HOH E 4 .   ? -12.790 8.577   14.230  1.00 40.89 ? 2069 HOH A O     1 
HETATM 1014 O  O     . HOH E 4 .   ? -7.995  -7.432  9.611   1.00 35.15 ? 2070 HOH A O     1 
HETATM 1015 O  O     . HOH E 4 .   ? -10.522 6.791   10.503  1.00 38.86 ? 2071 HOH A O     1 
HETATM 1016 O  O     . HOH E 4 .   ? -11.819 -10.492 4.557   1.00 36.25 ? 2072 HOH A O     1 
HETATM 1017 O  O     . HOH E 4 .   ? 14.552  1.224   11.562  1.00 41.55 ? 2073 HOH A O     1 
HETATM 1018 O  O     . HOH E 4 .   ? 0.686   -9.582  13.860  1.00 30.29 ? 2074 HOH A O     1 
HETATM 1019 O  O     . HOH E 4 .   ? 2.067   -14.028 9.516   1.00 39.91 ? 2075 HOH A O     1 
HETATM 1020 O  O     . HOH E 4 .   ? -1.469  -11.674 13.738  1.00 35.17 ? 2076 HOH A O     1 
HETATM 1021 O  O     . HOH E 4 .   ? 11.314  13.330  -3.829  1.00 41.96 ? 2077 HOH A O     1 
HETATM 1022 O  O     . HOH E 4 .   ? -5.494  -0.514  -14.287 1.00 39.90 ? 2078 HOH A O     1 
HETATM 1023 O  O     . HOH E 4 .   ? -16.112 -2.700  10.747  1.00 38.51 ? 2079 HOH A O     1 
HETATM 1024 O  O     . HOH E 4 .   ? -15.842 6.446   17.619  0.50 34.20 ? 2080 HOH A O     1 
HETATM 1025 O  O     . HOH E 4 .   ? -2.483  3.969   -16.867 1.00 40.43 ? 2081 HOH A O     1 
HETATM 1026 O  O     . HOH E 4 .   ? -16.204 -7.731  6.484   1.00 39.20 ? 2082 HOH A O     1 
HETATM 1027 O  O     . HOH E 4 .   ? 10.417  -6.742  8.014   1.00 32.74 ? 2083 HOH A O     1 
HETATM 1028 O  O     . HOH E 4 .   ? 3.721   19.347  -14.208 1.00 40.64 ? 2084 HOH A O     1 
HETATM 1029 O  O     . HOH E 4 .   ? 2.052   3.180   -13.873 1.00 39.53 ? 2085 HOH A O     1 
HETATM 1030 O  O     . HOH E 4 .   ? 12.701  -3.137  5.670   1.00 30.01 ? 2086 HOH A O     1 
HETATM 1031 O  O     . HOH E 4 .   ? 15.823  3.483   0.308   1.00 35.22 ? 2087 HOH A O     1 
HETATM 1032 O  O     . HOH E 4 .   ? -15.642 4.191   15.665  1.00 43.84 ? 2088 HOH A O     1 
HETATM 1033 O  O     . HOH E 4 .   ? -1.053  14.422  -10.908 1.00 37.50 ? 2089 HOH A O     1 
HETATM 1034 O  O     . HOH E 4 .   ? -1.637  16.074  -9.401  1.00 39.68 ? 2090 HOH A O     1 
HETATM 1035 O  O     . HOH E 4 .   ? 16.383  -0.168  13.744  1.00 43.02 ? 2091 HOH A O     1 
HETATM 1036 O  O     . HOH E 4 .   ? 6.699   14.744  -14.091 1.00 38.87 ? 2092 HOH A O     1 
HETATM 1037 O  O     . HOH E 4 .   ? 3.410   -12.322 0.346   1.00 36.82 ? 2093 HOH A O     1 
HETATM 1038 O  O     . HOH E 4 .   ? 17.988  -1.007  9.856   0.50 37.13 ? 2094 HOH A O     1 
HETATM 1039 O  O     . HOH E 4 .   ? -11.937 7.408   19.639  1.00 36.20 ? 2095 HOH A O     1 
HETATM 1040 O  O     . HOH E 4 .   ? 15.352  5.657   0.409   1.00 38.27 ? 2096 HOH A O     1 
HETATM 1041 O  O     . HOH E 4 .   ? 15.374  -1.018  10.240  1.00 44.46 ? 2097 HOH A O     1 
HETATM 1042 O  O     . HOH E 4 .   ? -5.349  16.865  -6.495  1.00 44.52 ? 2098 HOH A O     1 
HETATM 1043 O  O     . HOH E 4 .   ? -5.313  14.362  -7.308  1.00 37.46 ? 2099 HOH A O     1 
HETATM 1044 O  O     . HOH E 4 .   ? 8.355   12.309  -15.914 1.00 38.62 ? 2100 HOH A O     1 
HETATM 1045 O  O     . HOH E 4 .   ? -14.408 8.537   18.631  0.50 43.43 ? 2101 HOH A O     1 
HETATM 1046 O  O     . HOH E 4 .   ? 0.880   2.622   -16.712 1.00 44.13 ? 2102 HOH A O     1 
HETATM 1047 O  O     . HOH E 4 .   ? 4.253   16.514  -13.313 1.00 40.65 ? 2103 HOH A O     1 
HETATM 1048 O  O     . HOH E 4 .   ? -7.188  -5.737  -12.341 1.00 34.92 ? 2104 HOH A O     1 
HETATM 1049 O  O     . HOH E 4 .   ? 5.197   -14.039 -0.790  1.00 22.47 ? 2105 HOH A O     1 
HETATM 1050 O  O     . HOH E 4 .   ? -10.866 3.965   8.863   1.00 37.95 ? 2106 HOH A O     1 
HETATM 1051 O  O     . HOH E 4 .   ? -5.150  -7.058  -9.650  1.00 24.88 ? 2107 HOH A O     1 
# 
loop_
_pdbx_poly_seq_scheme.asym_id 
_pdbx_poly_seq_scheme.entity_id 
_pdbx_poly_seq_scheme.seq_id 
_pdbx_poly_seq_scheme.mon_id 
_pdbx_poly_seq_scheme.ndb_seq_num 
_pdbx_poly_seq_scheme.pdb_seq_num 
_pdbx_poly_seq_scheme.auth_seq_num 
_pdbx_poly_seq_scheme.pdb_mon_id 
_pdbx_poly_seq_scheme.auth_mon_id 
_pdbx_poly_seq_scheme.pdb_strand_id 
_pdbx_poly_seq_scheme.pdb_ins_code 
_pdbx_poly_seq_scheme.hetero 
A 1 1   MET 1   1   1   MET MET A . n 
A 1 2   PHE 2   2   2   PHE PHE A . n 
A 1 3   LYS 3   3   3   LYS LYS A . n 
A 1 4   THR 4   4   4   THR THR A . n 
A 1 5   ILE 5   5   5   ILE ILE A . n 
A 1 6   LEU 6   6   6   LEU LEU A . n 
A 1 7   LEU 7   7   7   LEU LEU A . n 
A 1 8   ALA 8   8   8   ALA ALA A . n 
A 1 9   TYR 9   9   9   TYR TYR A . n 
A 1 10  ASP 10  10  10  ASP ASP A . n 
A 1 11  GLY 11  11  11  GLY GLY A . n 
A 1 12  SER 12  12  12  SER SER A . n 
A 1 13  GLU 13  13  13  GLU GLU A . n 
A 1 14  HIS 14  14  14  HIS HIS A . n 
A 1 15  ALA 15  15  15  ALA ALA A . n 
A 1 16  ARG 16  16  16  ARG ARG A . n 
A 1 17  ARG 17  17  17  ARG ARG A . n 
A 1 18  ALA 18  18  18  ALA ALA A . n 
A 1 19  ALA 19  19  19  ALA ALA A . n 
A 1 20  GLU 20  20  20  GLU GLU A . n 
A 1 21  VAL 21  21  21  VAL VAL A . n 
A 1 22  ALA 22  22  22  ALA ALA A . n 
A 1 23  LYS 23  23  23  LYS LYS A . n 
A 1 24  ALA 24  24  24  ALA ALA A . n 
A 1 25  GLU 25  25  25  GLU GLU A . n 
A 1 26  ALA 26  26  26  ALA ALA A . n 
A 1 27  GLU 27  27  27  GLU GLU A . n 
A 1 28  ALA 28  28  28  ALA ALA A . n 
A 1 29  HIS 29  29  29  HIS HIS A . n 
A 1 30  GLY 30  30  30  GLY GLY A . n 
A 1 31  ALA 31  31  31  ALA ALA A . n 
A 1 32  ARG 32  32  32  ARG ARG A . n 
A 1 33  LEU 33  33  33  LEU LEU A . n 
A 1 34  ILE 34  34  34  ILE ILE A . n 
A 1 35  VAL 35  35  35  VAL VAL A . n 
A 1 36  VAL 36  36  36  VAL VAL A . n 
A 1 37  HIS 37  37  37  HIS HIS A . n 
A 1 38  ALA 38  38  38  ALA ALA A . n 
A 1 39  TYR 39  39  39  TYR TYR A . n 
A 1 40  GLU 40  40  40  GLU GLU A . n 
A 1 41  PRO 41  41  41  PRO PRO A . n 
A 1 42  VAL 42  42  ?   ?   ?   A . n 
A 1 43  PRO 43  43  ?   ?   ?   A . n 
A 1 44  ASP 44  44  ?   ?   ?   A . n 
A 1 45  TYR 45  45  ?   ?   ?   A . n 
A 1 46  LEU 46  46  ?   ?   ?   A . n 
A 1 47  GLY 47  47  ?   ?   ?   A . n 
A 1 48  GLU 48  48  ?   ?   ?   A . n 
A 1 49  PRO 49  49  ?   ?   ?   A . n 
A 1 50  PHE 50  50  ?   ?   ?   A . n 
A 1 51  PHE 51  51  ?   ?   ?   A . n 
A 1 52  GLU 52  52  ?   ?   ?   A . n 
A 1 53  GLU 53  53  ?   ?   ?   A . n 
A 1 54  ALA 54  54  ?   ?   ?   A . n 
A 1 55  LEU 55  55  ?   ?   ?   A . n 
A 1 56  ARG 56  56  56  ARG ARG A . n 
A 1 57  ARG 57  57  57  ARG ARG A . n 
A 1 58  ARG 58  58  58  ARG ARG A . n 
A 1 59  LEU 59  59  59  LEU LEU A . n 
A 1 60  GLU 60  60  60  GLU GLU A . n 
A 1 61  ARG 61  61  61  ARG ARG A . n 
A 1 62  ALA 62  62  62  ALA ALA A . n 
A 1 63  GLU 63  63  63  GLU GLU A . n 
A 1 64  GLY 64  64  64  GLY GLY A . n 
A 1 65  VAL 65  65  65  VAL VAL A . n 
A 1 66  LEU 66  66  66  LEU LEU A . n 
A 1 67  GLU 67  67  67  GLU GLU A . n 
A 1 68  GLU 68  68  68  GLU GLU A . n 
A 1 69  ALA 69  69  69  ALA ALA A . n 
A 1 70  ARG 70  70  70  ARG ARG A . n 
A 1 71  ALA 71  71  71  ALA ALA A . n 
A 1 72  LEU 72  72  72  LEU LEU A . n 
A 1 73  THR 73  73  73  THR THR A . n 
A 1 74  GLY 74  74  74  GLY GLY A . n 
A 1 75  VAL 75  75  75  VAL VAL A . n 
A 1 76  PRO 76  76  76  PRO PRO A . n 
A 1 77  LYS 77  77  77  LYS LYS A . n 
A 1 78  GLU 78  78  78  GLU GLU A . n 
A 1 79  ASP 79  79  79  ASP ASP A . n 
A 1 80  ALA 80  80  80  ALA ALA A . n 
A 1 81  LEU 81  81  81  LEU LEU A . n 
A 1 82  LEU 82  82  82  LEU LEU A . n 
A 1 83  LEU 83  83  83  LEU LEU A . n 
A 1 84  GLU 84  84  84  GLU GLU A . n 
A 1 85  GLY 85  85  85  GLY GLY A . n 
A 1 86  VAL 86  86  86  VAL VAL A . n 
A 1 87  PRO 87  87  87  PRO PRO A . n 
A 1 88  ALA 88  88  88  ALA ALA A . n 
A 1 89  GLU 89  89  89  GLU GLU A . n 
A 1 90  ALA 90  90  90  ALA ALA A . n 
A 1 91  ILE 91  91  91  ILE ILE A . n 
A 1 92  LEU 92  92  92  LEU LEU A . n 
A 1 93  GLN 93  93  93  GLN GLN A . n 
A 1 94  ALA 94  94  94  ALA ALA A . n 
A 1 95  ALA 95  95  95  ALA ALA A . n 
A 1 96  ARG 96  96  96  ARG ARG A . n 
A 1 97  ALA 97  97  97  ALA ALA A . n 
A 1 98  GLU 98  98  98  GLU GLU A . n 
A 1 99  LYS 99  99  99  LYS LYS A . n 
A 1 100 ALA 100 100 100 ALA ALA A . n 
A 1 101 ASP 101 101 101 ASP ASP A . n 
A 1 102 LEU 102 102 102 LEU LEU A . n 
A 1 103 ILE 103 103 103 ILE ILE A . n 
A 1 104 VAL 104 104 104 VAL VAL A . n 
A 1 105 MET 105 105 105 MET MET A . n 
A 1 106 GLY 106 106 106 GLY GLY A . n 
A 1 107 THR 107 107 107 THR THR A . n 
A 1 108 ARG 108 108 108 ARG ARG A . n 
A 1 109 GLY 109 109 109 GLY GLY A . n 
A 1 110 LEU 110 110 110 LEU LEU A . n 
A 1 111 GLY 111 111 111 GLY GLY A . n 
A 1 112 ALA 112 112 112 ALA ALA A . n 
A 1 113 LEU 113 113 113 LEU LEU A . n 
A 1 114 GLY 114 114 114 GLY GLY A . n 
A 1 115 SER 115 115 115 SER SER A . n 
A 1 116 LEU 116 116 116 LEU LEU A . n 
A 1 117 PHE 117 117 117 PHE PHE A . n 
A 1 118 LEU 118 118 118 LEU LEU A . n 
A 1 119 GLY 119 119 119 GLY GLY A . n 
A 1 120 SER 120 120 120 SER SER A . n 
A 1 121 GLN 121 121 121 GLN GLN A . n 
A 1 122 SER 122 122 122 SER SER A . n 
A 1 123 GLN 123 123 123 GLN GLN A . n 
A 1 124 ARG 124 124 124 ARG ARG A . n 
A 1 125 VAL 125 125 125 VAL VAL A . n 
A 1 126 VAL 126 126 126 VAL VAL A . n 
A 1 127 ALA 127 127 127 ALA ALA A . n 
A 1 128 GLU 128 128 128 GLU GLU A . n 
A 1 129 ALA 129 129 129 ALA ALA A . n 
A 1 130 PRO 130 130 130 PRO PRO A . n 
A 1 131 CYS 131 131 131 CYS CYS A . n 
A 1 132 PRO 132 132 132 PRO PRO A . n 
A 1 133 VAL 133 133 133 VAL VAL A . n 
A 1 134 LEU 134 134 134 LEU LEU A . n 
A 1 135 LEU 135 135 135 LEU LEU A . n 
A 1 136 VAL 136 136 136 VAL VAL A . n 
A 1 137 ARG 137 137 137 ARG ARG A . n 
# 
_pdbx_SG_project.id                    1 
_pdbx_SG_project.project_name          'NPPSFA, National Project on Protein Structural and Functional Analyses' 
_pdbx_SG_project.full_name_of_center   'RIKEN Structural Genomics/Proteomics Initiative' 
_pdbx_SG_project.initial_of_center     RSGI 
# 
loop_
_pdbx_nonpoly_scheme.asym_id 
_pdbx_nonpoly_scheme.entity_id 
_pdbx_nonpoly_scheme.mon_id 
_pdbx_nonpoly_scheme.ndb_seq_num 
_pdbx_nonpoly_scheme.pdb_seq_num 
_pdbx_nonpoly_scheme.auth_seq_num 
_pdbx_nonpoly_scheme.pdb_mon_id 
_pdbx_nonpoly_scheme.auth_mon_id 
_pdbx_nonpoly_scheme.pdb_strand_id 
_pdbx_nonpoly_scheme.pdb_ins_code 
B 2 MG  1   2001 2001 MG  MG  A . 
C 2 MG  1   2002 2002 MG  MG  A . 
D 3 ATP 1   1001 1001 ATP ATP A . 
E 4 HOH 1   2003 1    HOH HOH A . 
E 4 HOH 2   2004 2    HOH HOH A . 
E 4 HOH 3   2005 3    HOH HOH A . 
E 4 HOH 4   2006 4    HOH HOH A . 
E 4 HOH 5   2007 5    HOH HOH A . 
E 4 HOH 6   2008 6    HOH HOH A . 
E 4 HOH 7   2009 7    HOH HOH A . 
E 4 HOH 8   2010 8    HOH HOH A . 
E 4 HOH 9   2011 9    HOH HOH A . 
E 4 HOH 10  2012 10   HOH HOH A . 
E 4 HOH 11  2013 11   HOH HOH A . 
E 4 HOH 12  2014 12   HOH HOH A . 
E 4 HOH 13  2015 13   HOH HOH A . 
E 4 HOH 14  2016 14   HOH HOH A . 
E 4 HOH 15  2017 15   HOH HOH A . 
E 4 HOH 16  2018 16   HOH HOH A . 
E 4 HOH 17  2019 17   HOH HOH A . 
E 4 HOH 18  2020 18   HOH HOH A . 
E 4 HOH 19  2021 19   HOH HOH A . 
E 4 HOH 20  2022 20   HOH HOH A . 
E 4 HOH 21  2023 21   HOH HOH A . 
E 4 HOH 22  2024 22   HOH HOH A . 
E 4 HOH 23  2025 23   HOH HOH A . 
E 4 HOH 24  2026 24   HOH HOH A . 
E 4 HOH 25  2027 25   HOH HOH A . 
E 4 HOH 26  2028 26   HOH HOH A . 
E 4 HOH 27  2029 27   HOH HOH A . 
E 4 HOH 28  2030 28   HOH HOH A . 
E 4 HOH 29  2031 29   HOH HOH A . 
E 4 HOH 30  2032 30   HOH HOH A . 
E 4 HOH 31  2033 31   HOH HOH A . 
E 4 HOH 32  2034 32   HOH HOH A . 
E 4 HOH 33  2035 33   HOH HOH A . 
E 4 HOH 34  2036 34   HOH HOH A . 
E 4 HOH 35  2037 35   HOH HOH A . 
E 4 HOH 36  2038 36   HOH HOH A . 
E 4 HOH 37  2039 37   HOH HOH A . 
E 4 HOH 38  2040 38   HOH HOH A . 
E 4 HOH 39  2041 39   HOH HOH A . 
E 4 HOH 40  2042 40   HOH HOH A . 
E 4 HOH 41  2043 41   HOH HOH A . 
E 4 HOH 42  2044 42   HOH HOH A . 
E 4 HOH 43  2045 43   HOH HOH A . 
E 4 HOH 44  2046 44   HOH HOH A . 
E 4 HOH 45  2047 45   HOH HOH A . 
E 4 HOH 46  2048 46   HOH HOH A . 
E 4 HOH 47  2049 47   HOH HOH A . 
E 4 HOH 48  2050 48   HOH HOH A . 
E 4 HOH 49  2051 49   HOH HOH A . 
E 4 HOH 50  2052 50   HOH HOH A . 
E 4 HOH 51  2053 51   HOH HOH A . 
E 4 HOH 52  2054 52   HOH HOH A . 
E 4 HOH 53  2055 53   HOH HOH A . 
E 4 HOH 54  2056 54   HOH HOH A . 
E 4 HOH 55  2057 55   HOH HOH A . 
E 4 HOH 56  2058 56   HOH HOH A . 
E 4 HOH 57  2059 57   HOH HOH A . 
E 4 HOH 58  2060 58   HOH HOH A . 
E 4 HOH 59  2061 59   HOH HOH A . 
E 4 HOH 60  2062 60   HOH HOH A . 
E 4 HOH 61  2063 61   HOH HOH A . 
E 4 HOH 62  2064 62   HOH HOH A . 
E 4 HOH 63  2065 63   HOH HOH A . 
E 4 HOH 64  2066 64   HOH HOH A . 
E 4 HOH 65  2067 65   HOH HOH A . 
E 4 HOH 66  2068 66   HOH HOH A . 
E 4 HOH 67  2069 67   HOH HOH A . 
E 4 HOH 68  2070 68   HOH HOH A . 
E 4 HOH 69  2071 69   HOH HOH A . 
E 4 HOH 70  2072 70   HOH HOH A . 
E 4 HOH 71  2073 71   HOH HOH A . 
E 4 HOH 72  2074 72   HOH HOH A . 
E 4 HOH 73  2075 73   HOH HOH A . 
E 4 HOH 74  2076 74   HOH HOH A . 
E 4 HOH 75  2077 75   HOH HOH A . 
E 4 HOH 76  2078 76   HOH HOH A . 
E 4 HOH 77  2079 77   HOH HOH A . 
E 4 HOH 78  2080 78   HOH HOH A . 
E 4 HOH 79  2081 79   HOH HOH A . 
E 4 HOH 80  2082 80   HOH HOH A . 
E 4 HOH 81  2083 81   HOH HOH A . 
E 4 HOH 82  2084 82   HOH HOH A . 
E 4 HOH 83  2085 83   HOH HOH A . 
E 4 HOH 84  2086 84   HOH HOH A . 
E 4 HOH 85  2087 85   HOH HOH A . 
E 4 HOH 86  2088 86   HOH HOH A . 
E 4 HOH 87  2089 87   HOH HOH A . 
E 4 HOH 88  2090 88   HOH HOH A . 
E 4 HOH 89  2091 89   HOH HOH A . 
E 4 HOH 90  2092 90   HOH HOH A . 
E 4 HOH 91  2093 91   HOH HOH A . 
E 4 HOH 92  2094 92   HOH HOH A . 
E 4 HOH 93  2095 93   HOH HOH A . 
E 4 HOH 94  2096 94   HOH HOH A . 
E 4 HOH 95  2097 95   HOH HOH A . 
E 4 HOH 96  2098 96   HOH HOH A . 
E 4 HOH 97  2099 97   HOH HOH A . 
E 4 HOH 98  2100 98   HOH HOH A . 
E 4 HOH 99  2101 99   HOH HOH A . 
E 4 HOH 100 2102 100  HOH HOH A . 
E 4 HOH 101 2103 101  HOH HOH A . 
E 4 HOH 102 2104 102  HOH HOH A . 
E 4 HOH 103 2105 103  HOH HOH A . 
E 4 HOH 104 2106 104  HOH HOH A . 
E 4 HOH 105 2107 105  HOH HOH A . 
# 
_pdbx_struct_assembly.id                   1 
_pdbx_struct_assembly.details              author_and_software_defined_assembly 
_pdbx_struct_assembly.method_details       PISA 
_pdbx_struct_assembly.oligomeric_details   tetrameric 
_pdbx_struct_assembly.oligomeric_count     4 
# 
_pdbx_struct_assembly_gen.assembly_id       1 
_pdbx_struct_assembly_gen.oper_expression   1,2,3,4 
_pdbx_struct_assembly_gen.asym_id_list      A,B,C,D,E 
# 
_pdbx_struct_assembly_prop.biol_id   1 
_pdbx_struct_assembly_prop.type      'ABSA (A^2)' 
_pdbx_struct_assembly_prop.value     10370 
_pdbx_struct_assembly_prop.details   ? 
# 
loop_
_pdbx_struct_oper_list.id 
_pdbx_struct_oper_list.type 
_pdbx_struct_oper_list.name 
_pdbx_struct_oper_list.symmetry_operation 
_pdbx_struct_oper_list.matrix[1][1] 
_pdbx_struct_oper_list.matrix[1][2] 
_pdbx_struct_oper_list.matrix[1][3] 
_pdbx_struct_oper_list.vector[1] 
_pdbx_struct_oper_list.matrix[2][1] 
_pdbx_struct_oper_list.matrix[2][2] 
_pdbx_struct_oper_list.matrix[2][3] 
_pdbx_struct_oper_list.vector[2] 
_pdbx_struct_oper_list.matrix[3][1] 
_pdbx_struct_oper_list.matrix[3][2] 
_pdbx_struct_oper_list.matrix[3][3] 
_pdbx_struct_oper_list.vector[3] 
1 'identity operation'         1_555 x,y,z     1.0000000000  0.0000000000  0.0000000000  0.0000000000  0.0000000000  1.0000000000  0.0000000000  0.0000000000  0.0000000000  0.0000000000  1.0000000000  0.0000000000  
2 'crystal symmetry operation' 2_655 -x+1,-y,z -0.4491797814 0.8041253448  0.3893840699  -7.1763086920 0.8041253448  0.1739176382  0.5684497208  -9.6226797078 0.3893840699  0.5684497208  -0.7247378568 30.0235614761 
3 'crystal symmetry operation' 3_655 -x+1,y,-z -0.9651163995 0.0943662883  -0.2442239525 10.0084340665 0.0943662883  -0.7447225556 -0.6606688420 20.7516610386 -0.2442239525 -0.6606688420 0.7098389552  9.4478343380  
4 'crystal symmetry operation' 4_555 x,-y,-z   0.4142961810  -0.8984916331 -0.1451601174 8.6938778550  -0.8984916331 -0.4291950826 0.0922191212  7.4050544547  -0.1451601174 0.0922191212  -0.9851010984 38.8697589788 
# 
loop_
_pdbx_struct_special_symmetry.id 
_pdbx_struct_special_symmetry.PDB_model_num 
_pdbx_struct_special_symmetry.auth_asym_id 
_pdbx_struct_special_symmetry.auth_comp_id 
_pdbx_struct_special_symmetry.auth_seq_id 
_pdbx_struct_special_symmetry.PDB_ins_code 
_pdbx_struct_special_symmetry.label_asym_id 
_pdbx_struct_special_symmetry.label_comp_id 
_pdbx_struct_special_symmetry.label_seq_id 
1 1 A MG  2002 ? C MG  . 
2 1 A HOH 2060 ? E HOH . 
3 1 A HOH 2080 ? E HOH . 
4 1 A HOH 2094 ? E HOH . 
5 1 A HOH 2101 ? E HOH . 
# 
loop_
_pdbx_struct_conn_angle.id 
_pdbx_struct_conn_angle.ptnr1_label_atom_id 
_pdbx_struct_conn_angle.ptnr1_label_alt_id 
_pdbx_struct_conn_angle.ptnr1_label_asym_id 
_pdbx_struct_conn_angle.ptnr1_label_comp_id 
_pdbx_struct_conn_angle.ptnr1_label_seq_id 
_pdbx_struct_conn_angle.ptnr1_auth_atom_id 
_pdbx_struct_conn_angle.ptnr1_auth_asym_id 
_pdbx_struct_conn_angle.ptnr1_auth_comp_id 
_pdbx_struct_conn_angle.ptnr1_auth_seq_id 
_pdbx_struct_conn_angle.ptnr1_PDB_ins_code 
_pdbx_struct_conn_angle.ptnr1_symmetry 
_pdbx_struct_conn_angle.ptnr2_label_atom_id 
_pdbx_struct_conn_angle.ptnr2_label_alt_id 
_pdbx_struct_conn_angle.ptnr2_label_asym_id 
_pdbx_struct_conn_angle.ptnr2_label_comp_id 
_pdbx_struct_conn_angle.ptnr2_label_seq_id 
_pdbx_struct_conn_angle.ptnr2_auth_atom_id 
_pdbx_struct_conn_angle.ptnr2_auth_asym_id 
_pdbx_struct_conn_angle.ptnr2_auth_comp_id 
_pdbx_struct_conn_angle.ptnr2_auth_seq_id 
_pdbx_struct_conn_angle.ptnr2_PDB_ins_code 
_pdbx_struct_conn_angle.ptnr2_symmetry 
_pdbx_struct_conn_angle.ptnr3_label_atom_id 
_pdbx_struct_conn_angle.ptnr3_label_alt_id 
_pdbx_struct_conn_angle.ptnr3_label_asym_id 
_pdbx_struct_conn_angle.ptnr3_label_comp_id 
_pdbx_struct_conn_angle.ptnr3_label_seq_id 
_pdbx_struct_conn_angle.ptnr3_auth_atom_id 
_pdbx_struct_conn_angle.ptnr3_auth_asym_id 
_pdbx_struct_conn_angle.ptnr3_auth_comp_id 
_pdbx_struct_conn_angle.ptnr3_auth_seq_id 
_pdbx_struct_conn_angle.ptnr3_PDB_ins_code 
_pdbx_struct_conn_angle.ptnr3_symmetry 
_pdbx_struct_conn_angle.value 
_pdbx_struct_conn_angle.value_esd 
1  O2A ? D ATP . ? A ATP 1001 ? 1_555 MG ? B MG . ? A MG 2001 ? 1_555 O3G ? D ATP . ? A ATP 1001 ? 1_555 90.6  ? 
2  O2A ? D ATP . ? A ATP 1001 ? 1_555 MG ? B MG . ? A MG 2001 ? 1_555 O2B ? D ATP . ? A ATP 1001 ? 1_555 90.6  ? 
3  O3G ? D ATP . ? A ATP 1001 ? 1_555 MG ? B MG . ? A MG 2001 ? 1_555 O2B ? D ATP . ? A ATP 1001 ? 1_555 89.4  ? 
4  O2A ? D ATP . ? A ATP 1001 ? 1_555 MG ? B MG . ? A MG 2001 ? 1_555 O   ? E HOH . ? A HOH 2034 ? 1_555 85.1  ? 
5  O3G ? D ATP . ? A ATP 1001 ? 1_555 MG ? B MG . ? A MG 2001 ? 1_555 O   ? E HOH . ? A HOH 2034 ? 1_555 97.1  ? 
6  O2B ? D ATP . ? A ATP 1001 ? 1_555 MG ? B MG . ? A MG 2001 ? 1_555 O   ? E HOH . ? A HOH 2034 ? 1_555 172.2 ? 
7  O2A ? D ATP . ? A ATP 1001 ? 1_555 MG ? B MG . ? A MG 2001 ? 1_555 O   ? E HOH . ? A HOH 2035 ? 1_555 96.0  ? 
8  O3G ? D ATP . ? A ATP 1001 ? 1_555 MG ? B MG . ? A MG 2001 ? 1_555 O   ? E HOH . ? A HOH 2035 ? 1_555 173.3 ? 
9  O2B ? D ATP . ? A ATP 1001 ? 1_555 MG ? B MG . ? A MG 2001 ? 1_555 O   ? E HOH . ? A HOH 2035 ? 1_555 89.2  ? 
10 O   ? E HOH . ? A HOH 2034 ? 1_555 MG ? B MG . ? A MG 2001 ? 1_555 O   ? E HOH . ? A HOH 2035 ? 1_555 84.7  ? 
11 O2A ? D ATP . ? A ATP 1001 ? 1_555 MG ? B MG . ? A MG 2001 ? 1_555 O   ? E HOH . ? A HOH 2050 ? 1_555 175.7 ? 
12 O3G ? D ATP . ? A ATP 1001 ? 1_555 MG ? B MG . ? A MG 2001 ? 1_555 O   ? E HOH . ? A HOH 2050 ? 1_555 86.8  ? 
13 O2B ? D ATP . ? A ATP 1001 ? 1_555 MG ? B MG . ? A MG 2001 ? 1_555 O   ? E HOH . ? A HOH 2050 ? 1_555 92.7  ? 
14 O   ? E HOH . ? A HOH 2034 ? 1_555 MG ? B MG . ? A MG 2001 ? 1_555 O   ? E HOH . ? A HOH 2050 ? 1_555 91.9  ? 
15 O   ? E HOH . ? A HOH 2035 ? 1_555 MG ? B MG . ? A MG 2001 ? 1_555 O   ? E HOH . ? A HOH 2050 ? 1_555 86.7  ? 
16 O   ? E HOH . ? A HOH 2058 ? 1_555 MG ? C MG . ? A MG 2002 ? 1_555 O   ? E HOH . ? A HOH 2059 ? 1_555 88.4  ? 
# 
loop_
_pdbx_audit_revision_history.ordinal 
_pdbx_audit_revision_history.data_content_type 
_pdbx_audit_revision_history.major_revision 
_pdbx_audit_revision_history.minor_revision 
_pdbx_audit_revision_history.revision_date 
1 'Structure model' 1 0 2007-11-13 
2 'Structure model' 1 1 2011-07-13 
3 'Structure model' 1 2 2017-10-11 
4 'Structure model' 1 3 2023-11-01 
# 
_pdbx_audit_revision_details.ordinal             1 
_pdbx_audit_revision_details.revision_ordinal    1 
_pdbx_audit_revision_details.data_content_type   'Structure model' 
_pdbx_audit_revision_details.provider            repository 
_pdbx_audit_revision_details.type                'Initial release' 
_pdbx_audit_revision_details.description         ? 
_pdbx_audit_revision_details.details             ? 
# 
loop_
_pdbx_audit_revision_group.ordinal 
_pdbx_audit_revision_group.revision_ordinal 
_pdbx_audit_revision_group.data_content_type 
_pdbx_audit_revision_group.group 
1 2 'Structure model' 'Version format compliance' 
2 3 'Structure model' 'Refinement description'    
3 4 'Structure model' 'Data collection'           
4 4 'Structure model' 'Database references'       
5 4 'Structure model' 'Derived calculations'      
6 4 'Structure model' 'Refinement description'    
# 
loop_
_pdbx_audit_revision_category.ordinal 
_pdbx_audit_revision_category.revision_ordinal 
_pdbx_audit_revision_category.data_content_type 
_pdbx_audit_revision_category.category 
1 3 'Structure model' software                      
2 4 'Structure model' chem_comp_atom                
3 4 'Structure model' chem_comp_bond                
4 4 'Structure model' database_2                    
5 4 'Structure model' pdbx_initial_refinement_model 
6 4 'Structure model' pdbx_struct_conn_angle        
7 4 'Structure model' struct_conn                   
8 4 'Structure model' struct_site                   
# 
loop_
_pdbx_audit_revision_item.ordinal 
_pdbx_audit_revision_item.revision_ordinal 
_pdbx_audit_revision_item.data_content_type 
_pdbx_audit_revision_item.item 
1  4 'Structure model' '_database_2.pdbx_DOI'                        
2  4 'Structure model' '_database_2.pdbx_database_accession'         
3  4 'Structure model' '_pdbx_struct_conn_angle.ptnr1_auth_comp_id'  
4  4 'Structure model' '_pdbx_struct_conn_angle.ptnr1_auth_seq_id'   
5  4 'Structure model' '_pdbx_struct_conn_angle.ptnr1_label_asym_id' 
6  4 'Structure model' '_pdbx_struct_conn_angle.ptnr1_label_atom_id' 
7  4 'Structure model' '_pdbx_struct_conn_angle.ptnr1_label_comp_id' 
8  4 'Structure model' '_pdbx_struct_conn_angle.ptnr3_auth_comp_id'  
9  4 'Structure model' '_pdbx_struct_conn_angle.ptnr3_auth_seq_id'   
10 4 'Structure model' '_pdbx_struct_conn_angle.ptnr3_label_asym_id' 
11 4 'Structure model' '_pdbx_struct_conn_angle.ptnr3_label_atom_id' 
12 4 'Structure model' '_pdbx_struct_conn_angle.ptnr3_label_comp_id' 
13 4 'Structure model' '_pdbx_struct_conn_angle.value'               
14 4 'Structure model' '_struct_conn.pdbx_dist_value'                
15 4 'Structure model' '_struct_conn.ptnr1_auth_comp_id'             
16 4 'Structure model' '_struct_conn.ptnr1_auth_seq_id'              
17 4 'Structure model' '_struct_conn.ptnr1_label_asym_id'            
18 4 'Structure model' '_struct_conn.ptnr1_label_atom_id'            
19 4 'Structure model' '_struct_conn.ptnr1_label_comp_id'            
20 4 'Structure model' '_struct_conn.ptnr2_auth_comp_id'             
21 4 'Structure model' '_struct_conn.ptnr2_auth_seq_id'              
22 4 'Structure model' '_struct_conn.ptnr2_label_asym_id'            
23 4 'Structure model' '_struct_conn.ptnr2_label_atom_id'            
24 4 'Structure model' '_struct_conn.ptnr2_label_comp_id'            
25 4 'Structure model' '_struct_site.pdbx_auth_asym_id'              
26 4 'Structure model' '_struct_site.pdbx_auth_comp_id'              
27 4 'Structure model' '_struct_site.pdbx_auth_seq_id'               
# 
loop_
_software.name 
_software.classification 
_software.version 
_software.citation_id 
_software.pdbx_ordinal 
CNS      refinement       1.1 ? 1 
HKL-2000 'data reduction' .   ? 2 
HKL-2000 'data scaling'   .   ? 3 
MOLREP   phasing          .   ? 4 
# 
loop_
_pdbx_validate_close_contact.id 
_pdbx_validate_close_contact.PDB_model_num 
_pdbx_validate_close_contact.auth_atom_id_1 
_pdbx_validate_close_contact.auth_asym_id_1 
_pdbx_validate_close_contact.auth_comp_id_1 
_pdbx_validate_close_contact.auth_seq_id_1 
_pdbx_validate_close_contact.PDB_ins_code_1 
_pdbx_validate_close_contact.label_alt_id_1 
_pdbx_validate_close_contact.auth_atom_id_2 
_pdbx_validate_close_contact.auth_asym_id_2 
_pdbx_validate_close_contact.auth_comp_id_2 
_pdbx_validate_close_contact.auth_seq_id_2 
_pdbx_validate_close_contact.PDB_ins_code_2 
_pdbx_validate_close_contact.label_alt_id_2 
_pdbx_validate_close_contact.dist 
1 1 NH2 A ARG 108 ? ? N A GLY 114  ? ? 1.88 
2 1 NH1 A ARG 108 ? ? O A HOH 2061 ? ? 2.15 
# 
loop_
_pdbx_validate_symm_contact.id 
_pdbx_validate_symm_contact.PDB_model_num 
_pdbx_validate_symm_contact.auth_atom_id_1 
_pdbx_validate_symm_contact.auth_asym_id_1 
_pdbx_validate_symm_contact.auth_comp_id_1 
_pdbx_validate_symm_contact.auth_seq_id_1 
_pdbx_validate_symm_contact.PDB_ins_code_1 
_pdbx_validate_symm_contact.label_alt_id_1 
_pdbx_validate_symm_contact.site_symmetry_1 
_pdbx_validate_symm_contact.auth_atom_id_2 
_pdbx_validate_symm_contact.auth_asym_id_2 
_pdbx_validate_symm_contact.auth_comp_id_2 
_pdbx_validate_symm_contact.auth_seq_id_2 
_pdbx_validate_symm_contact.PDB_ins_code_2 
_pdbx_validate_symm_contact.label_alt_id_2 
_pdbx_validate_symm_contact.site_symmetry_2 
_pdbx_validate_symm_contact.dist 
1 1 CZ A PHE 117  ? ? 1_555 CZ A PHE 117  ? ? 3_655 1.91 
2 1 O  A HOH 2021 ? ? 1_555 O  A HOH 2107 ? ? 8_555 2.03 
# 
loop_
_pdbx_validate_rmsd_bond.id 
_pdbx_validate_rmsd_bond.PDB_model_num 
_pdbx_validate_rmsd_bond.auth_atom_id_1 
_pdbx_validate_rmsd_bond.auth_asym_id_1 
_pdbx_validate_rmsd_bond.auth_comp_id_1 
_pdbx_validate_rmsd_bond.auth_seq_id_1 
_pdbx_validate_rmsd_bond.PDB_ins_code_1 
_pdbx_validate_rmsd_bond.label_alt_id_1 
_pdbx_validate_rmsd_bond.auth_atom_id_2 
_pdbx_validate_rmsd_bond.auth_asym_id_2 
_pdbx_validate_rmsd_bond.auth_comp_id_2 
_pdbx_validate_rmsd_bond.auth_seq_id_2 
_pdbx_validate_rmsd_bond.PDB_ins_code_2 
_pdbx_validate_rmsd_bond.label_alt_id_2 
_pdbx_validate_rmsd_bond.bond_value 
_pdbx_validate_rmsd_bond.bond_target_value 
_pdbx_validate_rmsd_bond.bond_deviation 
_pdbx_validate_rmsd_bond.bond_standard_deviation 
_pdbx_validate_rmsd_bond.linker_flag 
1 1 CG  A GLU 13  ? ? CD  A GLU 13  ? ? 1.611 1.515 0.096 0.015 N 
2 1 CD1 A TYR 39  ? ? CE1 A TYR 39  ? ? 1.492 1.389 0.103 0.015 N 
3 1 CB  A SER 115 ? ? OG  A SER 115 ? ? 1.496 1.418 0.078 0.013 N 
# 
loop_
_pdbx_validate_rmsd_angle.id 
_pdbx_validate_rmsd_angle.PDB_model_num 
_pdbx_validate_rmsd_angle.auth_atom_id_1 
_pdbx_validate_rmsd_angle.auth_asym_id_1 
_pdbx_validate_rmsd_angle.auth_comp_id_1 
_pdbx_validate_rmsd_angle.auth_seq_id_1 
_pdbx_validate_rmsd_angle.PDB_ins_code_1 
_pdbx_validate_rmsd_angle.label_alt_id_1 
_pdbx_validate_rmsd_angle.auth_atom_id_2 
_pdbx_validate_rmsd_angle.auth_asym_id_2 
_pdbx_validate_rmsd_angle.auth_comp_id_2 
_pdbx_validate_rmsd_angle.auth_seq_id_2 
_pdbx_validate_rmsd_angle.PDB_ins_code_2 
_pdbx_validate_rmsd_angle.label_alt_id_2 
_pdbx_validate_rmsd_angle.auth_atom_id_3 
_pdbx_validate_rmsd_angle.auth_asym_id_3 
_pdbx_validate_rmsd_angle.auth_comp_id_3 
_pdbx_validate_rmsd_angle.auth_seq_id_3 
_pdbx_validate_rmsd_angle.PDB_ins_code_3 
_pdbx_validate_rmsd_angle.label_alt_id_3 
_pdbx_validate_rmsd_angle.angle_value 
_pdbx_validate_rmsd_angle.angle_target_value 
_pdbx_validate_rmsd_angle.angle_deviation 
_pdbx_validate_rmsd_angle.angle_standard_deviation 
_pdbx_validate_rmsd_angle.linker_flag 
1  1 OE1 A GLU 13  ? ? CD A GLU 13  ? ? OE2 A GLU 13  ? ? 115.58 123.30 -7.72  1.20 N 
2  1 NE  A ARG 32  ? ? CZ A ARG 32  ? ? NH1 A ARG 32  ? ? 123.78 120.30 3.48   0.50 N 
3  1 NE  A ARG 32  ? ? CZ A ARG 32  ? ? NH2 A ARG 32  ? ? 115.34 120.30 -4.96  0.50 N 
4  1 NE  A ARG 58  ? ? CZ A ARG 58  ? ? NH2 A ARG 58  ? ? 116.66 120.30 -3.64  0.50 N 
5  1 NE  A ARG 61  ? ? CZ A ARG 61  ? ? NH1 A ARG 61  ? ? 123.60 120.30 3.30   0.50 N 
6  1 OE1 A GLU 68  ? ? CD A GLU 68  ? ? OE2 A GLU 68  ? ? 113.17 123.30 -10.13 1.20 N 
7  1 CB  A LEU 82  ? ? CG A LEU 82  ? ? CD1 A LEU 82  ? ? 94.18  111.00 -16.82 1.70 N 
8  1 N   A SER 115 ? ? CA A SER 115 ? ? CB  A SER 115 ? ? 99.60  110.50 -10.90 1.50 N 
9  1 NE  A ARG 124 ? ? CZ A ARG 124 ? ? NH2 A ARG 124 ? ? 114.98 120.30 -5.32  0.50 N 
10 1 CG  A ARG 137 ? ? CD A ARG 137 ? ? NE  A ARG 137 ? ? 95.00  111.80 -16.80 2.10 N 
11 1 NE  A ARG 137 ? ? CZ A ARG 137 ? ? NH1 A ARG 137 ? ? 124.28 120.30 3.98   0.50 N 
12 1 NE  A ARG 137 ? ? CZ A ARG 137 ? ? NH2 A ARG 137 ? ? 116.87 120.30 -3.43  0.50 N 
# 
_pdbx_validate_torsion.id              1 
_pdbx_validate_torsion.PDB_model_num   1 
_pdbx_validate_torsion.auth_comp_id    LEU 
_pdbx_validate_torsion.auth_asym_id    A 
_pdbx_validate_torsion.auth_seq_id     118 
_pdbx_validate_torsion.PDB_ins_code    ? 
_pdbx_validate_torsion.label_alt_id    ? 
_pdbx_validate_torsion.phi             -173.83 
_pdbx_validate_torsion.psi             142.27 
# 
loop_
_pdbx_unobs_or_zero_occ_atoms.id 
_pdbx_unobs_or_zero_occ_atoms.PDB_model_num 
_pdbx_unobs_or_zero_occ_atoms.polymer_flag 
_pdbx_unobs_or_zero_occ_atoms.occupancy_flag 
_pdbx_unobs_or_zero_occ_atoms.auth_asym_id 
_pdbx_unobs_or_zero_occ_atoms.auth_comp_id 
_pdbx_unobs_or_zero_occ_atoms.auth_seq_id 
_pdbx_unobs_or_zero_occ_atoms.PDB_ins_code 
_pdbx_unobs_or_zero_occ_atoms.auth_atom_id 
_pdbx_unobs_or_zero_occ_atoms.label_alt_id 
_pdbx_unobs_or_zero_occ_atoms.label_asym_id 
_pdbx_unobs_or_zero_occ_atoms.label_comp_id 
_pdbx_unobs_or_zero_occ_atoms.label_seq_id 
_pdbx_unobs_or_zero_occ_atoms.label_atom_id 
1  1 Y 1 A GLU 40 ? CG  ? A GLU 40 CG  
2  1 Y 1 A GLU 40 ? CD  ? A GLU 40 CD  
3  1 Y 1 A GLU 40 ? OE1 ? A GLU 40 OE1 
4  1 Y 1 A GLU 40 ? OE2 ? A GLU 40 OE2 
5  1 Y 1 A ARG 56 ? CB  ? A ARG 56 CB  
6  1 Y 1 A ARG 56 ? CG  ? A ARG 56 CG  
7  1 Y 1 A ARG 56 ? CD  ? A ARG 56 CD  
8  1 Y 1 A ARG 56 ? NE  ? A ARG 56 NE  
9  1 Y 1 A ARG 56 ? CZ  ? A ARG 56 CZ  
10 1 Y 1 A ARG 56 ? NH1 ? A ARG 56 NH1 
11 1 Y 1 A ARG 56 ? NH2 ? A ARG 56 NH2 
# 
loop_
_pdbx_unobs_or_zero_occ_residues.id 
_pdbx_unobs_or_zero_occ_residues.PDB_model_num 
_pdbx_unobs_or_zero_occ_residues.polymer_flag 
_pdbx_unobs_or_zero_occ_residues.occupancy_flag 
_pdbx_unobs_or_zero_occ_residues.auth_asym_id 
_pdbx_unobs_or_zero_occ_residues.auth_comp_id 
_pdbx_unobs_or_zero_occ_residues.auth_seq_id 
_pdbx_unobs_or_zero_occ_residues.PDB_ins_code 
_pdbx_unobs_or_zero_occ_residues.label_asym_id 
_pdbx_unobs_or_zero_occ_residues.label_comp_id 
_pdbx_unobs_or_zero_occ_residues.label_seq_id 
1  1 Y 1 A VAL 42 ? A VAL 42 
2  1 Y 1 A PRO 43 ? A PRO 43 
3  1 Y 1 A ASP 44 ? A ASP 44 
4  1 Y 1 A TYR 45 ? A TYR 45 
5  1 Y 1 A LEU 46 ? A LEU 46 
6  1 Y 1 A GLY 47 ? A GLY 47 
7  1 Y 1 A GLU 48 ? A GLU 48 
8  1 Y 1 A PRO 49 ? A PRO 49 
9  1 Y 1 A PHE 50 ? A PHE 50 
10 1 Y 1 A PHE 51 ? A PHE 51 
11 1 Y 1 A GLU 52 ? A GLU 52 
12 1 Y 1 A GLU 53 ? A GLU 53 
13 1 Y 1 A ALA 54 ? A ALA 54 
14 1 Y 1 A LEU 55 ? A LEU 55 
# 
loop_
_chem_comp_atom.comp_id 
_chem_comp_atom.atom_id 
_chem_comp_atom.type_symbol 
_chem_comp_atom.pdbx_aromatic_flag 
_chem_comp_atom.pdbx_stereo_config 
_chem_comp_atom.pdbx_ordinal 
ALA N      N  N N 1   
ALA CA     C  N S 2   
ALA C      C  N N 3   
ALA O      O  N N 4   
ALA CB     C  N N 5   
ALA OXT    O  N N 6   
ALA H      H  N N 7   
ALA H2     H  N N 8   
ALA HA     H  N N 9   
ALA HB1    H  N N 10  
ALA HB2    H  N N 11  
ALA HB3    H  N N 12  
ALA HXT    H  N N 13  
ARG N      N  N N 14  
ARG CA     C  N S 15  
ARG C      C  N N 16  
ARG O      O  N N 17  
ARG CB     C  N N 18  
ARG CG     C  N N 19  
ARG CD     C  N N 20  
ARG NE     N  N N 21  
ARG CZ     C  N N 22  
ARG NH1    N  N N 23  
ARG NH2    N  N N 24  
ARG OXT    O  N N 25  
ARG H      H  N N 26  
ARG H2     H  N N 27  
ARG HA     H  N N 28  
ARG HB2    H  N N 29  
ARG HB3    H  N N 30  
ARG HG2    H  N N 31  
ARG HG3    H  N N 32  
ARG HD2    H  N N 33  
ARG HD3    H  N N 34  
ARG HE     H  N N 35  
ARG HH11   H  N N 36  
ARG HH12   H  N N 37  
ARG HH21   H  N N 38  
ARG HH22   H  N N 39  
ARG HXT    H  N N 40  
ASP N      N  N N 41  
ASP CA     C  N S 42  
ASP C      C  N N 43  
ASP O      O  N N 44  
ASP CB     C  N N 45  
ASP CG     C  N N 46  
ASP OD1    O  N N 47  
ASP OD2    O  N N 48  
ASP OXT    O  N N 49  
ASP H      H  N N 50  
ASP H2     H  N N 51  
ASP HA     H  N N 52  
ASP HB2    H  N N 53  
ASP HB3    H  N N 54  
ASP HD2    H  N N 55  
ASP HXT    H  N N 56  
ATP PG     P  N N 57  
ATP O1G    O  N N 58  
ATP O2G    O  N N 59  
ATP O3G    O  N N 60  
ATP PB     P  N R 61  
ATP O1B    O  N N 62  
ATP O2B    O  N N 63  
ATP O3B    O  N N 64  
ATP PA     P  N R 65  
ATP O1A    O  N N 66  
ATP O2A    O  N N 67  
ATP O3A    O  N N 68  
ATP "O5'"  O  N N 69  
ATP "C5'"  C  N N 70  
ATP "C4'"  C  N R 71  
ATP "O4'"  O  N N 72  
ATP "C3'"  C  N S 73  
ATP "O3'"  O  N N 74  
ATP "C2'"  C  N R 75  
ATP "O2'"  O  N N 76  
ATP "C1'"  C  N R 77  
ATP N9     N  Y N 78  
ATP C8     C  Y N 79  
ATP N7     N  Y N 80  
ATP C5     C  Y N 81  
ATP C6     C  Y N 82  
ATP N6     N  N N 83  
ATP N1     N  Y N 84  
ATP C2     C  Y N 85  
ATP N3     N  Y N 86  
ATP C4     C  Y N 87  
ATP HOG2   H  N N 88  
ATP HOG3   H  N N 89  
ATP HOB2   H  N N 90  
ATP HOA2   H  N N 91  
ATP "H5'1" H  N N 92  
ATP "H5'2" H  N N 93  
ATP "H4'"  H  N N 94  
ATP "H3'"  H  N N 95  
ATP "HO3'" H  N N 96  
ATP "H2'"  H  N N 97  
ATP "HO2'" H  N N 98  
ATP "H1'"  H  N N 99  
ATP H8     H  N N 100 
ATP HN61   H  N N 101 
ATP HN62   H  N N 102 
ATP H2     H  N N 103 
CYS N      N  N N 104 
CYS CA     C  N R 105 
CYS C      C  N N 106 
CYS O      O  N N 107 
CYS CB     C  N N 108 
CYS SG     S  N N 109 
CYS OXT    O  N N 110 
CYS H      H  N N 111 
CYS H2     H  N N 112 
CYS HA     H  N N 113 
CYS HB2    H  N N 114 
CYS HB3    H  N N 115 
CYS HG     H  N N 116 
CYS HXT    H  N N 117 
GLN N      N  N N 118 
GLN CA     C  N S 119 
GLN C      C  N N 120 
GLN O      O  N N 121 
GLN CB     C  N N 122 
GLN CG     C  N N 123 
GLN CD     C  N N 124 
GLN OE1    O  N N 125 
GLN NE2    N  N N 126 
GLN OXT    O  N N 127 
GLN H      H  N N 128 
GLN H2     H  N N 129 
GLN HA     H  N N 130 
GLN HB2    H  N N 131 
GLN HB3    H  N N 132 
GLN HG2    H  N N 133 
GLN HG3    H  N N 134 
GLN HE21   H  N N 135 
GLN HE22   H  N N 136 
GLN HXT    H  N N 137 
GLU N      N  N N 138 
GLU CA     C  N S 139 
GLU C      C  N N 140 
GLU O      O  N N 141 
GLU CB     C  N N 142 
GLU CG     C  N N 143 
GLU CD     C  N N 144 
GLU OE1    O  N N 145 
GLU OE2    O  N N 146 
GLU OXT    O  N N 147 
GLU H      H  N N 148 
GLU H2     H  N N 149 
GLU HA     H  N N 150 
GLU HB2    H  N N 151 
GLU HB3    H  N N 152 
GLU HG2    H  N N 153 
GLU HG3    H  N N 154 
GLU HE2    H  N N 155 
GLU HXT    H  N N 156 
GLY N      N  N N 157 
GLY CA     C  N N 158 
GLY C      C  N N 159 
GLY O      O  N N 160 
GLY OXT    O  N N 161 
GLY H      H  N N 162 
GLY H2     H  N N 163 
GLY HA2    H  N N 164 
GLY HA3    H  N N 165 
GLY HXT    H  N N 166 
HIS N      N  N N 167 
HIS CA     C  N S 168 
HIS C      C  N N 169 
HIS O      O  N N 170 
HIS CB     C  N N 171 
HIS CG     C  Y N 172 
HIS ND1    N  Y N 173 
HIS CD2    C  Y N 174 
HIS CE1    C  Y N 175 
HIS NE2    N  Y N 176 
HIS OXT    O  N N 177 
HIS H      H  N N 178 
HIS H2     H  N N 179 
HIS HA     H  N N 180 
HIS HB2    H  N N 181 
HIS HB3    H  N N 182 
HIS HD1    H  N N 183 
HIS HD2    H  N N 184 
HIS HE1    H  N N 185 
HIS HE2    H  N N 186 
HIS HXT    H  N N 187 
HOH O      O  N N 188 
HOH H1     H  N N 189 
HOH H2     H  N N 190 
ILE N      N  N N 191 
ILE CA     C  N S 192 
ILE C      C  N N 193 
ILE O      O  N N 194 
ILE CB     C  N S 195 
ILE CG1    C  N N 196 
ILE CG2    C  N N 197 
ILE CD1    C  N N 198 
ILE OXT    O  N N 199 
ILE H      H  N N 200 
ILE H2     H  N N 201 
ILE HA     H  N N 202 
ILE HB     H  N N 203 
ILE HG12   H  N N 204 
ILE HG13   H  N N 205 
ILE HG21   H  N N 206 
ILE HG22   H  N N 207 
ILE HG23   H  N N 208 
ILE HD11   H  N N 209 
ILE HD12   H  N N 210 
ILE HD13   H  N N 211 
ILE HXT    H  N N 212 
LEU N      N  N N 213 
LEU CA     C  N S 214 
LEU C      C  N N 215 
LEU O      O  N N 216 
LEU CB     C  N N 217 
LEU CG     C  N N 218 
LEU CD1    C  N N 219 
LEU CD2    C  N N 220 
LEU OXT    O  N N 221 
LEU H      H  N N 222 
LEU H2     H  N N 223 
LEU HA     H  N N 224 
LEU HB2    H  N N 225 
LEU HB3    H  N N 226 
LEU HG     H  N N 227 
LEU HD11   H  N N 228 
LEU HD12   H  N N 229 
LEU HD13   H  N N 230 
LEU HD21   H  N N 231 
LEU HD22   H  N N 232 
LEU HD23   H  N N 233 
LEU HXT    H  N N 234 
LYS N      N  N N 235 
LYS CA     C  N S 236 
LYS C      C  N N 237 
LYS O      O  N N 238 
LYS CB     C  N N 239 
LYS CG     C  N N 240 
LYS CD     C  N N 241 
LYS CE     C  N N 242 
LYS NZ     N  N N 243 
LYS OXT    O  N N 244 
LYS H      H  N N 245 
LYS H2     H  N N 246 
LYS HA     H  N N 247 
LYS HB2    H  N N 248 
LYS HB3    H  N N 249 
LYS HG2    H  N N 250 
LYS HG3    H  N N 251 
LYS HD2    H  N N 252 
LYS HD3    H  N N 253 
LYS HE2    H  N N 254 
LYS HE3    H  N N 255 
LYS HZ1    H  N N 256 
LYS HZ2    H  N N 257 
LYS HZ3    H  N N 258 
LYS HXT    H  N N 259 
MET N      N  N N 260 
MET CA     C  N S 261 
MET C      C  N N 262 
MET O      O  N N 263 
MET CB     C  N N 264 
MET CG     C  N N 265 
MET SD     S  N N 266 
MET CE     C  N N 267 
MET OXT    O  N N 268 
MET H      H  N N 269 
MET H2     H  N N 270 
MET HA     H  N N 271 
MET HB2    H  N N 272 
MET HB3    H  N N 273 
MET HG2    H  N N 274 
MET HG3    H  N N 275 
MET HE1    H  N N 276 
MET HE2    H  N N 277 
MET HE3    H  N N 278 
MET HXT    H  N N 279 
MG  MG     MG N N 280 
PHE N      N  N N 281 
PHE CA     C  N S 282 
PHE C      C  N N 283 
PHE O      O  N N 284 
PHE CB     C  N N 285 
PHE CG     C  Y N 286 
PHE CD1    C  Y N 287 
PHE CD2    C  Y N 288 
PHE CE1    C  Y N 289 
PHE CE2    C  Y N 290 
PHE CZ     C  Y N 291 
PHE OXT    O  N N 292 
PHE H      H  N N 293 
PHE H2     H  N N 294 
PHE HA     H  N N 295 
PHE HB2    H  N N 296 
PHE HB3    H  N N 297 
PHE HD1    H  N N 298 
PHE HD2    H  N N 299 
PHE HE1    H  N N 300 
PHE HE2    H  N N 301 
PHE HZ     H  N N 302 
PHE HXT    H  N N 303 
PRO N      N  N N 304 
PRO CA     C  N S 305 
PRO C      C  N N 306 
PRO O      O  N N 307 
PRO CB     C  N N 308 
PRO CG     C  N N 309 
PRO CD     C  N N 310 
PRO OXT    O  N N 311 
PRO H      H  N N 312 
PRO HA     H  N N 313 
PRO HB2    H  N N 314 
PRO HB3    H  N N 315 
PRO HG2    H  N N 316 
PRO HG3    H  N N 317 
PRO HD2    H  N N 318 
PRO HD3    H  N N 319 
PRO HXT    H  N N 320 
SER N      N  N N 321 
SER CA     C  N S 322 
SER C      C  N N 323 
SER O      O  N N 324 
SER CB     C  N N 325 
SER OG     O  N N 326 
SER OXT    O  N N 327 
SER H      H  N N 328 
SER H2     H  N N 329 
SER HA     H  N N 330 
SER HB2    H  N N 331 
SER HB3    H  N N 332 
SER HG     H  N N 333 
SER HXT    H  N N 334 
THR N      N  N N 335 
THR CA     C  N S 336 
THR C      C  N N 337 
THR O      O  N N 338 
THR CB     C  N R 339 
THR OG1    O  N N 340 
THR CG2    C  N N 341 
THR OXT    O  N N 342 
THR H      H  N N 343 
THR H2     H  N N 344 
THR HA     H  N N 345 
THR HB     H  N N 346 
THR HG1    H  N N 347 
THR HG21   H  N N 348 
THR HG22   H  N N 349 
THR HG23   H  N N 350 
THR HXT    H  N N 351 
TYR N      N  N N 352 
TYR CA     C  N S 353 
TYR C      C  N N 354 
TYR O      O  N N 355 
TYR CB     C  N N 356 
TYR CG     C  Y N 357 
TYR CD1    C  Y N 358 
TYR CD2    C  Y N 359 
TYR CE1    C  Y N 360 
TYR CE2    C  Y N 361 
TYR CZ     C  Y N 362 
TYR OH     O  N N 363 
TYR OXT    O  N N 364 
TYR H      H  N N 365 
TYR H2     H  N N 366 
TYR HA     H  N N 367 
TYR HB2    H  N N 368 
TYR HB3    H  N N 369 
TYR HD1    H  N N 370 
TYR HD2    H  N N 371 
TYR HE1    H  N N 372 
TYR HE2    H  N N 373 
TYR HH     H  N N 374 
TYR HXT    H  N N 375 
VAL N      N  N N 376 
VAL CA     C  N S 377 
VAL C      C  N N 378 
VAL O      O  N N 379 
VAL CB     C  N N 380 
VAL CG1    C  N N 381 
VAL CG2    C  N N 382 
VAL OXT    O  N N 383 
VAL H      H  N N 384 
VAL H2     H  N N 385 
VAL HA     H  N N 386 
VAL HB     H  N N 387 
VAL HG11   H  N N 388 
VAL HG12   H  N N 389 
VAL HG13   H  N N 390 
VAL HG21   H  N N 391 
VAL HG22   H  N N 392 
VAL HG23   H  N N 393 
VAL HXT    H  N N 394 
# 
loop_
_chem_comp_bond.comp_id 
_chem_comp_bond.atom_id_1 
_chem_comp_bond.atom_id_2 
_chem_comp_bond.value_order 
_chem_comp_bond.pdbx_aromatic_flag 
_chem_comp_bond.pdbx_stereo_config 
_chem_comp_bond.pdbx_ordinal 
ALA N     CA     sing N N 1   
ALA N     H      sing N N 2   
ALA N     H2     sing N N 3   
ALA CA    C      sing N N 4   
ALA CA    CB     sing N N 5   
ALA CA    HA     sing N N 6   
ALA C     O      doub N N 7   
ALA C     OXT    sing N N 8   
ALA CB    HB1    sing N N 9   
ALA CB    HB2    sing N N 10  
ALA CB    HB3    sing N N 11  
ALA OXT   HXT    sing N N 12  
ARG N     CA     sing N N 13  
ARG N     H      sing N N 14  
ARG N     H2     sing N N 15  
ARG CA    C      sing N N 16  
ARG CA    CB     sing N N 17  
ARG CA    HA     sing N N 18  
ARG C     O      doub N N 19  
ARG C     OXT    sing N N 20  
ARG CB    CG     sing N N 21  
ARG CB    HB2    sing N N 22  
ARG CB    HB3    sing N N 23  
ARG CG    CD     sing N N 24  
ARG CG    HG2    sing N N 25  
ARG CG    HG3    sing N N 26  
ARG CD    NE     sing N N 27  
ARG CD    HD2    sing N N 28  
ARG CD    HD3    sing N N 29  
ARG NE    CZ     sing N N 30  
ARG NE    HE     sing N N 31  
ARG CZ    NH1    sing N N 32  
ARG CZ    NH2    doub N N 33  
ARG NH1   HH11   sing N N 34  
ARG NH1   HH12   sing N N 35  
ARG NH2   HH21   sing N N 36  
ARG NH2   HH22   sing N N 37  
ARG OXT   HXT    sing N N 38  
ASP N     CA     sing N N 39  
ASP N     H      sing N N 40  
ASP N     H2     sing N N 41  
ASP CA    C      sing N N 42  
ASP CA    CB     sing N N 43  
ASP CA    HA     sing N N 44  
ASP C     O      doub N N 45  
ASP C     OXT    sing N N 46  
ASP CB    CG     sing N N 47  
ASP CB    HB2    sing N N 48  
ASP CB    HB3    sing N N 49  
ASP CG    OD1    doub N N 50  
ASP CG    OD2    sing N N 51  
ASP OD2   HD2    sing N N 52  
ASP OXT   HXT    sing N N 53  
ATP PG    O1G    doub N N 54  
ATP PG    O2G    sing N N 55  
ATP PG    O3G    sing N N 56  
ATP PG    O3B    sing N N 57  
ATP O2G   HOG2   sing N N 58  
ATP O3G   HOG3   sing N N 59  
ATP PB    O1B    doub N N 60  
ATP PB    O2B    sing N N 61  
ATP PB    O3B    sing N N 62  
ATP PB    O3A    sing N N 63  
ATP O2B   HOB2   sing N N 64  
ATP PA    O1A    doub N N 65  
ATP PA    O2A    sing N N 66  
ATP PA    O3A    sing N N 67  
ATP PA    "O5'"  sing N N 68  
ATP O2A   HOA2   sing N N 69  
ATP "O5'" "C5'"  sing N N 70  
ATP "C5'" "C4'"  sing N N 71  
ATP "C5'" "H5'1" sing N N 72  
ATP "C5'" "H5'2" sing N N 73  
ATP "C4'" "O4'"  sing N N 74  
ATP "C4'" "C3'"  sing N N 75  
ATP "C4'" "H4'"  sing N N 76  
ATP "O4'" "C1'"  sing N N 77  
ATP "C3'" "O3'"  sing N N 78  
ATP "C3'" "C2'"  sing N N 79  
ATP "C3'" "H3'"  sing N N 80  
ATP "O3'" "HO3'" sing N N 81  
ATP "C2'" "O2'"  sing N N 82  
ATP "C2'" "C1'"  sing N N 83  
ATP "C2'" "H2'"  sing N N 84  
ATP "O2'" "HO2'" sing N N 85  
ATP "C1'" N9     sing N N 86  
ATP "C1'" "H1'"  sing N N 87  
ATP N9    C8     sing Y N 88  
ATP N9    C4     sing Y N 89  
ATP C8    N7     doub Y N 90  
ATP C8    H8     sing N N 91  
ATP N7    C5     sing Y N 92  
ATP C5    C6     sing Y N 93  
ATP C5    C4     doub Y N 94  
ATP C6    N6     sing N N 95  
ATP C6    N1     doub Y N 96  
ATP N6    HN61   sing N N 97  
ATP N6    HN62   sing N N 98  
ATP N1    C2     sing Y N 99  
ATP C2    N3     doub Y N 100 
ATP C2    H2     sing N N 101 
ATP N3    C4     sing Y N 102 
CYS N     CA     sing N N 103 
CYS N     H      sing N N 104 
CYS N     H2     sing N N 105 
CYS CA    C      sing N N 106 
CYS CA    CB     sing N N 107 
CYS CA    HA     sing N N 108 
CYS C     O      doub N N 109 
CYS C     OXT    sing N N 110 
CYS CB    SG     sing N N 111 
CYS CB    HB2    sing N N 112 
CYS CB    HB3    sing N N 113 
CYS SG    HG     sing N N 114 
CYS OXT   HXT    sing N N 115 
GLN N     CA     sing N N 116 
GLN N     H      sing N N 117 
GLN N     H2     sing N N 118 
GLN CA    C      sing N N 119 
GLN CA    CB     sing N N 120 
GLN CA    HA     sing N N 121 
GLN C     O      doub N N 122 
GLN C     OXT    sing N N 123 
GLN CB    CG     sing N N 124 
GLN CB    HB2    sing N N 125 
GLN CB    HB3    sing N N 126 
GLN CG    CD     sing N N 127 
GLN CG    HG2    sing N N 128 
GLN CG    HG3    sing N N 129 
GLN CD    OE1    doub N N 130 
GLN CD    NE2    sing N N 131 
GLN NE2   HE21   sing N N 132 
GLN NE2   HE22   sing N N 133 
GLN OXT   HXT    sing N N 134 
GLU N     CA     sing N N 135 
GLU N     H      sing N N 136 
GLU N     H2     sing N N 137 
GLU CA    C      sing N N 138 
GLU CA    CB     sing N N 139 
GLU CA    HA     sing N N 140 
GLU C     O      doub N N 141 
GLU C     OXT    sing N N 142 
GLU CB    CG     sing N N 143 
GLU CB    HB2    sing N N 144 
GLU CB    HB3    sing N N 145 
GLU CG    CD     sing N N 146 
GLU CG    HG2    sing N N 147 
GLU CG    HG3    sing N N 148 
GLU CD    OE1    doub N N 149 
GLU CD    OE2    sing N N 150 
GLU OE2   HE2    sing N N 151 
GLU OXT   HXT    sing N N 152 
GLY N     CA     sing N N 153 
GLY N     H      sing N N 154 
GLY N     H2     sing N N 155 
GLY CA    C      sing N N 156 
GLY CA    HA2    sing N N 157 
GLY CA    HA3    sing N N 158 
GLY C     O      doub N N 159 
GLY C     OXT    sing N N 160 
GLY OXT   HXT    sing N N 161 
HIS N     CA     sing N N 162 
HIS N     H      sing N N 163 
HIS N     H2     sing N N 164 
HIS CA    C      sing N N 165 
HIS CA    CB     sing N N 166 
HIS CA    HA     sing N N 167 
HIS C     O      doub N N 168 
HIS C     OXT    sing N N 169 
HIS CB    CG     sing N N 170 
HIS CB    HB2    sing N N 171 
HIS CB    HB3    sing N N 172 
HIS CG    ND1    sing Y N 173 
HIS CG    CD2    doub Y N 174 
HIS ND1   CE1    doub Y N 175 
HIS ND1   HD1    sing N N 176 
HIS CD2   NE2    sing Y N 177 
HIS CD2   HD2    sing N N 178 
HIS CE1   NE2    sing Y N 179 
HIS CE1   HE1    sing N N 180 
HIS NE2   HE2    sing N N 181 
HIS OXT   HXT    sing N N 182 
HOH O     H1     sing N N 183 
HOH O     H2     sing N N 184 
ILE N     CA     sing N N 185 
ILE N     H      sing N N 186 
ILE N     H2     sing N N 187 
ILE CA    C      sing N N 188 
ILE CA    CB     sing N N 189 
ILE CA    HA     sing N N 190 
ILE C     O      doub N N 191 
ILE C     OXT    sing N N 192 
ILE CB    CG1    sing N N 193 
ILE CB    CG2    sing N N 194 
ILE CB    HB     sing N N 195 
ILE CG1   CD1    sing N N 196 
ILE CG1   HG12   sing N N 197 
ILE CG1   HG13   sing N N 198 
ILE CG2   HG21   sing N N 199 
ILE CG2   HG22   sing N N 200 
ILE CG2   HG23   sing N N 201 
ILE CD1   HD11   sing N N 202 
ILE CD1   HD12   sing N N 203 
ILE CD1   HD13   sing N N 204 
ILE OXT   HXT    sing N N 205 
LEU N     CA     sing N N 206 
LEU N     H      sing N N 207 
LEU N     H2     sing N N 208 
LEU CA    C      sing N N 209 
LEU CA    CB     sing N N 210 
LEU CA    HA     sing N N 211 
LEU C     O      doub N N 212 
LEU C     OXT    sing N N 213 
LEU CB    CG     sing N N 214 
LEU CB    HB2    sing N N 215 
LEU CB    HB3    sing N N 216 
LEU CG    CD1    sing N N 217 
LEU CG    CD2    sing N N 218 
LEU CG    HG     sing N N 219 
LEU CD1   HD11   sing N N 220 
LEU CD1   HD12   sing N N 221 
LEU CD1   HD13   sing N N 222 
LEU CD2   HD21   sing N N 223 
LEU CD2   HD22   sing N N 224 
LEU CD2   HD23   sing N N 225 
LEU OXT   HXT    sing N N 226 
LYS N     CA     sing N N 227 
LYS N     H      sing N N 228 
LYS N     H2     sing N N 229 
LYS CA    C      sing N N 230 
LYS CA    CB     sing N N 231 
LYS CA    HA     sing N N 232 
LYS C     O      doub N N 233 
LYS C     OXT    sing N N 234 
LYS CB    CG     sing N N 235 
LYS CB    HB2    sing N N 236 
LYS CB    HB3    sing N N 237 
LYS CG    CD     sing N N 238 
LYS CG    HG2    sing N N 239 
LYS CG    HG3    sing N N 240 
LYS CD    CE     sing N N 241 
LYS CD    HD2    sing N N 242 
LYS CD    HD3    sing N N 243 
LYS CE    NZ     sing N N 244 
LYS CE    HE2    sing N N 245 
LYS CE    HE3    sing N N 246 
LYS NZ    HZ1    sing N N 247 
LYS NZ    HZ2    sing N N 248 
LYS NZ    HZ3    sing N N 249 
LYS OXT   HXT    sing N N 250 
MET N     CA     sing N N 251 
MET N     H      sing N N 252 
MET N     H2     sing N N 253 
MET CA    C      sing N N 254 
MET CA    CB     sing N N 255 
MET CA    HA     sing N N 256 
MET C     O      doub N N 257 
MET C     OXT    sing N N 258 
MET CB    CG     sing N N 259 
MET CB    HB2    sing N N 260 
MET CB    HB3    sing N N 261 
MET CG    SD     sing N N 262 
MET CG    HG2    sing N N 263 
MET CG    HG3    sing N N 264 
MET SD    CE     sing N N 265 
MET CE    HE1    sing N N 266 
MET CE    HE2    sing N N 267 
MET CE    HE3    sing N N 268 
MET OXT   HXT    sing N N 269 
PHE N     CA     sing N N 270 
PHE N     H      sing N N 271 
PHE N     H2     sing N N 272 
PHE CA    C      sing N N 273 
PHE CA    CB     sing N N 274 
PHE CA    HA     sing N N 275 
PHE C     O      doub N N 276 
PHE C     OXT    sing N N 277 
PHE CB    CG     sing N N 278 
PHE CB    HB2    sing N N 279 
PHE CB    HB3    sing N N 280 
PHE CG    CD1    doub Y N 281 
PHE CG    CD2    sing Y N 282 
PHE CD1   CE1    sing Y N 283 
PHE CD1   HD1    sing N N 284 
PHE CD2   CE2    doub Y N 285 
PHE CD2   HD2    sing N N 286 
PHE CE1   CZ     doub Y N 287 
PHE CE1   HE1    sing N N 288 
PHE CE2   CZ     sing Y N 289 
PHE CE2   HE2    sing N N 290 
PHE CZ    HZ     sing N N 291 
PHE OXT   HXT    sing N N 292 
PRO N     CA     sing N N 293 
PRO N     CD     sing N N 294 
PRO N     H      sing N N 295 
PRO CA    C      sing N N 296 
PRO CA    CB     sing N N 297 
PRO CA    HA     sing N N 298 
PRO C     O      doub N N 299 
PRO C     OXT    sing N N 300 
PRO CB    CG     sing N N 301 
PRO CB    HB2    sing N N 302 
PRO CB    HB3    sing N N 303 
PRO CG    CD     sing N N 304 
PRO CG    HG2    sing N N 305 
PRO CG    HG3    sing N N 306 
PRO CD    HD2    sing N N 307 
PRO CD    HD3    sing N N 308 
PRO OXT   HXT    sing N N 309 
SER N     CA     sing N N 310 
SER N     H      sing N N 311 
SER N     H2     sing N N 312 
SER CA    C      sing N N 313 
SER CA    CB     sing N N 314 
SER CA    HA     sing N N 315 
SER C     O      doub N N 316 
SER C     OXT    sing N N 317 
SER CB    OG     sing N N 318 
SER CB    HB2    sing N N 319 
SER CB    HB3    sing N N 320 
SER OG    HG     sing N N 321 
SER OXT   HXT    sing N N 322 
THR N     CA     sing N N 323 
THR N     H      sing N N 324 
THR N     H2     sing N N 325 
THR CA    C      sing N N 326 
THR CA    CB     sing N N 327 
THR CA    HA     sing N N 328 
THR C     O      doub N N 329 
THR C     OXT    sing N N 330 
THR CB    OG1    sing N N 331 
THR CB    CG2    sing N N 332 
THR CB    HB     sing N N 333 
THR OG1   HG1    sing N N 334 
THR CG2   HG21   sing N N 335 
THR CG2   HG22   sing N N 336 
THR CG2   HG23   sing N N 337 
THR OXT   HXT    sing N N 338 
TYR N     CA     sing N N 339 
TYR N     H      sing N N 340 
TYR N     H2     sing N N 341 
TYR CA    C      sing N N 342 
TYR CA    CB     sing N N 343 
TYR CA    HA     sing N N 344 
TYR C     O      doub N N 345 
TYR C     OXT    sing N N 346 
TYR CB    CG     sing N N 347 
TYR CB    HB2    sing N N 348 
TYR CB    HB3    sing N N 349 
TYR CG    CD1    doub Y N 350 
TYR CG    CD2    sing Y N 351 
TYR CD1   CE1    sing Y N 352 
TYR CD1   HD1    sing N N 353 
TYR CD2   CE2    doub Y N 354 
TYR CD2   HD2    sing N N 355 
TYR CE1   CZ     doub Y N 356 
TYR CE1   HE1    sing N N 357 
TYR CE2   CZ     sing Y N 358 
TYR CE2   HE2    sing N N 359 
TYR CZ    OH     sing N N 360 
TYR OH    HH     sing N N 361 
TYR OXT   HXT    sing N N 362 
VAL N     CA     sing N N 363 
VAL N     H      sing N N 364 
VAL N     H2     sing N N 365 
VAL CA    C      sing N N 366 
VAL CA    CB     sing N N 367 
VAL CA    HA     sing N N 368 
VAL C     O      doub N N 369 
VAL C     OXT    sing N N 370 
VAL CB    CG1    sing N N 371 
VAL CB    CG2    sing N N 372 
VAL CB    HB     sing N N 373 
VAL CG1   HG11   sing N N 374 
VAL CG1   HG12   sing N N 375 
VAL CG1   HG13   sing N N 376 
VAL CG2   HG21   sing N N 377 
VAL CG2   HG22   sing N N 378 
VAL CG2   HG23   sing N N 379 
VAL OXT   HXT    sing N N 380 
# 
loop_
_pdbx_entity_nonpoly.entity_id 
_pdbx_entity_nonpoly.name 
_pdbx_entity_nonpoly.comp_id 
2 'MAGNESIUM ION'             MG  
3 "ADENOSINE-5'-TRIPHOSPHATE" ATP 
4 water                       HOH 
# 
_pdbx_initial_refinement_model.id               1 
_pdbx_initial_refinement_model.entity_id_list   ? 
_pdbx_initial_refinement_model.type             'experimental model' 
_pdbx_initial_refinement_model.source_name      PDB 
_pdbx_initial_refinement_model.accession_code   1WJG 
_pdbx_initial_refinement_model.details          ? 
# 
